data_1LD4
#
_entry.id   1LD4
#
_cell.length_a   1.0
_cell.length_b   1.0
_cell.length_c   1.0
_cell.angle_alpha   90.0
_cell.angle_beta   90.0
_cell.angle_gamma   90.0
#
_symmetry.space_group_name_H-M   'P 1'
#
loop_
_entity.id
_entity.type
_entity.pdbx_description
1 polymer 'Coat protein C'
2 polymer 'GENERAL CONTROL PROTEIN GCN4'
3 polymer 'Spike glycoprotein E1'
4 non-polymer 'UNKNOWN ATOM OR ION'
#
loop_
_entity_poly.entity_id
_entity_poly.type
_entity_poly.pdbx_seq_one_letter_code
_entity_poly.pdbx_strand_id
1 'polypeptide(L)'
;MNRGFFNMLGRRPFPAPTAMWRPRRRRQAAPMPARNGLASQIQQLTTAVSALVIGQATRPQPPRPRPPPRQKKQAPKQPP
KPKKPKTQEKKKKQPAKPKPGKRQRMALKLEADRLFDVKNEDGDVIGHALAMEGKVMKPLHVKGTIDHPVLSKLKFTKSS
AYDMEFAQLPVNMRSEAFTYTSEHPEGFYNWHHGAVQYSGGRFTIPRGVGGRGDSGRPIMDNSGRVVAIVLGGADEGTRT
ALSVVTWNSKGKTIKTTPEGTEEW
;
A,B,C,D
2 'polypeptide(L)' SDPAALKRARNTEAARRSRARKLQRMKQLEDKVEELLSKNYHLENEVARLKKLVGER E,F,G,H,I,J,K,L
3 'polypeptide(L)'
;YEHATTVPNVPQIPYKALVERAGYAPLNLEITVMSSEVLPSTNQEYITCKFTTVVPSPKIKCCGSLECQPAAHADYTCKV
FGGVYPFMWGGAQCFCDSENSQMSEAYVELSADCASDHAQAIKVHTAAMKVGLRIVYGNTTSFLDVYVNGVTPGTSKDLK
VIAGPISASFTPFDHKVVIHRGLVYNYDFPEYGAMKPGAFGDIQATSLTSKDLIASTDIRLLKPSAKNVHVPYTQASSGF
EMWKNNSGRPLQETAPFGCKIAVNPLRAVDCSYGNIPISIDIPNAAFIRTSDAPLVSTVKCEVSECTYSADFGGMATLQY
VSDREGQCPVHSHSSTATLQESTVHVLEKGAVTVHFSTASPQANFIVSLCGKKTTCNAECKPPADHIVSTPHKNDQEFQA
AISKTSWSWLFALFGGASSLLIIGLMIFACSMMLTSTRR
;
M,N,O,P
#
# COMPACT_ATOMS: atom_id res chain seq x y z
N ARG A 114 -51.89 -54.47 48.30
CA ARG A 114 -52.20 -53.23 47.58
C ARG A 114 -50.93 -52.69 46.97
N LEU A 115 -49.84 -53.41 47.19
CA LEU A 115 -48.52 -53.04 46.69
C LEU A 115 -48.08 -54.29 46.01
N PHE A 116 -47.51 -54.12 44.82
CA PHE A 116 -47.05 -55.20 43.99
C PHE A 116 -45.64 -54.93 43.54
N ASP A 117 -44.87 -55.99 43.38
CA ASP A 117 -43.48 -55.89 42.91
C ASP A 117 -43.38 -55.61 41.42
N VAL A 118 -42.37 -54.84 41.04
CA VAL A 118 -42.09 -54.61 39.65
C VAL A 118 -40.74 -55.32 39.51
N LYS A 119 -40.68 -56.35 38.66
CA LYS A 119 -39.47 -57.15 38.46
C LYS A 119 -38.73 -56.89 37.16
N ASN A 120 -37.40 -57.05 37.21
CA ASN A 120 -36.58 -56.87 36.03
C ASN A 120 -36.62 -58.19 35.26
N GLU A 121 -35.89 -58.31 34.15
CA GLU A 121 -35.91 -59.57 33.39
C GLU A 121 -35.31 -60.72 34.18
N ASP A 122 -34.49 -60.38 35.17
CA ASP A 122 -33.83 -61.39 35.99
C ASP A 122 -34.70 -61.74 37.19
N GLY A 123 -35.91 -61.20 37.23
CA GLY A 123 -36.80 -61.49 38.33
C GLY A 123 -36.61 -60.67 39.59
N ASP A 124 -35.56 -59.87 39.65
CA ASP A 124 -35.29 -59.06 40.83
C ASP A 124 -36.24 -57.87 40.95
N VAL A 125 -36.60 -57.52 42.19
CA VAL A 125 -37.50 -56.42 42.48
C VAL A 125 -36.78 -55.08 42.37
N ILE A 126 -37.18 -54.29 41.38
CA ILE A 126 -36.58 -52.98 41.12
C ILE A 126 -37.53 -51.81 41.43
N GLY A 127 -38.69 -52.11 42.00
CA GLY A 127 -39.65 -51.08 42.30
C GLY A 127 -41.00 -51.65 42.66
N HIS A 128 -41.98 -50.77 42.89
CA HIS A 128 -43.32 -51.16 43.29
C HIS A 128 -44.45 -50.37 42.61
N ALA A 129 -45.59 -51.03 42.51
CA ALA A 129 -46.81 -50.50 41.94
C ALA A 129 -47.77 -50.49 43.11
N LEU A 130 -48.73 -49.59 43.08
CA LEU A 130 -49.66 -49.38 44.17
C LEU A 130 -51.09 -49.25 43.70
N ALA A 131 -52.01 -49.87 44.44
CA ALA A 131 -53.44 -49.82 44.12
C ALA A 131 -53.93 -48.74 45.04
N MET A 132 -54.34 -47.62 44.48
CA MET A 132 -54.80 -46.49 45.29
C MET A 132 -55.77 -45.64 44.49
N GLU A 133 -56.83 -45.18 45.16
CA GLU A 133 -57.85 -44.34 44.53
C GLU A 133 -58.36 -44.78 43.15
N GLY A 134 -58.67 -46.07 43.00
CA GLY A 134 -59.19 -46.55 41.75
C GLY A 134 -58.21 -46.95 40.68
N LYS A 135 -56.92 -46.76 40.93
CA LYS A 135 -55.95 -47.15 39.93
C LYS A 135 -54.64 -47.76 40.42
N VAL A 136 -53.95 -48.40 39.48
CA VAL A 136 -52.66 -48.98 39.73
C VAL A 136 -51.71 -47.85 39.30
N MET A 137 -50.67 -47.60 40.06
CA MET A 137 -49.75 -46.56 39.66
C MET A 137 -48.36 -46.98 40.07
N LYS A 138 -47.38 -46.59 39.26
CA LYS A 138 -45.98 -46.92 39.53
C LYS A 138 -45.13 -45.79 38.96
N PRO A 139 -43.91 -45.64 39.50
CA PRO A 139 -43.01 -44.59 39.01
C PRO A 139 -42.60 -45.00 37.59
N LEU A 140 -42.58 -44.06 36.66
CA LEU A 140 -42.24 -44.38 35.29
C LEU A 140 -40.78 -44.84 35.10
N HIS A 141 -39.88 -44.30 35.92
CA HIS A 141 -38.49 -44.67 35.77
C HIS A 141 -38.19 -46.13 36.13
N VAL A 142 -39.13 -46.78 36.79
CA VAL A 142 -38.98 -48.18 37.17
C VAL A 142 -39.40 -49.02 35.96
N LYS A 143 -38.43 -49.45 35.16
CA LYS A 143 -38.71 -50.22 33.94
C LYS A 143 -38.71 -51.74 34.16
N GLY A 144 -39.89 -52.29 34.39
CA GLY A 144 -40.01 -53.72 34.63
C GLY A 144 -41.45 -54.21 34.51
N THR A 145 -41.72 -55.43 34.98
CA THR A 145 -43.04 -56.02 34.90
C THR A 145 -43.68 -56.13 36.25
N ILE A 146 -44.95 -55.76 36.32
CA ILE A 146 -45.69 -55.84 37.57
C ILE A 146 -45.97 -57.32 37.85
N ASP A 147 -45.51 -57.77 39.01
CA ASP A 147 -45.67 -59.15 39.46
C ASP A 147 -47.15 -59.48 39.77
N HIS A 148 -47.96 -59.53 38.73
CA HIS A 148 -49.38 -59.84 38.90
C HIS A 148 -49.98 -60.22 37.55
N PRO A 149 -50.74 -61.34 37.50
CA PRO A 149 -51.36 -61.80 36.24
C PRO A 149 -52.27 -60.78 35.54
N VAL A 150 -53.06 -60.02 36.30
CA VAL A 150 -53.96 -59.04 35.69
C VAL A 150 -53.28 -57.72 35.38
N LEU A 151 -52.72 -57.09 36.42
CA LEU A 151 -52.07 -55.78 36.30
C LEU A 151 -50.96 -55.72 35.26
N SER A 152 -50.32 -56.86 34.98
CA SER A 152 -49.27 -56.86 33.97
C SER A 152 -49.82 -56.73 32.54
N LYS A 153 -51.12 -57.02 32.37
CA LYS A 153 -51.74 -56.95 31.06
C LYS A 153 -52.50 -55.66 30.77
N LEU A 154 -52.39 -54.68 31.66
CA LEU A 154 -53.07 -53.40 31.49
C LEU A 154 -52.17 -52.45 30.71
N LYS A 155 -52.76 -51.54 29.95
CA LYS A 155 -51.95 -50.57 29.20
C LYS A 155 -51.92 -49.30 30.04
N PHE A 156 -50.71 -48.85 30.36
CA PHE A 156 -50.54 -47.68 31.19
C PHE A 156 -50.46 -46.36 30.44
N THR A 157 -50.92 -45.32 31.12
CA THR A 157 -50.91 -43.96 30.62
C THR A 157 -49.86 -43.21 31.43
N LYS A 158 -48.87 -42.65 30.74
CA LYS A 158 -47.79 -41.90 31.36
C LYS A 158 -48.19 -40.51 31.88
N SER A 159 -47.62 -40.13 33.01
CA SER A 159 -47.85 -38.82 33.61
C SER A 159 -46.42 -38.37 33.91
N SER A 160 -45.66 -38.30 32.81
CA SER A 160 -44.25 -37.94 32.75
C SER A 160 -43.73 -36.81 33.62
N ALA A 161 -44.49 -35.70 33.69
CA ALA A 161 -44.06 -34.56 34.50
C ALA A 161 -43.93 -34.95 35.97
N TYR A 162 -44.60 -36.05 36.34
CA TYR A 162 -44.60 -36.54 37.71
C TYR A 162 -43.89 -37.87 37.90
N ASP A 163 -43.21 -38.33 36.86
CA ASP A 163 -42.49 -39.62 36.88
C ASP A 163 -43.43 -40.75 37.31
N MET A 164 -44.69 -40.67 36.89
CA MET A 164 -45.66 -41.70 37.22
C MET A 164 -46.27 -42.28 35.96
N GLU A 165 -46.87 -43.46 36.12
CA GLU A 165 -47.53 -44.23 35.07
C GLU A 165 -48.74 -44.88 35.75
N PHE A 166 -49.93 -44.80 35.14
CA PHE A 166 -51.14 -45.37 35.78
C PHE A 166 -52.11 -46.14 34.87
N ALA A 167 -52.96 -46.94 35.50
CA ALA A 167 -53.96 -47.73 34.80
C ALA A 167 -55.14 -47.90 35.77
N GLN A 168 -56.35 -48.07 35.23
CA GLN A 168 -57.52 -48.26 36.06
C GLN A 168 -57.47 -49.65 36.67
N LEU A 169 -57.81 -49.73 37.95
CA LEU A 169 -57.82 -51.01 38.65
C LEU A 169 -58.99 -51.87 38.23
N PRO A 170 -58.77 -53.18 38.11
CA PRO A 170 -59.90 -54.04 37.73
C PRO A 170 -60.98 -53.90 38.83
N VAL A 171 -62.23 -54.20 38.51
CA VAL A 171 -63.32 -54.05 39.49
C VAL A 171 -63.06 -54.70 40.86
N ASN A 172 -62.51 -55.91 40.87
CA ASN A 172 -62.24 -56.61 42.14
C ASN A 172 -61.20 -55.95 43.06
N MET A 173 -60.27 -55.21 42.49
CA MET A 173 -59.25 -54.54 43.29
C MET A 173 -59.60 -53.16 43.81
N ARG A 174 -60.65 -52.58 43.24
CA ARG A 174 -61.08 -51.24 43.64
C ARG A 174 -61.56 -51.16 45.05
N SER A 175 -61.98 -52.31 45.59
CA SER A 175 -62.53 -52.41 46.94
C SER A 175 -61.59 -51.91 48.03
N GLU A 176 -60.52 -52.65 48.28
CA GLU A 176 -59.59 -52.26 49.32
C GLU A 176 -58.35 -51.49 48.89
N ALA A 177 -58.47 -50.75 47.79
CA ALA A 177 -57.34 -49.96 47.31
C ALA A 177 -57.00 -48.92 48.38
N PHE A 178 -55.76 -48.42 48.40
CA PHE A 178 -55.38 -47.43 49.40
C PHE A 178 -56.15 -46.15 49.25
N THR A 179 -56.36 -45.46 50.37
CA THR A 179 -57.03 -44.18 50.39
C THR A 179 -55.93 -43.10 50.49
N TYR A 180 -56.01 -42.04 49.71
CA TYR A 180 -55.03 -40.97 49.76
C TYR A 180 -55.57 -39.75 50.51
N THR A 181 -54.70 -39.06 51.25
CA THR A 181 -55.09 -37.83 51.93
C THR A 181 -54.01 -36.75 51.73
N SER A 182 -54.45 -35.54 51.39
CA SER A 182 -53.58 -34.41 51.19
C SER A 182 -53.33 -33.73 52.53
N GLU A 183 -54.09 -34.10 53.55
CA GLU A 183 -53.90 -33.51 54.86
C GLU A 183 -52.86 -34.35 55.60
N HIS A 184 -51.68 -33.77 55.75
CA HIS A 184 -50.58 -34.43 56.42
C HIS A 184 -49.63 -33.40 57.03
N PRO A 185 -50.00 -32.87 58.22
CA PRO A 185 -49.23 -31.87 58.95
C PRO A 185 -47.86 -32.39 59.41
N GLU A 186 -47.00 -31.46 59.82
CA GLU A 186 -45.66 -31.83 60.27
C GLU A 186 -45.72 -32.87 61.34
N GLY A 187 -44.76 -33.78 61.32
CA GLY A 187 -44.73 -34.83 62.30
C GLY A 187 -44.07 -36.08 61.77
N PHE A 188 -44.43 -37.21 62.37
CA PHE A 188 -43.85 -38.48 62.00
C PHE A 188 -44.83 -39.41 61.31
N TYR A 189 -44.37 -39.91 60.19
CA TYR A 189 -45.11 -40.83 59.36
C TYR A 189 -44.33 -42.15 59.35
N ASN A 190 -44.75 -43.10 58.51
CA ASN A 190 -44.07 -44.38 58.44
C ASN A 190 -44.12 -44.95 57.04
N TRP A 191 -43.13 -45.78 56.72
CA TRP A 191 -43.09 -46.46 55.45
C TRP A 191 -42.45 -47.78 55.77
N HIS A 192 -42.28 -48.60 54.77
CA HIS A 192 -41.73 -49.92 54.97
C HIS A 192 -40.47 -50.03 55.82
N HIS A 193 -39.54 -49.06 55.71
CA HIS A 193 -38.27 -49.11 56.44
C HIS A 193 -38.15 -48.37 57.77
N GLY A 194 -39.25 -47.83 58.27
CA GLY A 194 -39.19 -47.14 59.54
C GLY A 194 -39.95 -45.83 59.58
N ALA A 195 -39.56 -45.00 60.55
CA ALA A 195 -40.18 -43.70 60.76
C ALA A 195 -39.76 -42.76 59.68
N VAL A 196 -40.67 -41.85 59.33
CA VAL A 196 -40.41 -40.85 58.30
C VAL A 196 -40.82 -39.54 58.96
N GLN A 197 -39.98 -38.53 58.82
CA GLN A 197 -40.28 -37.23 59.39
C GLN A 197 -40.72 -36.32 58.27
N TYR A 198 -41.75 -35.52 58.55
CA TYR A 198 -42.24 -34.56 57.59
C TYR A 198 -42.15 -33.20 58.26
N SER A 199 -41.31 -32.32 57.73
CA SER A 199 -41.11 -30.99 58.30
C SER A 199 -40.62 -30.03 57.23
N GLY A 200 -41.05 -28.77 57.32
CA GLY A 200 -40.64 -27.77 56.34
C GLY A 200 -40.94 -28.24 54.93
N GLY A 201 -42.08 -28.90 54.76
CA GLY A 201 -42.47 -29.41 53.45
C GLY A 201 -41.64 -30.57 52.90
N ARG A 202 -40.83 -31.21 53.74
CA ARG A 202 -40.00 -32.31 53.27
C ARG A 202 -40.10 -33.57 54.12
N PHE A 203 -40.09 -34.72 53.44
CA PHE A 203 -40.12 -36.03 54.09
C PHE A 203 -38.67 -36.53 54.17
N THR A 204 -38.16 -36.75 55.37
CA THR A 204 -36.79 -37.24 55.56
C THR A 204 -36.77 -38.55 56.33
N ILE A 205 -35.75 -39.34 56.03
CA ILE A 205 -35.54 -40.63 56.68
C ILE A 205 -34.03 -40.65 57.05
N PRO A 206 -33.64 -41.61 57.91
CA PRO A 206 -32.23 -41.71 58.30
C PRO A 206 -31.38 -42.08 57.08
N ARG A 207 -30.10 -41.69 57.11
CA ARG A 207 -29.18 -41.99 55.99
C ARG A 207 -28.87 -43.48 55.99
N GLY A 208 -28.72 -44.05 54.81
CA GLY A 208 -28.40 -45.45 54.69
C GLY A 208 -29.55 -46.41 54.95
N VAL A 209 -30.77 -45.94 54.79
CA VAL A 209 -31.94 -46.76 55.05
C VAL A 209 -32.72 -47.09 53.76
N GLY A 210 -32.90 -46.09 52.89
CA GLY A 210 -33.64 -46.32 51.66
C GLY A 210 -32.74 -46.42 50.44
N GLY A 211 -33.15 -47.21 49.45
CA GLY A 211 -32.35 -47.36 48.26
C GLY A 211 -33.03 -48.09 47.11
N ARG A 212 -32.21 -48.78 46.30
CA ARG A 212 -32.68 -49.51 45.15
C ARG A 212 -33.86 -50.42 45.44
N GLY A 213 -34.89 -50.28 44.64
CA GLY A 213 -36.08 -51.08 44.79
C GLY A 213 -37.19 -50.44 45.57
N ASP A 214 -36.87 -49.37 46.29
CA ASP A 214 -37.84 -48.67 47.13
C ASP A 214 -38.74 -47.68 46.41
N SER A 215 -38.49 -47.42 45.13
CA SER A 215 -39.34 -46.48 44.41
C SER A 215 -40.71 -47.15 44.17
N GLY A 216 -41.77 -46.43 44.54
CA GLY A 216 -43.11 -46.96 44.39
C GLY A 216 -43.78 -47.17 45.73
N ARG A 217 -42.97 -47.24 46.79
CA ARG A 217 -43.46 -47.46 48.15
C ARG A 217 -44.17 -46.24 48.66
N PRO A 218 -45.28 -46.44 49.41
CA PRO A 218 -46.05 -45.31 49.98
C PRO A 218 -45.55 -44.84 51.35
N ILE A 219 -45.87 -43.60 51.68
CA ILE A 219 -45.56 -43.08 53.00
C ILE A 219 -46.95 -43.08 53.60
N MET A 220 -47.10 -43.70 54.75
CA MET A 220 -48.37 -43.85 55.45
C MET A 220 -48.48 -43.01 56.68
N ASP A 221 -49.71 -42.68 57.03
CA ASP A 221 -49.99 -41.91 58.23
C ASP A 221 -50.55 -42.89 59.31
N ASN A 222 -50.86 -42.37 60.49
CA ASN A 222 -51.38 -43.21 61.59
C ASN A 222 -52.74 -43.82 61.40
N SER A 223 -53.42 -43.56 60.27
CA SER A 223 -54.72 -44.16 60.04
C SER A 223 -54.75 -45.11 58.86
N GLY A 224 -53.58 -45.48 58.34
CA GLY A 224 -53.55 -46.39 57.20
C GLY A 224 -53.82 -45.75 55.85
N ARG A 225 -53.74 -44.42 55.78
CA ARG A 225 -53.95 -43.66 54.54
C ARG A 225 -52.58 -43.31 53.95
N VAL A 226 -52.55 -43.16 52.62
CA VAL A 226 -51.33 -42.81 51.90
C VAL A 226 -51.17 -41.29 51.80
N VAL A 227 -49.98 -40.84 52.18
CA VAL A 227 -49.61 -39.43 52.24
C VAL A 227 -48.64 -38.99 51.12
N ALA A 228 -47.97 -39.95 50.50
CA ALA A 228 -47.01 -39.64 49.47
C ALA A 228 -46.48 -40.93 48.87
N ILE A 229 -45.87 -40.80 47.70
CA ILE A 229 -45.25 -41.91 47.01
C ILE A 229 -43.76 -41.55 46.80
N VAL A 230 -42.88 -42.43 47.27
CA VAL A 230 -41.42 -42.30 47.15
C VAL A 230 -40.91 -42.61 45.72
N LEU A 231 -40.15 -41.68 45.16
CA LEU A 231 -39.59 -41.82 43.82
C LEU A 231 -38.11 -42.09 43.93
N GLY A 232 -37.51 -41.57 45.00
CA GLY A 232 -36.09 -41.74 45.26
C GLY A 232 -35.69 -40.85 46.42
N GLY A 233 -34.42 -40.54 46.54
CA GLY A 233 -33.98 -39.72 47.64
C GLY A 233 -32.66 -39.02 47.43
N ALA A 234 -32.37 -38.06 48.30
CA ALA A 234 -31.17 -37.27 48.24
C ALA A 234 -30.43 -37.39 49.58
N ASP A 235 -29.35 -38.15 49.53
CA ASP A 235 -28.46 -38.35 50.65
C ASP A 235 -27.84 -36.96 50.95
N GLU A 236 -28.23 -36.38 52.09
CA GLU A 236 -27.73 -35.08 52.49
C GLU A 236 -26.76 -35.25 53.65
N GLY A 237 -25.94 -36.30 53.56
CA GLY A 237 -24.97 -36.57 54.60
C GLY A 237 -25.56 -37.05 55.91
N THR A 238 -26.30 -36.19 56.60
CA THR A 238 -26.88 -36.57 57.88
C THR A 238 -28.22 -37.30 57.77
N ARG A 239 -29.07 -36.82 56.88
CA ARG A 239 -30.39 -37.42 56.65
C ARG A 239 -30.57 -37.57 55.16
N THR A 240 -31.57 -38.36 54.78
CA THR A 240 -31.89 -38.57 53.37
C THR A 240 -33.26 -37.91 53.08
N ALA A 241 -33.24 -36.91 52.19
CA ALA A 241 -34.46 -36.21 51.80
C ALA A 241 -35.12 -36.96 50.65
N LEU A 242 -36.43 -37.16 50.72
CA LEU A 242 -37.10 -37.94 49.69
C LEU A 242 -37.73 -37.14 48.56
N SER A 243 -37.70 -37.74 47.37
CA SER A 243 -38.34 -37.18 46.19
C SER A 243 -39.69 -37.91 46.23
N VAL A 244 -40.78 -37.16 46.27
CA VAL A 244 -42.10 -37.75 46.42
C VAL A 244 -43.20 -37.21 45.52
N VAL A 245 -44.22 -38.03 45.30
CA VAL A 245 -45.38 -37.60 44.52
C VAL A 245 -46.48 -37.45 45.55
N THR A 246 -47.16 -36.32 45.52
CA THR A 246 -48.28 -36.05 46.43
C THR A 246 -49.38 -35.42 45.58
N TRP A 247 -50.49 -35.11 46.22
CA TRP A 247 -51.65 -34.47 45.62
C TRP A 247 -52.15 -33.41 46.58
N ASN A 248 -52.65 -32.29 46.05
CA ASN A 248 -53.18 -31.26 46.96
C ASN A 248 -54.67 -31.45 47.24
N SER A 249 -55.30 -30.50 47.94
CA SER A 249 -56.71 -30.63 48.28
C SER A 249 -57.62 -30.85 47.09
N LYS A 250 -57.30 -30.19 45.98
CA LYS A 250 -58.10 -30.31 44.76
C LYS A 250 -57.78 -31.57 43.98
N GLY A 251 -56.81 -32.34 44.45
CA GLY A 251 -56.45 -33.57 43.78
C GLY A 251 -55.46 -33.39 42.65
N LYS A 252 -54.77 -32.25 42.66
CA LYS A 252 -53.75 -31.97 41.64
C LYS A 252 -52.41 -32.64 42.00
N THR A 253 -51.80 -33.27 41.00
CA THR A 253 -50.52 -33.95 41.18
C THR A 253 -49.38 -32.95 41.43
N ILE A 254 -48.48 -33.32 42.34
CA ILE A 254 -47.32 -32.52 42.70
C ILE A 254 -46.14 -33.48 42.78
N LYS A 255 -44.97 -33.04 42.34
CA LYS A 255 -43.76 -33.84 42.41
C LYS A 255 -42.70 -32.95 43.05
N THR A 256 -42.22 -33.35 44.22
CA THR A 256 -41.21 -32.57 44.92
C THR A 256 -39.89 -33.32 44.88
N THR A 257 -38.85 -32.66 44.40
CA THR A 257 -37.54 -33.29 44.29
C THR A 257 -36.39 -32.49 44.88
N PRO A 258 -35.73 -33.02 45.93
CA PRO A 258 -34.61 -32.33 46.57
C PRO A 258 -33.39 -32.38 45.64
N GLU A 259 -32.48 -31.40 45.74
CA GLU A 259 -31.27 -31.43 44.92
C GLU A 259 -30.44 -32.62 45.39
N GLY A 260 -29.81 -33.32 44.47
CA GLY A 260 -28.99 -34.45 44.87
C GLY A 260 -29.80 -35.73 44.85
N THR A 261 -31.04 -35.64 44.38
CA THR A 261 -31.90 -36.81 44.33
C THR A 261 -31.44 -37.82 43.30
N GLU A 262 -31.46 -39.06 43.73
CA GLU A 262 -31.09 -40.18 42.90
C GLU A 262 -32.37 -41.04 42.82
N GLU A 263 -32.88 -41.27 41.63
CA GLU A 263 -34.09 -42.07 41.44
C GLU A 263 -33.74 -43.52 41.68
N TRP A 264 -34.14 -44.03 42.84
CA TRP A 264 -33.84 -45.40 43.23
C TRP A 264 -34.18 -46.46 42.16
N ARG B 114 6.17 -45.56 58.57
CA ARG B 114 6.71 -46.02 57.28
C ARG B 114 5.64 -45.92 56.22
N LEU B 115 4.47 -45.45 56.64
CA LEU B 115 3.32 -45.29 55.77
C LEU B 115 2.93 -43.88 56.03
N PHE B 116 2.61 -43.17 54.96
CA PHE B 116 2.24 -41.77 54.98
C PHE B 116 0.99 -41.56 54.18
N ASP B 117 0.17 -40.61 54.63
CA ASP B 117 -1.07 -40.26 53.96
C ASP B 117 -0.84 -39.47 52.67
N VAL B 118 -1.70 -39.70 51.69
CA VAL B 118 -1.67 -38.92 50.47
C VAL B 118 -3.02 -38.20 50.58
N LYS B 119 -2.98 -36.87 50.64
CA LYS B 119 -4.19 -36.05 50.79
C LYS B 119 -4.64 -35.31 49.54
N ASN B 120 -5.95 -35.13 49.41
CA ASN B 120 -6.49 -34.41 48.28
C ASN B 120 -6.41 -32.91 48.62
N GLU B 121 -6.91 -32.03 47.75
CA GLU B 121 -6.83 -30.60 48.06
C GLU B 121 -7.68 -30.23 49.28
N ASP B 122 -8.65 -31.07 49.59
CA ASP B 122 -9.53 -30.82 50.71
C ASP B 122 -8.96 -31.43 52.00
N GLY B 123 -7.74 -31.95 51.90
CA GLY B 123 -7.10 -32.54 53.06
C GLY B 123 -7.49 -33.97 53.38
N ASP B 124 -8.46 -34.52 52.67
CA ASP B 124 -8.90 -35.88 52.92
C ASP B 124 -7.90 -36.93 52.41
N VAL B 125 -7.77 -38.03 53.14
CA VAL B 125 -6.87 -39.12 52.79
C VAL B 125 -7.44 -39.98 51.67
N ILE B 126 -6.79 -39.94 50.52
CA ILE B 126 -7.23 -40.68 49.34
C ILE B 126 -6.27 -41.82 48.97
N GLY B 127 -5.28 -42.08 49.81
CA GLY B 127 -4.32 -43.13 49.53
C GLY B 127 -3.11 -43.04 50.44
N HIS B 128 -2.13 -43.92 50.21
CA HIS B 128 -0.93 -44.01 51.04
C HIS B 128 0.36 -44.23 50.25
N ALA B 129 1.45 -43.76 50.85
CA ALA B 129 2.79 -43.86 50.32
C ALA B 129 3.50 -44.73 51.36
N LEU B 130 4.51 -45.45 50.92
CA LEU B 130 5.22 -46.41 51.76
C LEU B 130 6.72 -46.31 51.62
N ALA B 131 7.42 -46.40 52.75
CA ALA B 131 8.88 -46.35 52.77
C ALA B 131 9.27 -47.80 52.81
N MET B 132 9.87 -48.29 51.74
CA MET B 132 10.24 -49.70 51.66
C MET B 132 11.41 -49.87 50.72
N GLU B 133 12.34 -50.73 51.10
CA GLU B 133 13.54 -51.03 50.30
C GLU B 133 14.27 -49.81 49.70
N GLY B 134 14.50 -48.79 50.52
CA GLY B 134 15.23 -47.63 50.04
C GLY B 134 14.45 -46.54 49.35
N LYS B 135 13.16 -46.76 49.13
CA LYS B 135 12.39 -45.72 48.49
C LYS B 135 10.96 -45.50 48.98
N VAL B 136 10.43 -44.35 48.59
CA VAL B 136 9.06 -43.97 48.90
C VAL B 136 8.32 -44.45 47.65
N MET B 137 7.16 -45.06 47.82
CA MET B 137 6.43 -45.49 46.66
C MET B 137 4.96 -45.35 46.95
N LYS B 138 4.19 -45.01 45.92
CA LYS B 138 2.76 -44.85 46.04
C LYS B 138 2.12 -45.25 44.72
N PRO B 139 0.84 -45.61 44.75
CA PRO B 139 0.15 -46.00 43.52
C PRO B 139 -0.01 -44.71 42.69
N LEU B 140 0.24 -44.78 41.40
CA LEU B 140 0.15 -43.60 40.55
C LEU B 140 -1.27 -43.03 40.43
N HIS B 141 -2.28 -43.89 40.48
CA HIS B 141 -3.64 -43.41 40.34
C HIS B 141 -4.12 -42.55 41.51
N VAL B 142 -3.38 -42.59 42.60
CA VAL B 142 -3.71 -41.80 43.79
C VAL B 142 -3.12 -40.39 43.56
N LYS B 143 -3.94 -39.46 43.08
CA LYS B 143 -3.49 -38.11 42.77
C LYS B 143 -3.65 -37.13 43.93
N GLY B 144 -2.58 -36.96 44.72
CA GLY B 144 -2.63 -36.07 45.87
C GLY B 144 -1.24 -35.74 46.40
N THR B 145 -1.17 -35.17 47.61
CA THR B 145 0.10 -34.78 48.20
C THR B 145 0.44 -35.66 49.36
N ILE B 146 1.70 -36.08 49.43
CA ILE B 146 2.17 -36.91 50.53
C ILE B 146 2.26 -36.02 51.77
N ASP B 147 1.55 -36.42 52.82
CA ASP B 147 1.51 -35.72 54.08
C ASP B 147 2.85 -35.80 54.83
N HIS B 148 3.87 -35.14 54.29
CA HIS B 148 5.19 -35.13 54.89
C HIS B 148 6.02 -33.98 54.30
N PRO B 149 6.68 -33.18 55.17
CA PRO B 149 7.49 -32.06 54.69
C PRO B 149 8.62 -32.41 53.70
N VAL B 150 9.28 -33.54 53.90
CA VAL B 150 10.37 -33.92 52.99
C VAL B 150 9.86 -34.65 51.74
N LEU B 151 9.15 -35.77 51.95
CA LEU B 151 8.65 -36.60 50.86
C LEU B 151 7.78 -35.86 49.86
N SER B 152 7.12 -34.79 50.28
CA SER B 152 6.29 -34.03 49.35
C SER B 152 7.15 -33.21 48.35
N LYS B 153 8.42 -32.99 48.68
CA LYS B 153 9.30 -32.21 47.82
C LYS B 153 10.20 -33.04 46.90
N LEU B 154 9.99 -34.35 46.86
CA LEU B 154 10.78 -35.25 46.03
C LEU B 154 10.13 -35.35 44.66
N LYS B 155 10.92 -35.56 43.61
CA LYS B 155 10.37 -35.71 42.27
C LYS B 155 10.27 -37.21 42.02
N PHE B 156 9.06 -37.67 41.71
CA PHE B 156 8.82 -39.08 41.49
C PHE B 156 8.99 -39.55 40.06
N THR B 157 9.38 -40.80 39.93
CA THR B 157 9.59 -41.48 38.67
C THR B 157 8.46 -42.50 38.54
N LYS B 158 7.68 -42.37 37.48
CA LYS B 158 6.55 -43.25 37.19
C LYS B 158 6.95 -44.66 36.73
N SER B 159 6.19 -45.65 37.16
CA SER B 159 6.40 -47.04 36.77
C SER B 159 4.98 -47.45 36.39
N SER B 160 4.46 -46.72 35.41
CA SER B 160 3.12 -46.84 34.84
C SER B 160 2.54 -48.21 34.61
N ALA B 161 3.34 -49.15 34.07
CA ALA B 161 2.85 -50.50 33.80
C ALA B 161 2.40 -51.18 35.09
N TYR B 162 2.90 -50.67 36.22
CA TYR B 162 2.58 -51.21 37.53
C TYR B 162 1.74 -50.30 38.42
N ASP B 163 1.25 -49.21 37.84
CA ASP B 163 0.45 -48.22 38.57
C ASP B 163 1.19 -47.74 39.82
N MET B 164 2.51 -47.61 39.72
CA MET B 164 3.31 -47.14 40.85
C MET B 164 4.11 -45.92 40.45
N GLU B 165 4.58 -45.20 41.47
CA GLU B 165 5.38 -43.98 41.36
C GLU B 165 6.36 -44.04 42.53
N PHE B 166 7.65 -43.80 42.28
CA PHE B 166 8.66 -43.90 43.35
C PHE B 166 9.74 -42.79 43.41
N ALA B 167 10.37 -42.69 44.57
CA ALA B 167 11.44 -41.72 44.80
C ALA B 167 12.37 -42.32 45.84
N GLN B 168 13.65 -41.93 45.81
CA GLN B 168 14.60 -42.44 46.77
C GLN B 168 14.33 -41.82 48.12
N LEU B 169 14.40 -42.63 49.17
CA LEU B 169 14.17 -42.16 50.52
C LEU B 169 15.33 -41.33 51.03
N PRO B 170 15.04 -40.26 51.77
CA PRO B 170 16.15 -39.46 52.30
C PRO B 170 16.99 -40.38 53.21
N VAL B 171 18.25 -40.05 53.43
CA VAL B 171 19.13 -40.89 54.26
C VAL B 171 18.55 -41.31 55.63
N ASN B 172 17.92 -40.37 56.33
CA ASN B 172 17.35 -40.68 57.65
C ASN B 172 16.20 -41.70 57.67
N MET B 173 15.46 -41.81 56.57
CA MET B 173 14.35 -42.74 56.49
C MET B 173 14.71 -44.14 56.01
N ARG B 174 15.89 -44.28 55.43
CA ARG B 174 16.33 -45.56 54.90
C ARG B 174 16.52 -46.61 55.97
N SER B 175 16.73 -46.15 57.20
CA SER B 175 16.99 -47.02 58.34
C SER B 175 15.89 -48.04 58.61
N GLU B 176 14.74 -47.58 59.06
CA GLU B 176 13.66 -48.49 59.37
C GLU B 176 12.60 -48.67 58.29
N ALA B 177 12.98 -48.50 57.03
CA ALA B 177 12.05 -48.67 55.94
C ALA B 177 11.58 -50.14 55.95
N PHE B 178 10.40 -50.42 55.37
CA PHE B 178 9.90 -51.79 55.35
C PHE B 178 10.78 -52.70 54.54
N THR B 179 10.81 -53.97 54.93
CA THR B 179 11.57 -54.99 54.22
C THR B 179 10.55 -55.78 53.35
N TYR B 180 10.89 -56.03 52.10
CA TYR B 180 9.99 -56.79 51.23
C TYR B 180 10.47 -58.23 51.05
N THR B 181 9.53 -59.17 50.95
CA THR B 181 9.86 -60.57 50.70
C THR B 181 8.94 -61.14 49.62
N SER B 182 9.53 -61.85 48.67
CA SER B 182 8.80 -62.49 47.58
C SER B 182 8.34 -63.87 48.04
N GLU B 183 8.85 -64.33 49.18
CA GLU B 183 8.44 -65.63 49.69
C GLU B 183 7.22 -65.42 50.56
N HIS B 184 6.07 -65.85 50.05
CA HIS B 184 4.81 -65.74 50.74
C HIS B 184 3.85 -66.82 50.31
N PRO B 185 4.02 -68.04 50.87
CA PRO B 185 3.20 -69.21 50.58
C PRO B 185 1.73 -69.02 50.97
N GLU B 186 0.87 -69.91 50.49
CA GLU B 186 -0.55 -69.83 50.77
C GLU B 186 -0.79 -69.78 52.26
N GLY B 187 -1.80 -69.03 52.65
CA GLY B 187 -2.11 -68.90 54.05
C GLY B 187 -2.75 -67.57 54.38
N PHE B 188 -2.59 -67.16 55.62
CA PHE B 188 -3.19 -65.93 56.10
C PHE B 188 -2.17 -64.85 56.42
N TYR B 189 -2.43 -63.69 55.86
CA TYR B 189 -1.62 -62.52 56.02
C TYR B 189 -2.48 -61.48 56.74
N ASN B 190 -1.97 -60.25 56.85
CA ASN B 190 -2.72 -59.20 57.53
C ASN B 190 -2.44 -57.84 56.91
N TRP B 191 -3.40 -56.95 57.04
CA TRP B 191 -3.24 -55.59 56.56
C TRP B 191 -4.03 -54.77 57.55
N HIS B 192 -4.06 -53.47 57.35
CA HIS B 192 -4.74 -52.60 58.25
C HIS B 192 -6.15 -53.00 58.69
N HIS B 193 -6.95 -53.55 57.78
CA HIS B 193 -8.35 -53.90 58.08
C HIS B 193 -8.68 -55.33 58.51
N GLY B 194 -7.66 -56.16 58.74
CA GLY B 194 -7.93 -57.52 59.17
C GLY B 194 -7.08 -58.57 58.48
N ALA B 195 -7.59 -59.79 58.54
CA ALA B 195 -6.93 -60.95 57.95
C ALA B 195 -7.06 -60.89 56.46
N VAL B 196 -6.03 -61.40 55.80
CA VAL B 196 -5.98 -61.44 54.34
C VAL B 196 -5.62 -62.87 54.00
N GLN B 197 -6.33 -63.47 53.07
CA GLN B 197 -6.05 -64.83 52.68
C GLN B 197 -5.32 -64.80 51.35
N TYR B 198 -4.32 -65.65 51.22
CA TYR B 198 -3.57 -65.77 49.99
C TYR B 198 -3.68 -67.21 49.54
N SER B 199 -4.34 -67.44 48.41
CA SER B 199 -4.53 -68.79 47.90
C SER B 199 -4.71 -68.75 46.39
N GLY B 200 -4.22 -69.77 45.69
CA GLY B 200 -4.35 -69.83 44.25
C GLY B 200 -3.81 -68.57 43.60
N GLY B 201 -2.71 -68.05 44.15
CA GLY B 201 -2.11 -66.83 43.64
C GLY B 201 -2.90 -65.54 43.84
N ARG B 202 -3.90 -65.56 44.72
CA ARG B 202 -4.70 -64.37 44.94
C ARG B 202 -4.87 -64.01 46.41
N PHE B 203 -4.84 -62.70 46.70
CA PHE B 203 -5.04 -62.17 48.04
C PHE B 203 -6.52 -61.74 48.13
N THR B 204 -7.28 -62.34 49.05
CA THR B 204 -8.69 -62.00 49.22
C THR B 204 -8.98 -61.54 50.64
N ILE B 205 -9.97 -60.67 50.75
CA ILE B 205 -10.41 -60.14 52.04
C ILE B 205 -11.95 -60.24 52.02
N PRO B 206 -12.59 -60.08 53.20
CA PRO B 206 -14.04 -60.16 53.26
C PRO B 206 -14.66 -59.00 52.46
N ARG B 207 -15.88 -59.20 51.96
CA ARG B 207 -16.58 -58.17 51.18
C ARG B 207 -17.00 -57.04 52.11
N GLY B 208 -16.96 -55.82 51.62
CA GLY B 208 -17.35 -54.67 52.40
C GLY B 208 -16.35 -54.24 53.46
N VAL B 209 -15.09 -54.57 53.27
CA VAL B 209 -14.07 -54.22 54.25
C VAL B 209 -13.07 -53.19 53.69
N GLY B 210 -12.64 -53.36 52.44
CA GLY B 210 -11.69 -52.42 51.86
C GLY B 210 -12.33 -51.47 50.87
N GLY B 211 -11.79 -50.25 50.77
CA GLY B 211 -12.34 -49.28 49.86
C GLY B 211 -11.52 -48.02 49.66
N ARG B 212 -12.20 -46.92 49.38
CA ARG B 212 -11.57 -45.63 49.12
C ARG B 212 -10.55 -45.26 50.18
N GLY B 213 -9.36 -44.91 49.71
CA GLY B 213 -8.31 -44.49 50.60
C GLY B 213 -7.32 -45.58 50.95
N ASP B 214 -7.70 -46.83 50.69
CA ASP B 214 -6.86 -47.98 51.02
C ASP B 214 -5.77 -48.32 50.03
N SER B 215 -5.73 -47.63 48.89
CA SER B 215 -4.68 -47.91 47.93
C SER B 215 -3.35 -47.37 48.46
N GLY B 216 -2.33 -48.22 48.46
CA GLY B 216 -1.03 -47.83 48.97
C GLY B 216 -0.67 -48.63 50.21
N ARG B 217 -1.67 -49.22 50.85
CA ARG B 217 -1.49 -50.00 52.09
C ARG B 217 -0.80 -51.32 51.77
N PRO B 218 0.11 -51.75 52.68
CA PRO B 218 0.83 -53.03 52.48
C PRO B 218 0.11 -54.24 53.04
N ILE B 219 0.46 -55.40 52.52
CA ILE B 219 -0.08 -56.64 53.06
C ILE B 219 1.17 -57.15 53.75
N MET B 220 1.03 -57.48 55.04
CA MET B 220 2.12 -57.93 55.88
C MET B 220 2.05 -59.38 56.23
N ASP B 221 3.21 -59.96 56.52
CA ASP B 221 3.30 -61.36 56.92
C ASP B 221 3.55 -61.39 58.45
N ASN B 222 3.66 -62.59 59.02
CA ASN B 222 3.87 -62.74 60.46
C ASN B 222 5.20 -62.26 61.02
N SER B 223 6.10 -61.75 60.17
CA SER B 223 7.37 -61.27 60.67
C SER B 223 7.57 -59.77 60.46
N GLY B 224 6.50 -59.05 60.09
CA GLY B 224 6.64 -57.63 59.89
C GLY B 224 7.22 -57.22 58.55
N ARG B 225 7.25 -58.15 57.59
CA ARG B 225 7.76 -57.90 56.23
C ARG B 225 6.58 -57.65 55.31
N VAL B 226 6.83 -56.88 54.25
CA VAL B 226 5.80 -56.57 53.25
C VAL B 226 5.78 -57.62 52.13
N VAL B 227 4.59 -58.11 51.86
CA VAL B 227 4.32 -59.16 50.89
C VAL B 227 3.64 -58.66 49.59
N ALA B 228 3.03 -57.48 49.66
CA ALA B 228 2.33 -56.94 48.52
C ALA B 228 1.83 -55.56 48.86
N ILE B 229 1.48 -54.82 47.80
CA ILE B 229 0.92 -53.49 47.91
C ILE B 229 -0.45 -53.50 47.24
N VAL B 230 -1.48 -53.10 47.97
CA VAL B 230 -2.87 -53.00 47.50
C VAL B 230 -3.11 -51.78 46.59
N LEU B 231 -3.66 -52.03 45.40
CA LEU B 231 -3.95 -50.98 44.44
C LEU B 231 -5.45 -50.74 44.40
N GLY B 232 -6.21 -51.80 44.69
CA GLY B 232 -7.65 -51.74 44.70
C GLY B 232 -8.20 -53.13 44.86
N GLY B 233 -9.46 -53.34 44.48
CA GLY B 233 -10.04 -54.66 44.64
C GLY B 233 -11.23 -54.93 43.74
N ALA B 234 -11.60 -56.20 43.68
CA ALA B 234 -12.72 -56.65 42.87
C ALA B 234 -13.71 -57.40 43.76
N ASP B 235 -14.82 -56.71 44.00
CA ASP B 235 -15.94 -57.24 44.77
C ASP B 235 -16.49 -58.43 43.95
N GLU B 236 -16.28 -59.64 44.45
CA GLU B 236 -16.74 -60.84 43.76
C GLU B 236 -17.94 -61.41 44.52
N GLY B 237 -18.81 -60.52 44.98
CA GLY B 237 -19.99 -60.93 45.71
C GLY B 237 -19.71 -61.49 47.10
N THR B 238 -19.06 -62.65 47.16
CA THR B 238 -18.79 -63.27 48.45
C THR B 238 -17.51 -62.75 49.14
N ARG B 239 -16.46 -62.58 48.35
CA ARG B 239 -15.18 -62.09 48.84
C ARG B 239 -14.72 -61.00 47.92
N THR B 240 -13.73 -60.24 48.37
CA THR B 240 -13.13 -59.18 47.56
C THR B 240 -11.69 -59.57 47.18
N ALA B 241 -11.45 -59.71 45.89
CA ALA B 241 -10.13 -60.07 45.38
C ALA B 241 -9.31 -58.79 45.19
N LEU B 242 -8.06 -58.80 45.64
CA LEU B 242 -7.25 -57.58 45.55
C LEU B 242 -6.36 -57.47 44.33
N SER B 243 -6.19 -56.23 43.87
CA SER B 243 -5.28 -55.91 42.77
C SER B 243 -4.04 -55.51 43.57
N VAL B 244 -2.92 -56.17 43.32
CA VAL B 244 -1.70 -55.93 44.09
C VAL B 244 -0.41 -55.82 43.30
N VAL B 245 0.58 -55.14 43.89
CA VAL B 245 1.88 -55.04 43.28
C VAL B 245 2.76 -55.91 44.14
N THR B 246 3.54 -56.79 43.50
CA THR B 246 4.45 -57.68 44.20
C THR B 246 5.75 -57.66 43.39
N TRP B 247 6.73 -58.41 43.87
CA TRP B 247 8.03 -58.56 43.25
C TRP B 247 8.42 -60.03 43.32
N ASN B 248 9.08 -60.56 42.30
CA ASN B 248 9.51 -61.97 42.36
C ASN B 248 10.90 -62.13 43.00
N SER B 249 11.43 -63.35 42.99
CA SER B 249 12.74 -63.59 43.61
C SER B 249 13.86 -62.71 43.08
N LYS B 250 13.82 -62.42 41.78
CA LYS B 250 14.83 -61.59 41.15
C LYS B 250 14.58 -60.11 41.37
N GLY B 251 13.47 -59.78 42.02
CA GLY B 251 13.16 -58.38 42.29
C GLY B 251 12.42 -57.69 41.16
N LYS B 252 11.85 -58.48 40.27
CA LYS B 252 11.08 -57.93 39.15
C LYS B 252 9.65 -57.58 39.58
N THR B 253 9.20 -56.39 39.15
CA THR B 253 7.86 -55.91 39.49
C THR B 253 6.78 -56.72 38.76
N ILE B 254 5.70 -56.99 39.49
CA ILE B 254 4.55 -57.73 38.97
C ILE B 254 3.30 -56.98 39.44
N LYS B 255 2.29 -56.93 38.58
CA LYS B 255 1.03 -56.29 38.93
C LYS B 255 -0.07 -57.29 38.59
N THR B 256 -0.80 -57.74 39.60
CA THR B 256 -1.87 -58.70 39.38
C THR B 256 -3.21 -58.01 39.58
N THR B 257 -4.08 -58.10 38.59
CA THR B 257 -5.38 -57.46 38.67
C THR B 257 -6.56 -58.36 38.32
N PRO B 258 -7.45 -58.61 39.30
CA PRO B 258 -8.63 -59.46 39.06
C PRO B 258 -9.64 -58.71 38.19
N GLU B 259 -10.47 -59.43 37.43
CA GLU B 259 -11.49 -58.76 36.61
C GLU B 259 -12.49 -58.14 37.58
N GLY B 260 -12.97 -56.95 37.26
CA GLY B 260 -13.93 -56.31 38.14
C GLY B 260 -13.24 -55.42 39.14
N THR B 261 -11.93 -55.27 38.99
CA THR B 261 -11.18 -54.45 39.90
C THR B 261 -11.49 -52.97 39.75
N GLU B 262 -11.66 -52.34 40.89
CA GLU B 262 -11.94 -50.92 40.97
C GLU B 262 -10.74 -50.34 41.75
N GLU B 263 -10.02 -49.41 41.14
CA GLU B 263 -8.87 -48.78 41.78
C GLU B 263 -9.36 -47.84 42.85
N TRP B 264 -9.25 -48.27 44.10
CA TRP B 264 -9.73 -47.48 45.25
C TRP B 264 -9.27 -46.03 45.25
N ARG C 114 -25.32 -23.40 63.27
CA ARG C 114 -26.15 -22.63 62.33
C ARG C 114 -25.76 -21.17 62.40
N LEU C 115 -24.78 -20.90 63.24
CA LEU C 115 -24.26 -19.56 63.45
C LEU C 115 -22.79 -19.75 63.26
N PHE C 116 -22.19 -18.82 62.54
CA PHE C 116 -20.79 -18.85 62.20
C PHE C 116 -20.16 -17.51 62.50
N ASP C 117 -18.90 -17.54 62.91
CA ASP C 117 -18.16 -16.32 63.21
C ASP C 117 -17.73 -15.56 61.95
N VAL C 118 -17.71 -14.24 62.06
CA VAL C 118 -17.20 -13.41 60.99
C VAL C 118 -15.96 -12.82 61.67
N LYS C 119 -14.79 -13.09 61.11
CA LYS C 119 -13.51 -12.63 61.67
C LYS C 119 -12.85 -11.48 60.92
N ASN C 120 -12.14 -10.64 61.66
CA ASN C 120 -11.43 -9.53 61.05
C ASN C 120 -10.08 -10.08 60.55
N GLU C 121 -9.20 -9.25 60.01
CA GLU C 121 -7.92 -9.75 59.51
C GLU C 121 -7.04 -10.28 60.64
N ASP C 122 -7.33 -9.82 61.86
CA ASP C 122 -6.57 -10.25 63.02
C ASP C 122 -7.17 -11.50 63.64
N GLY C 123 -8.17 -12.07 62.98
CA GLY C 123 -8.81 -13.27 63.48
C GLY C 123 -9.86 -13.07 64.55
N ASP C 124 -10.02 -11.86 65.04
CA ASP C 124 -11.01 -11.58 66.07
C ASP C 124 -12.45 -11.60 65.54
N VAL C 125 -13.37 -12.09 66.36
CA VAL C 125 -14.79 -12.16 66.00
C VAL C 125 -15.47 -10.81 66.10
N ILE C 126 -15.88 -10.29 64.95
CA ILE C 126 -16.53 -8.97 64.88
C ILE C 126 -18.02 -9.06 64.51
N GLY C 127 -18.55 -10.28 64.44
CA GLY C 127 -19.94 -10.45 64.06
C GLY C 127 -20.25 -11.90 63.73
N HIS C 128 -21.49 -12.15 63.31
CA HIS C 128 -21.96 -13.50 63.01
C HIS C 128 -22.84 -13.60 61.76
N ALA C 129 -22.81 -14.78 61.17
CA ALA C 129 -23.56 -15.14 59.99
C ALA C 129 -24.49 -16.24 60.49
N LEU C 130 -25.63 -16.38 59.84
CA LEU C 130 -26.66 -17.31 60.27
C LEU C 130 -27.24 -18.10 59.11
N ALA C 131 -27.47 -19.39 59.34
CA ALA C 131 -28.05 -20.28 58.33
C ALA C 131 -29.50 -20.30 58.72
N MET C 132 -30.35 -19.73 57.89
CA MET C 132 -31.78 -19.68 58.19
C MET C 132 -32.58 -19.59 56.91
N GLU C 133 -33.69 -20.30 56.88
CA GLU C 133 -34.59 -20.31 55.71
C GLU C 133 -33.91 -20.46 54.32
N GLY C 134 -32.99 -21.41 54.21
CA GLY C 134 -32.35 -21.64 52.94
C GLY C 134 -31.15 -20.79 52.60
N LYS C 135 -30.80 -19.83 53.45
CA LYS C 135 -29.64 -19.02 53.15
C LYS C 135 -28.76 -18.62 54.31
N VAL C 136 -27.56 -18.18 53.95
CA VAL C 136 -26.59 -17.67 54.91
C VAL C 136 -26.87 -16.18 54.88
N MET C 137 -26.88 -15.53 56.03
CA MET C 137 -27.12 -14.10 56.04
C MET C 137 -26.31 -13.49 57.15
N LYS C 138 -25.83 -12.28 56.93
CA LYS C 138 -25.05 -11.57 57.91
C LYS C 138 -25.31 -10.08 57.73
N PRO C 139 -25.08 -9.30 58.79
CA PRO C 139 -25.30 -7.85 58.71
C PRO C 139 -24.21 -7.30 57.77
N LEU C 140 -24.58 -6.40 56.87
CA LEU C 140 -23.61 -5.86 55.92
C LEU C 140 -22.50 -5.03 56.57
N HIS C 141 -22.83 -4.34 57.66
CA HIS C 141 -21.83 -3.50 58.31
C HIS C 141 -20.69 -4.28 58.95
N VAL C 142 -20.88 -5.59 59.10
CA VAL C 142 -19.86 -6.46 59.68
C VAL C 142 -18.89 -6.84 58.55
N LYS C 143 -17.79 -6.11 58.42
CA LYS C 143 -16.82 -6.35 57.35
C LYS C 143 -15.71 -7.34 57.73
N GLY C 144 -15.91 -8.61 57.39
CA GLY C 144 -14.93 -9.63 57.70
C GLY C 144 -15.16 -10.92 56.92
N THR C 145 -14.51 -12.00 57.35
CA THR C 145 -14.62 -13.28 56.66
C THR C 145 -15.38 -14.28 57.50
N ILE C 146 -16.30 -14.99 56.86
CA ILE C 146 -17.07 -16.02 57.54
C ILE C 146 -16.15 -17.21 57.82
N ASP C 147 -16.04 -17.55 59.10
CA ASP C 147 -15.20 -18.65 59.57
C ASP C 147 -15.75 -20.02 59.12
N HIS C 148 -15.68 -20.28 57.82
CA HIS C 148 -16.16 -21.54 57.28
C HIS C 148 -15.60 -21.74 55.86
N PRO C 149 -15.04 -22.93 55.58
CA PRO C 149 -14.46 -23.22 54.26
C PRO C 149 -15.41 -23.03 53.06
N VAL C 150 -16.67 -23.40 53.21
CA VAL C 150 -17.61 -23.24 52.10
C VAL C 150 -18.23 -21.85 52.01
N LEU C 151 -18.88 -21.43 53.10
CA LEU C 151 -19.57 -20.14 53.17
C LEU C 151 -18.68 -18.94 52.86
N SER C 152 -17.38 -19.06 53.10
CA SER C 152 -16.49 -17.95 52.78
C SER C 152 -16.27 -17.79 51.26
N LYS C 153 -16.58 -18.82 50.48
CA LYS C 153 -16.38 -18.78 49.05
C LYS C 153 -17.65 -18.45 48.24
N LEU C 154 -18.72 -18.09 48.94
CA LEU C 154 -20.00 -17.75 48.27
C LEU C 154 -20.00 -16.27 47.97
N LYS C 155 -20.69 -15.88 46.89
CA LYS C 155 -20.78 -14.46 46.54
C LYS C 155 -22.10 -13.97 47.12
N PHE C 156 -22.03 -12.93 47.95
CA PHE C 156 -23.21 -12.41 48.60
C PHE C 156 -23.91 -11.29 47.84
N THR C 157 -25.22 -11.22 48.04
CA THR C 157 -26.09 -10.24 47.45
C THR C 157 -26.54 -9.31 48.58
N LYS C 158 -26.23 -8.03 48.43
CA LYS C 158 -26.58 -7.01 49.41
C LYS C 158 -28.07 -6.65 49.47
N SER C 159 -28.55 -6.40 50.68
CA SER C 159 -29.93 -6.00 50.90
C SER C 159 -29.74 -4.80 51.82
N SER C 160 -29.02 -3.83 51.28
CA SER C 160 -28.62 -2.57 51.92
C SER C 160 -29.63 -1.83 52.77
N ALA C 161 -30.87 -1.73 52.31
CA ALA C 161 -31.90 -1.02 53.07
C ALA C 161 -32.13 -1.68 54.44
N TYR C 162 -31.71 -2.95 54.54
CA TYR C 162 -31.88 -3.71 55.77
C TYR C 162 -30.57 -4.07 56.46
N ASP C 163 -29.47 -3.48 55.98
CA ASP C 163 -28.14 -3.75 56.54
C ASP C 163 -27.86 -5.25 56.56
N MET C 164 -28.32 -5.97 55.54
CA MET C 164 -28.09 -7.41 55.46
C MET C 164 -27.40 -7.76 54.15
N GLU C 165 -26.82 -8.94 54.13
CA GLU C 165 -26.10 -9.51 52.99
C GLU C 165 -26.42 -11.02 53.03
N PHE C 166 -26.79 -11.61 51.90
CA PHE C 166 -27.15 -13.05 51.88
C PHE C 166 -26.63 -13.89 50.71
N ALA C 167 -26.65 -15.21 50.91
CA ALA C 167 -26.21 -16.16 49.90
C ALA C 167 -27.00 -17.45 50.13
N GLN C 168 -27.21 -18.23 49.07
CA GLN C 168 -27.95 -19.48 49.21
C GLN C 168 -27.07 -20.48 49.92
N LEU C 169 -27.67 -21.22 50.83
CA LEU C 169 -26.94 -22.24 51.59
C LEU C 169 -26.64 -23.45 50.74
N PRO C 170 -25.45 -24.04 50.91
CA PRO C 170 -25.14 -25.24 50.12
C PRO C 170 -26.21 -26.31 50.48
N VAL C 171 -26.42 -27.28 49.60
CA VAL C 171 -27.43 -28.32 49.85
C VAL C 171 -27.34 -29.00 51.24
N ASN C 172 -26.14 -29.33 51.68
CA ASN C 172 -25.96 -30.00 52.98
C ASN C 172 -26.38 -29.18 54.22
N MET C 173 -26.30 -27.86 54.12
CA MET C 173 -26.68 -27.00 55.24
C MET C 173 -28.13 -26.61 55.31
N ARG C 174 -28.86 -26.82 54.23
CA ARG C 174 -30.27 -26.46 54.16
C ARG C 174 -31.12 -27.27 55.11
N SER C 175 -30.63 -28.43 55.49
CA SER C 175 -31.34 -29.36 56.37
C SER C 175 -31.74 -28.77 57.71
N GLU C 176 -30.76 -28.52 58.57
CA GLU C 176 -31.05 -27.99 59.88
C GLU C 176 -30.92 -26.48 60.05
N ALA C 177 -31.12 -25.73 58.97
CA ALA C 177 -31.02 -24.28 59.03
C ALA C 177 -32.12 -23.80 59.99
N PHE C 178 -31.94 -22.61 60.58
CA PHE C 178 -32.95 -22.08 61.50
C PHE C 178 -34.26 -21.81 60.82
N THR C 179 -35.35 -21.94 61.57
CA THR C 179 -36.69 -21.66 61.07
C THR C 179 -37.06 -20.26 61.59
N TYR C 180 -37.62 -19.41 60.74
CA TYR C 180 -38.04 -18.08 61.16
C TYR C 180 -39.56 -17.99 61.35
N THR C 181 -39.99 -17.22 62.35
CA THR C 181 -41.43 -16.99 62.57
C THR C 181 -41.69 -15.51 62.81
N SER C 182 -42.72 -14.98 62.15
CA SER C 182 -43.12 -13.60 62.28
C SER C 182 -44.09 -13.48 63.46
N GLU C 183 -44.55 -14.60 63.98
CA GLU C 183 -45.45 -14.57 65.12
C GLU C 183 -44.60 -14.58 66.38
N HIS C 184 -44.57 -13.44 67.05
CA HIS C 184 -43.81 -13.27 68.27
C HIS C 184 -44.43 -12.19 69.14
N PRO C 185 -45.51 -12.54 69.88
CA PRO C 185 -46.23 -11.64 70.78
C PRO C 185 -45.37 -11.13 71.94
N GLU C 186 -45.86 -10.10 72.61
CA GLU C 186 -45.13 -9.50 73.72
C GLU C 186 -44.77 -10.55 74.74
N GLY C 187 -43.60 -10.39 75.33
CA GLY C 187 -43.14 -11.34 76.32
C GLY C 187 -41.64 -11.43 76.37
N PHE C 188 -41.16 -12.57 76.82
CA PHE C 188 -39.73 -12.80 76.98
C PHE C 188 -39.17 -13.82 76.01
N TYR C 189 -38.11 -13.39 75.36
CA TYR C 189 -37.39 -14.18 74.40
C TYR C 189 -35.99 -14.41 74.96
N ASN C 190 -35.10 -14.99 74.15
CA ASN C 190 -33.74 -15.25 74.60
C ASN C 190 -32.75 -15.13 73.46
N TRP C 191 -31.52 -14.81 73.81
CA TRP C 191 -30.45 -14.75 72.83
C TRP C 191 -29.24 -15.19 73.61
N HIS C 192 -28.10 -15.20 72.95
CA HIS C 192 -26.90 -15.66 73.57
C HIS C 192 -26.56 -15.12 74.97
N HIS C 193 -26.84 -13.85 75.22
CA HIS C 193 -26.51 -13.21 76.50
C HIS C 193 -27.58 -13.13 77.59
N GLY C 194 -28.72 -13.79 77.38
CA GLY C 194 -29.75 -13.77 78.40
C GLY C 194 -31.15 -13.55 77.88
N ALA C 195 -32.01 -13.10 78.79
CA ALA C 195 -33.40 -12.85 78.49
C ALA C 195 -33.52 -11.60 77.66
N VAL C 196 -34.52 -11.59 76.79
CA VAL C 196 -34.79 -10.45 75.92
C VAL C 196 -36.27 -10.19 76.09
N GLN C 197 -36.63 -8.92 76.29
CA GLN C 197 -38.02 -8.56 76.45
C GLN C 197 -38.50 -7.94 75.15
N TYR C 198 -39.71 -8.30 74.76
CA TYR C 198 -40.32 -7.74 73.57
C TYR C 198 -41.62 -7.10 74.00
N SER C 199 -41.71 -5.77 73.89
CA SER C 199 -42.90 -5.04 74.30
C SER C 199 -43.00 -3.74 73.52
N GLY C 200 -44.23 -3.33 73.21
CA GLY C 200 -44.43 -2.09 72.48
C GLY C 200 -43.64 -2.09 71.18
N GLY C 201 -43.58 -3.25 70.53
CA GLY C 201 -42.83 -3.38 69.29
C GLY C 201 -41.31 -3.29 69.40
N ARG C 202 -40.76 -3.39 70.60
CA ARG C 202 -39.32 -3.28 70.77
C ARG C 202 -38.72 -4.41 71.60
N PHE C 203 -37.53 -4.85 71.18
CA PHE C 203 -36.77 -5.88 71.89
C PHE C 203 -35.73 -5.16 72.76
N THR C 204 -35.80 -5.35 74.08
CA THR C 204 -34.85 -4.71 75.00
C THR C 204 -34.12 -5.75 75.83
N ILE C 205 -32.90 -5.39 76.21
CA ILE C 205 -32.05 -6.23 77.03
C ILE C 205 -31.48 -5.30 78.12
N PRO C 206 -30.88 -5.88 79.17
CA PRO C 206 -30.31 -5.06 80.25
C PRO C 206 -29.14 -4.25 79.70
N ARG C 207 -28.86 -3.10 80.32
CA ARG C 207 -27.76 -2.24 79.90
C ARG C 207 -26.43 -2.90 80.26
N GLY C 208 -25.43 -2.72 79.39
CA GLY C 208 -24.13 -3.29 79.63
C GLY C 208 -24.00 -4.79 79.39
N VAL C 209 -24.89 -5.33 78.56
CA VAL C 209 -24.88 -6.76 78.28
C VAL C 209 -24.47 -7.06 76.83
N GLY C 210 -24.99 -6.30 75.87
CA GLY C 210 -24.66 -6.53 74.47
C GLY C 210 -23.67 -5.52 73.92
N GLY C 211 -22.86 -5.95 72.97
CA GLY C 211 -21.88 -5.04 72.39
C GLY C 211 -21.15 -5.57 71.17
N ARG C 212 -19.91 -5.12 70.99
CA ARG C 212 -19.08 -5.49 69.85
C ARG C 212 -19.03 -6.98 69.63
N GLY C 213 -19.30 -7.36 68.39
CA GLY C 213 -19.27 -8.75 68.00
C GLY C 213 -20.61 -9.44 68.00
N ASP C 214 -21.59 -8.82 68.65
CA ASP C 214 -22.93 -9.39 68.77
C ASP C 214 -23.85 -9.19 67.58
N SER C 215 -23.43 -8.41 66.59
CA SER C 215 -24.27 -8.21 65.42
C SER C 215 -24.28 -9.52 64.59
N GLY C 216 -25.48 -9.99 64.27
CA GLY C 216 -25.63 -11.20 63.52
C GLY C 216 -26.30 -12.29 64.33
N ARG C 217 -26.30 -12.11 65.66
CA ARG C 217 -26.89 -13.07 66.59
C ARG C 217 -28.41 -13.04 66.50
N PRO C 218 -29.06 -14.21 66.60
CA PRO C 218 -30.53 -14.28 66.54
C PRO C 218 -31.22 -14.12 67.89
N ILE C 219 -32.49 -13.72 67.84
CA ILE C 219 -33.28 -13.64 69.06
C ILE C 219 -34.17 -14.85 68.83
N MET C 220 -34.21 -15.74 69.84
CA MET C 220 -34.96 -16.98 69.78
C MET C 220 -36.17 -16.99 70.66
N ASP C 221 -37.14 -17.80 70.28
CA ASP C 221 -38.36 -17.96 71.06
C ASP C 221 -38.27 -19.32 71.80
N ASN C 222 -39.30 -19.66 72.59
CA ASN C 222 -39.32 -20.90 73.36
C ASN C 222 -39.38 -22.20 72.56
N SER C 223 -39.46 -22.12 71.23
CA SER C 223 -39.50 -23.35 70.45
C SER C 223 -38.28 -23.53 69.54
N GLY C 224 -37.24 -22.72 69.75
CA GLY C 224 -36.06 -22.86 68.92
C GLY C 224 -36.14 -22.19 67.55
N ARG C 225 -37.14 -21.32 67.37
CA ARG C 225 -37.33 -20.58 66.12
C ARG C 225 -36.73 -19.18 66.27
N VAL C 226 -36.31 -18.61 65.14
CA VAL C 226 -35.73 -17.26 65.12
C VAL C 226 -36.82 -16.20 64.93
N VAL C 227 -36.78 -15.21 65.80
CA VAL C 227 -37.74 -14.11 65.86
C VAL C 227 -37.19 -12.76 65.35
N ALA C 228 -35.87 -12.63 65.30
CA ALA C 228 -35.25 -11.41 64.87
C ALA C 228 -33.75 -11.59 64.81
N ILE C 229 -33.10 -10.66 64.12
CA ILE C 229 -31.66 -10.64 63.99
C ILE C 229 -31.18 -9.28 64.53
N VAL C 230 -30.25 -9.33 65.50
CA VAL C 230 -29.64 -8.16 66.13
C VAL C 230 -28.58 -7.48 65.23
N LEU C 231 -28.74 -6.18 65.02
CA LEU C 231 -27.83 -5.40 64.20
C LEU C 231 -26.96 -4.53 65.09
N GLY C 232 -27.53 -4.14 66.23
CA GLY C 232 -26.84 -3.31 67.20
C GLY C 232 -27.83 -2.91 68.27
N GLY C 233 -27.53 -1.84 69.00
CA GLY C 233 -28.42 -1.41 70.06
C GLY C 233 -28.27 0.04 70.46
N ALA C 234 -29.26 0.50 71.22
CA ALA C 234 -29.29 1.86 71.70
C ALA C 234 -29.39 1.86 73.23
N ASP C 235 -28.27 2.21 73.84
CA ASP C 235 -28.14 2.33 75.28
C ASP C 235 -29.08 3.51 75.67
N GLU C 236 -30.18 3.18 76.36
CA GLU C 236 -31.14 4.18 76.79
C GLU C 236 -31.02 4.37 78.30
N GLY C 237 -29.78 4.36 78.78
CA GLY C 237 -29.52 4.54 80.19
C GLY C 237 -29.94 3.36 81.06
N THR C 238 -31.25 3.11 81.17
CA THR C 238 -31.72 2.02 81.99
C THR C 238 -31.71 0.65 81.30
N ARG C 239 -32.14 0.64 80.04
CA ARG C 239 -32.18 -0.58 79.25
C ARG C 239 -31.55 -0.29 77.92
N THR C 240 -31.24 -1.36 77.17
CA THR C 240 -30.67 -1.22 75.84
C THR C 240 -31.71 -1.71 74.80
N ALA C 241 -32.12 -0.79 73.93
CA ALA C 241 -33.09 -1.11 72.88
C ALA C 241 -32.34 -1.64 71.66
N LEU C 242 -32.82 -2.73 71.08
CA LEU C 242 -32.10 -3.32 69.95
C LEU C 242 -32.57 -2.90 68.58
N SER C 243 -31.61 -2.82 67.64
CA SER C 243 -31.86 -2.53 66.25
C SER C 243 -31.93 -3.96 65.69
N VAL C 244 -33.05 -4.31 65.06
CA VAL C 244 -33.25 -5.68 64.59
C VAL C 244 -33.82 -5.82 63.18
N VAL C 245 -33.57 -6.97 62.57
CA VAL C 245 -34.13 -7.28 61.26
C VAL C 245 -35.17 -8.34 61.55
N THR C 246 -36.38 -8.15 61.02
CA THR C 246 -37.45 -9.11 61.19
C THR C 246 -38.13 -9.22 59.82
N TRP C 247 -39.14 -10.07 59.76
CA TRP C 247 -39.94 -10.31 58.56
C TRP C 247 -41.40 -10.37 58.98
N ASN C 248 -42.30 -9.87 58.15
CA ASN C 248 -43.74 -9.95 58.50
C ASN C 248 -44.38 -11.24 57.99
N SER C 249 -45.70 -11.36 58.15
CA SER C 249 -46.39 -12.58 57.72
C SER C 249 -46.17 -12.96 56.26
N LYS C 250 -46.09 -11.94 55.41
CA LYS C 250 -45.88 -12.16 53.99
C LYS C 250 -44.42 -12.42 53.64
N GLY C 251 -43.56 -12.34 54.65
CA GLY C 251 -42.15 -12.58 54.41
C GLY C 251 -41.38 -11.37 53.96
N LYS C 252 -41.96 -10.20 54.17
CA LYS C 252 -41.31 -8.94 53.79
C LYS C 252 -40.30 -8.49 54.87
N THR C 253 -39.11 -8.09 54.42
CA THR C 253 -38.06 -7.63 55.33
C THR C 253 -38.41 -6.30 55.99
N ILE C 254 -38.08 -6.20 57.27
CA ILE C 254 -38.31 -5.00 58.07
C ILE C 254 -37.03 -4.76 58.87
N LYS C 255 -36.67 -3.49 59.04
CA LYS C 255 -35.51 -3.12 59.84
C LYS C 255 -35.97 -2.05 60.81
N THR C 256 -35.91 -2.35 62.10
CA THR C 256 -36.33 -1.40 63.12
C THR C 256 -35.10 -0.89 63.85
N THR C 257 -34.95 0.43 63.90
CA THR C 257 -33.80 1.03 64.56
C THR C 257 -34.15 2.13 65.56
N PRO C 258 -33.84 1.93 66.85
CA PRO C 258 -34.12 2.93 67.88
C PRO C 258 -33.15 4.11 67.73
N GLU C 259 -33.53 5.31 68.15
CA GLU C 259 -32.61 6.45 68.09
C GLU C 259 -31.49 6.17 69.08
N GLY C 260 -30.27 6.52 68.71
CA GLY C 260 -29.16 6.29 69.60
C GLY C 260 -28.52 4.96 69.33
N THR C 261 -28.98 4.28 68.30
CA THR C 261 -28.43 2.98 67.94
C THR C 261 -27.02 3.06 67.44
N GLU C 262 -26.20 2.15 67.95
CA GLU C 262 -24.82 2.03 67.58
C GLU C 262 -24.70 0.62 66.98
N GLU C 263 -24.27 0.54 65.72
CA GLU C 263 -24.13 -0.75 65.04
C GLU C 263 -22.91 -1.45 65.61
N TRP C 264 -23.16 -2.44 66.46
CA TRP C 264 -22.09 -3.19 67.11
C TRP C 264 -20.99 -3.70 66.17
N ARG D 114 8.73 -12.10 78.02
CA ARG D 114 9.63 -10.99 77.70
C ARG D 114 10.76 -11.50 76.85
N LEU D 115 10.71 -12.80 76.55
CA LEU D 115 11.71 -13.48 75.74
C LEU D 115 10.87 -14.15 74.71
N PHE D 116 11.33 -14.08 73.47
CA PHE D 116 10.65 -14.63 72.32
C PHE D 116 11.62 -15.44 71.50
N ASP D 117 11.10 -16.50 70.89
CA ASP D 117 11.91 -17.37 70.03
C ASP D 117 12.21 -16.74 68.67
N VAL D 118 13.39 -17.04 68.15
CA VAL D 118 13.75 -16.62 66.83
C VAL D 118 13.84 -17.98 66.12
N LYS D 119 13.01 -18.17 65.10
CA LYS D 119 12.94 -19.44 64.36
C LYS D 119 13.56 -19.41 62.97
N ASN D 120 14.10 -20.55 62.57
CA ASN D 120 14.70 -20.66 61.24
C ASN D 120 13.56 -20.96 60.26
N GLU D 121 13.85 -21.17 58.98
CA GLU D 121 12.76 -21.46 58.02
C GLU D 121 12.08 -22.78 58.33
N ASP D 122 12.78 -23.66 59.04
CA ASP D 122 12.25 -24.96 59.38
C ASP D 122 11.48 -24.91 60.70
N GLY D 123 11.32 -23.70 61.24
CA GLY D 123 10.61 -23.55 62.49
C GLY D 123 11.39 -23.80 63.75
N ASP D 124 12.61 -24.29 63.63
CA ASP D 124 13.44 -24.57 64.80
C ASP D 124 13.97 -23.30 65.47
N VAL D 125 14.06 -23.33 66.79
CA VAL D 125 14.55 -22.20 67.59
C VAL D 125 16.06 -22.09 67.52
N ILE D 126 16.54 -21.03 66.90
CA ILE D 126 17.97 -20.80 66.74
C ILE D 126 18.49 -19.60 67.57
N GLY D 127 17.63 -19.04 68.43
CA GLY D 127 18.02 -17.91 69.22
C GLY D 127 16.82 -17.24 69.87
N HIS D 128 17.07 -16.13 70.57
CA HIS D 128 16.03 -15.41 71.31
C HIS D 128 16.15 -13.89 71.21
N ALA D 129 14.99 -13.25 71.35
CA ALA D 129 14.82 -11.82 71.32
C ALA D 129 14.31 -11.49 72.72
N LEU D 130 14.60 -10.29 73.19
CA LEU D 130 14.28 -9.88 74.55
C LEU D 130 13.66 -8.50 74.60
N ALA D 131 12.65 -8.35 75.44
CA ALA D 131 11.96 -7.07 75.62
C ALA D 131 12.62 -6.52 76.86
N MET D 132 13.38 -5.44 76.71
CA MET D 132 14.09 -4.86 77.83
C MET D 132 14.33 -3.39 77.59
N GLU D 133 14.18 -2.59 78.64
CA GLU D 133 14.38 -1.14 78.56
C GLU D 133 13.76 -0.41 77.36
N GLY D 134 12.50 -0.72 77.06
CA GLY D 134 11.83 -0.05 75.97
C GLY D 134 12.01 -0.62 74.58
N LYS D 135 12.83 -1.64 74.44
CA LYS D 135 13.01 -2.21 73.12
C LYS D 135 13.16 -3.72 73.02
N VAL D 136 12.97 -4.21 71.80
CA VAL D 136 13.14 -5.61 71.49
C VAL D 136 14.59 -5.66 71.01
N MET D 137 15.34 -6.67 71.43
CA MET D 137 16.71 -6.75 70.99
C MET D 137 17.06 -8.21 70.83
N LYS D 138 17.90 -8.50 69.84
CA LYS D 138 18.34 -9.84 69.58
C LYS D 138 19.76 -9.78 69.01
N PRO D 139 20.51 -10.87 69.14
CA PRO D 139 21.87 -10.91 68.61
C PRO D 139 21.76 -10.89 67.08
N LEU D 140 22.58 -10.10 66.42
CA LEU D 140 22.50 -10.00 64.97
C LEU D 140 22.85 -11.30 64.23
N HIS D 141 23.77 -12.08 64.80
CA HIS D 141 24.18 -13.30 64.13
C HIS D 141 23.08 -14.36 64.07
N VAL D 142 22.03 -14.18 64.85
CA VAL D 142 20.90 -15.10 64.87
C VAL D 142 19.97 -14.70 63.71
N LYS D 143 20.11 -15.36 62.56
CA LYS D 143 19.33 -15.05 61.37
C LYS D 143 18.02 -15.84 61.26
N GLY D 144 16.93 -15.25 61.75
CA GLY D 144 15.64 -15.92 61.70
C GLY D 144 14.49 -14.96 61.96
N THR D 145 13.31 -15.51 62.23
CA THR D 145 12.11 -14.70 62.46
C THR D 145 11.68 -14.77 63.89
N ILE D 146 11.35 -13.62 64.45
CA ILE D 146 10.87 -13.53 65.82
C ILE D 146 9.46 -14.13 65.86
N ASP D 147 9.29 -15.15 66.70
CA ASP D 147 8.02 -15.85 66.88
C ASP D 147 6.98 -14.96 67.58
N HIS D 148 6.52 -13.93 66.88
CA HIS D 148 5.53 -13.01 67.42
C HIS D 148 4.91 -12.19 66.28
N PRO D 149 3.55 -12.11 66.25
CA PRO D 149 2.86 -11.35 65.20
C PRO D 149 3.26 -9.87 65.06
N VAL D 150 3.50 -9.19 66.18
CA VAL D 150 3.89 -7.77 66.10
C VAL D 150 5.38 -7.57 65.87
N LEU D 151 6.19 -8.11 66.77
CA LEU D 151 7.65 -7.97 66.72
C LEU D 151 8.29 -8.43 65.42
N SER D 152 7.64 -9.36 64.72
CA SER D 152 8.20 -9.81 63.45
C SER D 152 8.03 -8.75 62.33
N LYS D 153 7.12 -7.80 62.53
CA LYS D 153 6.87 -6.77 61.54
C LYS D 153 7.59 -5.44 61.78
N LEU D 154 8.49 -5.41 62.77
CA LEU D 154 9.24 -4.20 63.11
C LEU D 154 10.51 -4.18 62.29
N LYS D 155 11.01 -2.98 61.97
CA LYS D 155 12.25 -2.88 61.21
C LYS D 155 13.35 -2.63 62.24
N PHE D 156 14.36 -3.49 62.24
CA PHE D 156 15.44 -3.40 63.20
C PHE D 156 16.62 -2.55 62.74
N THR D 157 17.27 -1.96 63.73
CA THR D 157 18.44 -1.12 63.55
C THR D 157 19.62 -1.91 64.13
N LYS D 158 20.61 -2.17 63.28
CA LYS D 158 21.81 -2.91 63.65
C LYS D 158 22.78 -2.13 64.55
N SER D 159 23.39 -2.85 65.48
CA SER D 159 24.39 -2.28 66.38
C SER D 159 25.50 -3.32 66.29
N SER D 160 25.98 -3.46 65.04
CA SER D 160 27.00 -4.39 64.62
C SER D 160 28.23 -4.59 65.47
N ALA D 161 28.80 -3.51 66.02
CA ALA D 161 29.98 -3.62 66.87
C ALA D 161 29.70 -4.46 68.11
N TYR D 162 28.41 -4.59 68.43
CA TYR D 162 27.97 -5.36 69.59
C TYR D 162 27.20 -6.62 69.27
N ASP D 163 27.17 -6.98 67.98
CA ASP D 163 26.43 -8.15 67.51
C ASP D 163 24.98 -8.11 67.97
N MET D 164 24.39 -6.92 68.00
CA MET D 164 23.00 -6.76 68.42
C MET D 164 22.20 -6.06 67.33
N GLU D 165 20.89 -6.21 67.43
CA GLU D 165 19.90 -5.64 66.51
C GLU D 165 18.71 -5.25 67.40
N PHE D 166 18.18 -4.04 67.24
CA PHE D 166 17.06 -3.58 68.10
C PHE D 166 15.90 -2.83 67.42
N ALA D 167 14.77 -2.78 68.11
CA ALA D 167 13.59 -2.09 67.63
C ALA D 167 12.82 -1.61 68.86
N GLN D 168 12.06 -0.52 68.72
CA GLN D 168 11.29 -0.01 69.83
C GLN D 168 10.12 -0.92 70.09
N LEU D 169 9.86 -1.18 71.36
CA LEU D 169 8.76 -2.05 71.75
C LEU D 169 7.41 -1.37 71.56
N PRO D 170 6.41 -2.11 71.10
CA PRO D 170 5.09 -1.48 70.94
C PRO D 170 4.65 -0.98 72.34
N VAL D 171 3.75 0.00 72.39
CA VAL D 171 3.30 0.56 73.67
C VAL D 171 2.86 -0.48 74.72
N ASN D 172 2.10 -1.50 74.30
CA ASN D 172 1.63 -2.53 75.24
C ASN D 172 2.71 -3.40 75.89
N MET D 173 3.85 -3.56 75.22
CA MET D 173 4.93 -4.38 75.76
C MET D 173 5.93 -3.63 76.65
N ARG D 174 5.89 -2.31 76.58
CA ARG D 174 6.82 -1.49 77.35
C ARG D 174 6.62 -1.61 78.84
N SER D 175 5.42 -2.03 79.23
CA SER D 175 5.03 -2.17 80.64
C SER D 175 5.92 -3.09 81.45
N GLU D 176 5.85 -4.39 81.17
CA GLU D 176 6.64 -5.34 81.92
C GLU D 176 7.95 -5.79 81.27
N ALA D 177 8.53 -4.93 80.46
CA ALA D 177 9.80 -5.26 79.79
C ALA D 177 10.85 -5.45 80.90
N PHE D 178 11.91 -6.20 80.62
CA PHE D 178 12.95 -6.44 81.63
C PHE D 178 13.65 -5.15 82.00
N THR D 179 14.12 -5.10 83.25
CA THR D 179 14.88 -3.97 83.75
C THR D 179 16.36 -4.37 83.71
N TYR D 180 17.24 -3.50 83.22
CA TYR D 180 18.67 -3.80 83.18
C TYR D 180 19.43 -3.08 84.29
N THR D 181 20.45 -3.72 84.84
CA THR D 181 21.31 -3.10 85.85
C THR D 181 22.78 -3.37 85.54
N SER D 182 23.59 -2.32 85.62
CA SER D 182 25.02 -2.40 85.38
C SER D 182 25.72 -2.79 86.69
N GLU D 183 24.99 -2.76 87.79
CA GLU D 183 25.58 -3.14 89.06
C GLU D 183 25.39 -4.63 89.24
N HIS D 184 26.49 -5.36 89.11
CA HIS D 184 26.49 -6.80 89.24
C HIS D 184 27.85 -7.30 89.70
N PRO D 185 28.10 -7.21 91.04
CA PRO D 185 29.35 -7.63 91.67
C PRO D 185 29.60 -9.13 91.54
N GLU D 186 30.83 -9.55 91.84
CA GLU D 186 31.21 -10.95 91.74
C GLU D 186 30.27 -11.81 92.54
N GLY D 187 29.98 -12.99 92.01
CA GLY D 187 29.09 -13.89 92.69
C GLY D 187 28.36 -14.80 91.74
N PHE D 188 27.21 -15.27 92.17
CA PHE D 188 26.42 -16.19 91.38
C PHE D 188 25.13 -15.60 90.86
N TYR D 189 24.94 -15.77 89.57
CA TYR D 189 23.79 -15.30 88.86
C TYR D 189 23.06 -16.52 88.32
N ASN D 190 22.04 -16.33 87.49
CA ASN D 190 21.29 -17.44 86.95
C ASN D 190 20.80 -17.14 85.54
N TRP D 191 20.60 -18.18 84.76
CA TRP D 191 20.05 -18.04 83.43
C TRP D 191 19.25 -19.30 83.24
N HIS D 192 18.64 -19.44 82.09
CA HIS D 192 17.80 -20.57 81.82
C HIS D 192 18.34 -21.96 82.19
N HIS D 193 19.63 -22.19 81.98
CA HIS D 193 20.24 -23.51 82.24
C HIS D 193 20.93 -23.76 83.58
N GLY D 194 20.82 -22.83 84.51
CA GLY D 194 21.43 -23.03 85.81
C GLY D 194 22.16 -21.82 86.36
N ALA D 195 23.05 -22.11 87.30
CA ALA D 195 23.84 -21.09 87.97
C ALA D 195 24.89 -20.57 87.01
N VAL D 196 25.20 -19.28 87.18
CA VAL D 196 26.19 -18.62 86.36
C VAL D 196 27.10 -17.93 87.36
N GLN D 197 28.40 -18.07 87.17
CA GLN D 197 29.36 -17.43 88.07
C GLN D 197 29.92 -16.22 87.37
N TYR D 198 30.08 -15.14 88.12
CA TYR D 198 30.66 -13.92 87.59
C TYR D 198 31.87 -13.61 88.46
N SER D 199 33.06 -13.66 87.88
CA SER D 199 34.29 -13.41 88.63
C SER D 199 35.37 -12.93 87.68
N GLY D 200 36.24 -12.03 88.15
CA GLY D 200 37.31 -11.51 87.33
C GLY D 200 36.78 -10.95 86.03
N GLY D 201 35.62 -10.29 86.10
CA GLY D 201 35.00 -9.72 84.90
C GLY D 201 34.44 -10.72 83.89
N ARG D 202 34.29 -11.98 84.28
CA ARG D 202 33.78 -12.98 83.34
C ARG D 202 32.64 -13.82 83.90
N PHE D 203 31.68 -14.12 83.03
CA PHE D 203 30.53 -14.95 83.37
C PHE D 203 30.85 -16.38 82.87
N THR D 204 30.91 -17.36 83.77
CA THR D 204 31.20 -18.74 83.40
C THR D 204 30.08 -19.67 83.83
N ILE D 205 29.93 -20.73 83.06
CA ILE D 205 28.92 -21.77 83.33
C ILE D 205 29.67 -23.10 83.18
N PRO D 206 29.05 -24.21 83.64
CA PRO D 206 29.68 -25.52 83.53
C PRO D 206 29.82 -25.90 82.05
N ARG D 207 30.81 -26.74 81.74
CA ARG D 207 31.04 -27.18 80.36
C ARG D 207 29.92 -28.14 79.94
N GLY D 208 29.52 -28.07 78.69
CA GLY D 208 28.47 -28.93 78.18
C GLY D 208 27.07 -28.58 78.59
N VAL D 209 26.84 -27.32 78.94
CA VAL D 209 25.53 -26.88 79.39
C VAL D 209 24.87 -25.92 78.38
N GLY D 210 25.65 -24.97 77.85
CA GLY D 210 25.08 -24.02 76.90
C GLY D 210 25.47 -24.31 75.46
N GLY D 211 24.59 -23.97 74.52
CA GLY D 211 24.89 -24.23 73.13
C GLY D 211 23.92 -23.60 72.14
N ARG D 212 23.77 -24.26 70.99
CA ARG D 212 22.91 -23.78 69.91
C ARG D 212 21.53 -23.40 70.39
N GLY D 213 21.13 -22.20 70.01
CA GLY D 213 19.81 -21.69 70.36
C GLY D 213 19.79 -20.81 71.57
N ASP D 214 20.86 -20.84 72.36
CA ASP D 214 20.95 -20.05 73.59
C ASP D 214 21.35 -18.61 73.43
N SER D 215 21.72 -18.19 72.22
CA SER D 215 22.08 -16.80 72.02
C SER D 215 20.81 -15.92 72.11
N GLY D 216 20.87 -14.89 72.93
CA GLY D 216 19.74 -14.02 73.12
C GLY D 216 19.19 -14.10 74.53
N ARG D 217 19.54 -15.18 75.23
CA ARG D 217 19.07 -15.43 76.60
C ARG D 217 19.75 -14.48 77.57
N PRO D 218 19.01 -13.99 78.58
CA PRO D 218 19.58 -13.06 79.58
C PRO D 218 20.21 -13.76 80.77
N ILE D 219 21.11 -13.04 81.44
CA ILE D 219 21.70 -13.56 82.66
C ILE D 219 20.98 -12.66 83.67
N MET D 220 20.35 -13.30 84.66
CA MET D 220 19.57 -12.62 85.68
C MET D 220 20.22 -12.61 87.02
N ASP D 221 19.85 -11.62 87.82
CA ASP D 221 20.35 -11.48 89.18
C ASP D 221 19.22 -11.92 90.14
N ASN D 222 19.48 -11.89 91.45
CA ASN D 222 18.50 -12.29 92.45
C ASN D 222 17.26 -11.42 92.59
N SER D 223 17.16 -10.34 91.82
CA SER D 223 15.98 -9.49 91.91
C SER D 223 15.16 -9.47 90.62
N GLY D 224 15.45 -10.37 89.69
CA GLY D 224 14.70 -10.39 88.45
C GLY D 224 15.12 -9.35 87.42
N ARG D 225 16.30 -8.76 87.61
CA ARG D 225 16.87 -7.76 86.69
C ARG D 225 17.87 -8.45 85.77
N VAL D 226 18.03 -7.90 84.57
CA VAL D 226 18.97 -8.42 83.58
C VAL D 226 20.36 -7.79 83.75
N VAL D 227 21.36 -8.68 83.81
CA VAL D 227 22.75 -8.33 84.03
C VAL D 227 23.64 -8.45 82.77
N ALA D 228 23.17 -9.20 81.79
CA ALA D 228 23.93 -9.41 80.58
C ALA D 228 23.11 -10.22 79.60
N ILE D 229 23.55 -10.19 78.34
CA ILE D 229 22.93 -10.94 77.27
C ILE D 229 24.00 -11.88 76.68
N VAL D 230 23.70 -13.17 76.64
CA VAL D 230 24.57 -14.22 76.09
C VAL D 230 24.58 -14.22 74.54
N LEU D 231 25.78 -14.16 73.97
CA LEU D 231 25.95 -14.18 72.52
C LEU D 231 26.49 -15.52 72.08
N GLY D 232 27.23 -16.16 72.98
CA GLY D 232 27.82 -17.46 72.72
C GLY D 232 28.77 -17.80 73.85
N GLY D 233 29.69 -18.72 73.61
CA GLY D 233 30.61 -19.10 74.67
C GLY D 233 31.90 -19.73 74.18
N ALA D 234 32.84 -19.84 75.10
CA ALA D 234 34.14 -20.41 74.82
C ALA D 234 34.41 -21.56 75.79
N ASP D 235 34.32 -22.75 75.23
CA ASP D 235 34.60 -23.99 75.94
C ASP D 235 36.09 -23.94 76.30
N GLU D 236 36.38 -23.80 77.60
CA GLU D 236 37.75 -23.72 78.08
C GLU D 236 38.09 -25.02 78.80
N GLY D 237 37.62 -26.13 78.24
CA GLY D 237 37.87 -27.44 78.83
C GLY D 237 37.13 -27.69 80.12
N THR D 238 37.49 -26.97 81.19
CA THR D 238 36.85 -27.18 82.47
C THR D 238 35.53 -26.42 82.65
N ARG D 239 35.51 -25.17 82.20
CA ARG D 239 34.33 -24.32 82.30
C ARG D 239 34.13 -23.68 80.95
N THR D 240 32.93 -23.11 80.76
CA THR D 240 32.60 -22.41 79.53
C THR D 240 32.46 -20.90 79.83
N ALA D 241 33.34 -20.10 79.20
CA ALA D 241 33.32 -18.66 79.38
C ALA D 241 32.34 -18.04 78.38
N LEU D 242 31.49 -17.13 78.84
CA LEU D 242 30.49 -16.56 77.94
C LEU D 242 30.87 -15.26 77.26
N SER D 243 30.39 -15.10 76.03
CA SER D 243 30.55 -13.87 75.26
C SER D 243 29.23 -13.17 75.59
N VAL D 244 29.30 -11.96 76.13
CA VAL D 244 28.12 -11.26 76.57
C VAL D 244 28.03 -9.78 76.21
N VAL D 245 26.80 -9.27 76.17
CA VAL D 245 26.59 -7.85 75.91
C VAL D 245 26.14 -7.30 77.24
N THR D 246 26.75 -6.21 77.68
CA THR D 246 26.40 -5.56 78.93
C THR D 246 26.38 -4.05 78.63
N TRP D 247 26.07 -3.28 79.66
CA TRP D 247 26.02 -1.82 79.60
C TRP D 247 26.66 -1.29 80.87
N ASN D 248 27.38 -0.17 80.78
CA ASN D 248 27.98 0.40 82.00
C ASN D 248 27.04 1.39 82.70
N SER D 249 27.52 2.05 83.75
CA SER D 249 26.67 2.98 84.50
C SER D 249 26.03 4.07 83.64
N LYS D 250 26.77 4.55 82.65
CA LYS D 250 26.28 5.59 81.76
C LYS D 250 25.37 5.05 80.68
N GLY D 251 25.21 3.72 80.64
CA GLY D 251 24.34 3.12 79.64
C GLY D 251 25.02 2.85 78.33
N LYS D 252 26.35 2.83 78.34
CA LYS D 252 27.12 2.56 77.13
C LYS D 252 27.24 1.04 76.89
N THR D 253 27.03 0.63 75.64
CA THR D 253 27.11 -0.77 75.26
C THR D 253 28.54 -1.30 75.31
N ILE D 254 28.68 -2.53 75.79
CA ILE D 254 29.96 -3.21 75.91
C ILE D 254 29.74 -4.64 75.40
N LYS D 255 30.73 -5.17 74.71
CA LYS D 255 30.67 -6.55 74.22
C LYS D 255 31.96 -7.21 74.66
N THR D 256 31.86 -8.23 75.50
CA THR D 256 33.04 -8.94 75.97
C THR D 256 33.07 -10.32 75.35
N THR D 257 34.19 -10.66 74.71
CA THR D 257 34.32 -11.95 74.05
C THR D 257 35.60 -12.71 74.40
N PRO D 258 35.46 -13.88 75.04
CA PRO D 258 36.63 -14.70 75.41
C PRO D 258 37.22 -15.33 74.15
N GLU D 259 38.52 -15.63 74.14
CA GLU D 259 39.13 -16.29 72.99
C GLU D 259 38.54 -17.70 72.92
N GLY D 260 38.27 -18.17 71.72
CA GLY D 260 37.72 -19.51 71.58
C GLY D 260 36.21 -19.45 71.56
N THR D 261 35.66 -18.26 71.55
CA THR D 261 34.21 -18.10 71.53
C THR D 261 33.59 -18.54 70.23
N GLU D 262 32.51 -19.28 70.37
CA GLU D 262 31.74 -19.78 69.26
C GLU D 262 30.36 -19.15 69.43
N GLU D 263 29.91 -18.39 68.43
CA GLU D 263 28.60 -17.73 68.49
C GLU D 263 27.54 -18.78 68.29
N TRP D 264 26.89 -19.17 69.39
CA TRP D 264 25.86 -20.20 69.37
C TRP D 264 24.78 -20.01 68.28
CA MET E 26 -58.10 -16.82 -14.43
CA LYS E 27 -58.91 -13.83 -12.18
CA GLN E 28 -60.67 -16.28 -10.02
CA LEU E 29 -57.86 -18.91 -10.09
CA GLU E 30 -55.65 -16.02 -8.86
CA ASP E 31 -58.06 -15.49 -5.87
CA LYS E 32 -58.40 -19.25 -4.83
CA VAL E 33 -54.47 -19.04 -4.86
CA GLU E 34 -54.53 -15.83 -2.71
CA GLU E 35 -56.96 -16.99 0.05
CA LEU E 36 -55.25 -20.32 0.34
CA LEU E 37 -52.04 -18.51 1.24
CA SER E 38 -53.85 -16.22 3.81
CA LYS E 39 -55.42 -19.44 5.25
CA ASN E 40 -51.87 -21.18 5.42
CA TYR E 41 -50.54 -17.91 7.09
CA HIS E 42 -53.20 -17.90 9.89
CA LEU E 43 -53.23 -21.63 10.22
CA GLU E 44 -49.41 -22.17 10.80
CA ASN E 45 -49.43 -19.21 13.31
CA GLU E 46 -52.41 -20.81 15.11
CA VAL E 47 -50.44 -24.07 15.30
CA ALA E 48 -47.34 -22.21 16.64
CA ARG E 49 -49.54 -20.54 19.39
CA LEU E 50 -51.25 -23.79 20.67
CA LYS E 51 -47.91 -25.55 20.06
CA LYS E 52 -46.24 -23.23 22.55
CA LEU E 53 -48.61 -24.04 25.54
CA MET F 26 -52.67 -21.27 -15.80
CA LYS F 27 -51.29 -24.76 -15.13
CA GLN F 28 -48.74 -23.18 -12.73
CA LEU F 29 -51.43 -21.69 -10.42
CA GLU F 30 -53.72 -24.73 -10.48
CA ASP F 31 -50.89 -26.94 -9.16
CA LYS F 32 -50.45 -24.37 -6.33
CA VAL F 33 -54.30 -24.53 -5.62
CA GLU F 34 -53.90 -28.38 -5.17
CA GLU F 35 -50.57 -27.98 -3.15
CA LEU F 36 -51.82 -25.26 -0.78
CA LEU F 37 -55.05 -27.15 -0.20
CA SER F 38 -53.10 -30.02 0.91
CA LYS F 39 -50.83 -28.30 3.30
CA ASN F 40 -53.78 -26.61 4.97
CA TYR F 41 -55.83 -29.82 5.76
CA HIS F 42 -52.75 -31.20 7.56
CA LEU F 43 -52.50 -28.04 9.57
CA GLU F 44 -56.26 -27.96 10.33
CA ASN F 45 -55.81 -31.62 11.73
CA GLU F 46 -52.71 -30.56 13.81
CA VAL F 47 -54.75 -27.70 15.16
CA ALA F 48 -57.58 -30.11 16.19
CA ARG F 49 -55.10 -32.32 17.86
CA LEU F 50 -53.22 -29.59 19.82
CA LYS F 51 -56.65 -28.11 20.90
CA LYS F 52 -57.48 -31.70 22.23
CA LEU F 53 -54.12 -32.18 23.90
CA MET G 26 27.78 -32.08 -10.30
CA LYS G 27 28.36 -35.86 -10.53
CA GLN G 28 29.46 -35.63 -6.98
CA LEU G 29 26.52 -33.41 -5.84
CA GLU G 30 24.33 -36.19 -7.34
CA ASP G 31 26.14 -38.77 -5.05
CA LYS G 32 25.96 -36.71 -1.73
CA VAL G 33 22.15 -36.54 -2.68
CA GLU G 34 22.03 -40.36 -3.27
CA GLU G 35 23.76 -41.53 -0.02
CA LEU G 36 21.76 -39.12 2.05
CA LEU G 37 18.59 -40.81 0.85
CA SER G 38 20.02 -44.36 1.53
CA LYS G 39 21.02 -43.07 5.02
CA ASN G 40 17.37 -41.61 5.58
CA TYR G 41 15.99 -45.04 4.34
CA HIS G 42 18.03 -47.12 6.88
CA LEU G 43 17.70 -44.58 9.60
CA GLU G 44 13.81 -44.27 9.61
CA ASN G 45 13.56 -48.14 9.44
CA GLU G 46 15.98 -48.40 12.40
CA VAL G 47 13.77 -45.96 14.32
CA ALA G 48 10.60 -47.97 13.41
CA ARG G 49 12.34 -51.23 14.72
CA LEU G 50 13.49 -49.81 18.14
CA LYS G 51 10.22 -47.83 18.21
CA LYS G 52 8.27 -51.08 18.11
CA LEU G 53 9.92 -52.66 21.27
CA MET H 26 22.41 -27.45 -9.40
CA LYS H 27 20.66 -25.20 -6.87
CA GLN H 28 17.82 -27.77 -6.72
CA LEU H 29 20.09 -30.63 -5.52
CA GLU H 30 22.11 -28.51 -3.07
CA ASP H 31 18.90 -27.54 -1.22
CA LYS H 32 18.09 -31.29 -0.99
CA VAL H 33 21.70 -31.95 0.40
CA GLU H 34 20.92 -29.37 3.21
CA GLU H 35 17.30 -30.76 3.72
CA LEU H 36 18.25 -34.44 3.86
CA LEU H 37 21.15 -33.69 6.19
CA SER H 38 18.79 -32.14 8.51
CA LYS H 39 16.22 -34.85 8.61
CA ASN H 40 18.91 -37.44 9.28
CA TYR H 41 20.49 -35.75 12.39
CA HIS H 42 17.02 -35.68 13.99
CA LEU H 43 16.61 -39.34 13.27
CA GLU H 44 20.14 -40.21 14.53
CA ASN H 45 19.13 -38.40 17.88
CA GLU H 46 15.77 -40.33 18.04
CA VAL H 47 17.72 -43.50 17.51
CA ALA H 48 20.09 -42.63 20.43
CA ARG H 49 17.15 -41.92 22.59
CA LEU H 50 15.14 -45.10 21.80
CA LYS H 51 18.39 -47.19 22.27
CA LYS H 52 18.64 -45.47 25.79
CA LEU H 53 14.99 -45.97 26.64
CA MET I 26 -32.81 16.53 2.11
CA LYS I 27 -36.45 16.96 3.21
CA GLN I 28 -36.21 13.46 4.45
CA LEU I 29 -32.79 13.94 6.17
CA GLU I 30 -34.54 16.84 7.98
CA ASP I 31 -37.28 14.37 9.21
CA LYS I 32 -34.89 11.51 10.40
CA VAL I 33 -33.21 14.48 12.37
CA GLU I 34 -36.64 15.61 13.75
CA GLU I 35 -37.96 12.20 14.98
CA LEU I 36 -34.65 11.34 16.54
CA LEU I 37 -34.95 14.43 18.73
CA SER I 38 -38.62 13.60 19.67
CA LYS I 39 -37.40 10.04 20.50
CA ASN I 40 -34.44 11.50 22.69
CA TYR I 41 -37.07 13.83 24.38
CA HIS I 42 -39.44 10.95 25.36
CA LEU I 43 -36.64 8.58 26.12
CA GLU I 44 -34.67 10.81 28.64
CA ASN I 45 -38.03 11.69 30.38
CA GLU I 46 -38.87 7.95 30.58
CA VAL I 47 -35.47 7.35 32.17
CA ALA I 48 -36.01 10.25 34.67
CA ARG I 49 -39.47 8.70 35.65
CA LEU I 50 -38.20 5.08 36.27
CA LYS I 51 -35.01 6.64 37.70
CA LYS I 52 -37.07 8.36 40.37
CA LEU I 53 -38.73 5.13 41.78
CA MET J 26 -26.23 18.24 4.31
CA LYS J 27 -23.10 16.92 6.03
CA GLN J 28 -24.13 18.87 9.17
CA LEU J 29 -27.48 17.03 9.55
CA GLU J 30 -26.13 13.58 8.71
CA ASP J 31 -23.59 13.83 11.58
CA LYS J 32 -26.55 14.69 13.87
CA VAL J 33 -28.49 11.58 12.52
CA GLU J 34 -25.45 9.40 13.59
CA GLU J 35 -25.02 11.34 16.97
CA LEU J 36 -28.70 11.25 17.98
CA LEU J 37 -28.94 7.58 17.04
CA SER J 38 -26.22 6.88 19.36
CA LYS J 39 -27.48 8.72 22.34
CA ASN J 40 -30.85 7.02 22.02
CA TYR J 41 -29.58 3.36 22.04
CA HIS J 42 -27.79 4.12 25.33
CA LEU J 43 -30.96 5.49 26.77
CA GLU J 44 -33.09 2.56 25.46
CA ASN J 45 -30.56 0.21 27.34
CA GLU J 46 -30.77 2.34 30.57
CA VAL J 47 -34.52 2.12 30.29
CA ALA J 48 -34.35 -1.73 30.01
CA ARG J 49 -32.12 -1.84 32.99
CA LEU J 50 -34.20 0.46 35.27
CA LYS J 51 -37.39 -1.49 34.23
CA LYS J 52 -35.46 -4.70 35.39
CA LEU J 53 -34.19 -3.15 38.60
CA MET K 26 38.51 34.69 29.91
CA LYS K 27 40.63 35.89 32.86
CA GLN K 28 37.60 35.29 34.93
CA LEU K 29 36.79 31.85 33.40
CA GLU K 30 40.39 30.98 34.41
CA ASP K 31 39.57 31.99 38.07
CA LYS K 32 36.16 30.10 38.36
CA VAL K 33 38.36 27.09 37.11
CA GLU K 34 41.07 27.83 39.78
CA GLU K 35 38.78 28.15 42.87
CA LEU K 36 36.81 25.10 41.90
CA LEU K 37 40.00 23.07 42.06
CA SER K 38 41.00 24.60 45.49
CA LYS K 39 37.42 23.77 46.67
CA ASN K 40 37.76 20.07 45.31
CA TYR K 41 41.22 19.91 47.10
CA HIS K 42 39.82 20.95 50.54
CA LEU K 43 36.62 19.08 50.09
CA GLU K 44 38.12 15.57 49.28
CA ASN K 45 40.61 16.04 52.21
CA GLU K 46 37.68 16.95 54.51
CA VAL K 47 35.91 13.79 53.38
CA ALA K 48 39.08 11.67 53.98
CA ARG K 49 39.34 13.15 57.59
CA LEU K 50 35.68 12.49 58.65
CA LYS K 51 35.88 9.24 56.64
CA LYS K 52 38.70 8.05 58.88
CA LEU K 53 36.76 8.40 62.24
CA MET L 26 37.50 28.81 25.97
CA LYS L 27 35.22 25.81 25.41
CA GLN L 28 37.86 23.62 27.13
CA LEU L 29 37.73 25.56 30.44
CA GLU L 30 33.95 25.97 30.50
CA ASP L 31 33.49 22.17 30.35
CA LYS L 32 35.88 21.94 33.34
CA VAL L 33 33.76 24.65 35.21
CA GLU L 34 30.66 22.34 34.70
CA GLU L 35 32.69 19.11 35.58
CA LEU L 36 34.36 20.48 38.73
CA LEU L 37 31.07 21.94 39.93
CA SER L 38 29.60 18.60 39.71
CA LYS L 39 32.22 16.69 41.54
CA ASN L 40 32.12 19.19 44.39
CA TYR L 41 28.32 18.99 45.12
CA HIS L 42 28.70 15.21 45.50
CA LEU L 43 31.51 15.73 47.93
CA GLU L 44 29.63 18.46 49.87
CA ASN L 45 26.71 15.84 50.26
CA GLU L 46 29.18 13.08 51.39
CA VAL L 47 30.57 15.54 53.89
CA ALA L 48 27.04 16.25 55.26
CA ARG L 49 26.41 12.59 55.54
CA LEU L 50 29.69 11.64 57.31
CA LYS L 51 29.18 14.65 59.72
CA LYS L 52 25.66 13.09 60.47
CA LEU L 53 26.97 9.56 60.83
CA TYR M 1 -28.66 16.91 -27.10
N GLU M 2 -27.33 14.72 -24.98
CA GLU M 2 -26.64 13.41 -24.79
C GLU M 2 -27.63 12.35 -24.32
N HIS M 3 -28.16 11.57 -25.26
CA HIS M 3 -29.13 10.53 -24.94
C HIS M 3 -28.69 9.16 -25.48
N ALA M 4 -29.38 8.11 -25.02
CA ALA M 4 -29.09 6.73 -25.44
C ALA M 4 -30.09 5.74 -24.84
N THR M 5 -30.93 5.17 -25.70
CA THR M 5 -31.95 4.21 -25.27
C THR M 5 -31.84 2.90 -26.06
N THR M 6 -32.10 1.79 -25.39
CA THR M 6 -32.05 0.46 -26.00
C THR M 6 -33.27 0.23 -26.91
N VAL M 7 -33.02 -0.26 -28.12
CA VAL M 7 -34.07 -0.53 -29.10
C VAL M 7 -33.82 -1.89 -29.76
N PRO M 8 -34.69 -2.89 -29.50
CA PRO M 8 -34.56 -4.24 -30.07
C PRO M 8 -34.65 -4.38 -31.59
N ASN M 9 -34.56 -5.63 -32.07
CA ASN M 9 -34.60 -5.93 -33.50
C ASN M 9 -35.87 -6.69 -33.96
N VAL M 10 -37.00 -6.01 -34.01
CA VAL M 10 -38.24 -6.62 -34.46
C VAL M 10 -39.06 -5.63 -35.28
N PRO M 11 -39.13 -5.85 -36.61
CA PRO M 11 -39.87 -4.99 -37.55
C PRO M 11 -41.38 -4.88 -37.24
N GLN M 12 -41.99 -3.84 -37.80
CA GLN M 12 -43.42 -3.57 -37.62
C GLN M 12 -43.82 -3.24 -36.19
N ILE M 13 -42.83 -3.00 -35.33
CA ILE M 13 -43.11 -2.67 -33.93
C ILE M 13 -42.67 -1.23 -33.62
N PRO M 14 -43.63 -0.34 -33.39
CA PRO M 14 -43.32 1.06 -33.07
C PRO M 14 -42.67 1.16 -31.69
N TYR M 15 -41.52 1.81 -31.63
CA TYR M 15 -40.78 1.96 -30.39
C TYR M 15 -40.99 3.35 -29.79
N LYS M 16 -41.19 3.41 -28.48
CA LYS M 16 -41.40 4.68 -27.80
C LYS M 16 -40.52 4.87 -26.57
N ALA M 17 -39.62 5.84 -26.65
CA ALA M 17 -38.72 6.17 -25.56
C ALA M 17 -39.13 7.52 -24.97
N LEU M 18 -38.63 7.84 -23.79
CA LEU M 18 -38.96 9.12 -23.14
C LEU M 18 -37.75 9.92 -22.67
N VAL M 19 -37.80 11.22 -22.91
CA VAL M 19 -36.73 12.13 -22.51
C VAL M 19 -37.08 12.72 -21.14
N GLU M 20 -36.28 12.42 -20.13
CA GLU M 20 -36.52 12.94 -18.79
C GLU M 20 -35.60 14.09 -18.40
N ARG M 21 -35.68 15.18 -19.16
CA ARG M 21 -34.87 16.37 -18.90
C ARG M 21 -35.53 17.34 -17.93
N ALA M 22 -34.73 18.21 -17.33
CA ALA M 22 -35.22 19.21 -16.38
C ALA M 22 -35.39 20.54 -17.10
N GLY M 23 -36.62 21.06 -17.08
CA GLY M 23 -36.89 22.33 -17.75
C GLY M 23 -37.72 22.16 -19.00
N TYR M 24 -37.05 21.93 -20.13
CA TYR M 24 -37.71 21.75 -21.42
C TYR M 24 -38.74 20.61 -21.43
N ALA M 25 -39.70 20.69 -22.36
CA ALA M 25 -40.74 19.69 -22.48
C ALA M 25 -40.18 18.34 -22.92
N PRO M 26 -40.57 17.26 -22.21
CA PRO M 26 -40.11 15.90 -22.52
C PRO M 26 -40.54 15.50 -23.93
N LEU M 27 -39.58 15.35 -24.83
CA LEU M 27 -39.87 14.98 -26.20
C LEU M 27 -40.34 13.55 -26.39
N ASN M 28 -40.91 13.29 -27.56
CA ASN M 28 -41.41 11.97 -27.94
C ASN M 28 -40.36 11.36 -28.86
N LEU M 29 -40.17 10.05 -28.75
CA LEU M 29 -39.18 9.35 -29.57
C LEU M 29 -39.75 8.10 -30.25
N GLU M 30 -40.29 8.27 -31.45
CA GLU M 30 -40.83 7.14 -32.21
C GLU M 30 -39.83 6.63 -33.25
N ILE M 31 -39.57 5.33 -33.23
CA ILE M 31 -38.63 4.70 -34.15
C ILE M 31 -39.19 3.34 -34.59
N THR M 32 -39.27 3.11 -35.90
CA THR M 32 -39.79 1.85 -36.43
C THR M 32 -38.79 1.15 -37.34
N VAL M 33 -38.79 -0.17 -37.31
CA VAL M 33 -37.91 -0.98 -38.14
C VAL M 33 -38.66 -1.42 -39.39
N MET M 34 -38.18 -1.01 -40.56
CA MET M 34 -38.80 -1.37 -41.82
C MET M 34 -38.40 -2.78 -42.27
N SER M 35 -37.14 -2.92 -42.66
CA SER M 35 -36.60 -4.21 -43.10
C SER M 35 -35.09 -4.26 -42.91
N SER M 36 -34.64 -5.26 -42.18
CA SER M 36 -33.23 -5.46 -41.87
C SER M 36 -32.48 -6.18 -43.01
N GLU M 37 -31.20 -5.86 -43.18
CA GLU M 37 -30.39 -6.50 -44.23
C GLU M 37 -28.95 -6.72 -43.75
N VAL M 38 -28.57 -7.99 -43.61
CA VAL M 38 -27.23 -8.35 -43.14
C VAL M 38 -26.39 -9.04 -44.22
N LEU M 39 -25.41 -8.32 -44.74
CA LEU M 39 -24.54 -8.84 -45.80
C LEU M 39 -23.09 -8.97 -45.32
N PRO M 40 -22.56 -10.21 -45.29
CA PRO M 40 -21.20 -10.50 -44.86
C PRO M 40 -20.18 -10.12 -45.94
N SER M 41 -18.90 -10.13 -45.58
CA SER M 41 -17.85 -9.80 -46.54
C SER M 41 -17.70 -10.89 -47.59
N THR M 42 -18.39 -10.69 -48.72
CA THR M 42 -18.36 -11.65 -49.81
C THR M 42 -17.05 -11.56 -50.60
N ASN M 43 -16.34 -12.68 -50.68
CA ASN M 43 -15.07 -12.75 -51.39
C ASN M 43 -15.07 -13.93 -52.37
N GLN M 44 -15.49 -13.64 -53.60
CA GLN M 44 -15.56 -14.63 -54.69
C GLN M 44 -14.18 -15.21 -54.99
N GLU M 45 -14.07 -16.55 -54.95
CA GLU M 45 -12.79 -17.20 -55.24
C GLU M 45 -12.84 -18.36 -56.24
N TYR M 46 -13.88 -19.19 -56.20
CA TYR M 46 -13.99 -20.33 -57.11
C TYR M 46 -15.41 -20.61 -57.61
N ILE M 47 -15.53 -21.35 -58.72
CA ILE M 47 -16.83 -21.70 -59.33
C ILE M 47 -16.75 -23.09 -60.00
N THR M 48 -17.88 -23.81 -60.08
CA THR M 48 -17.93 -25.16 -60.69
C THR M 48 -19.23 -25.57 -61.42
N CYS M 49 -19.17 -26.72 -62.10
CA CYS M 49 -20.28 -27.31 -62.86
C CYS M 49 -19.88 -28.55 -63.65
N LYS M 50 -20.72 -28.97 -64.59
CA LYS M 50 -20.46 -30.15 -65.43
C LYS M 50 -19.25 -29.95 -66.35
N PHE M 51 -18.80 -31.03 -66.99
CA PHE M 51 -17.64 -30.95 -67.90
C PHE M 51 -17.81 -31.92 -69.07
N THR M 52 -16.84 -31.91 -69.98
CA THR M 52 -16.85 -32.79 -71.16
C THR M 52 -15.43 -33.27 -71.46
N THR M 53 -15.24 -34.59 -71.48
CA THR M 53 -13.94 -35.18 -71.75
C THR M 53 -13.52 -34.89 -73.19
N VAL M 54 -12.32 -34.36 -73.35
CA VAL M 54 -11.79 -34.01 -74.67
C VAL M 54 -10.66 -34.95 -75.09
N VAL M 55 -11.02 -36.18 -75.45
CA VAL M 55 -10.01 -37.15 -75.88
C VAL M 55 -9.66 -36.94 -77.34
N PRO M 56 -8.38 -36.61 -77.63
CA PRO M 56 -7.90 -36.37 -79.00
C PRO M 56 -7.70 -37.67 -79.78
N SER M 57 -7.19 -37.54 -80.99
CA SER M 57 -6.94 -38.70 -81.85
C SER M 57 -5.50 -39.23 -81.67
N PRO M 58 -5.36 -40.54 -81.46
CA PRO M 58 -4.05 -41.17 -81.26
C PRO M 58 -3.17 -41.06 -82.50
N LYS M 59 -1.86 -40.92 -82.27
CA LYS M 59 -0.89 -40.79 -83.35
C LYS M 59 -0.07 -42.06 -83.51
N ILE M 60 -0.78 -43.19 -83.65
CA ILE M 60 -0.16 -44.50 -83.82
C ILE M 60 0.83 -44.50 -84.99
N LYS M 61 1.99 -45.11 -84.76
CA LYS M 61 3.02 -45.19 -85.80
C LYS M 61 3.52 -46.62 -85.97
N CYS M 62 4.80 -46.77 -86.29
CA CYS M 62 5.42 -48.07 -86.49
C CYS M 62 6.54 -48.34 -85.48
N CYS M 63 7.70 -48.75 -85.98
CA CYS M 63 8.86 -49.06 -85.15
C CYS M 63 9.58 -47.82 -84.59
N GLY M 64 8.91 -46.67 -84.61
CA GLY M 64 9.52 -45.44 -84.09
C GLY M 64 9.28 -45.22 -82.60
N SER M 65 10.21 -44.56 -81.93
CA SER M 65 10.09 -44.29 -80.50
C SER M 65 9.20 -43.08 -80.18
N LEU M 66 8.59 -43.07 -78.98
CA LEU M 66 7.71 -41.98 -78.55
C LEU M 66 7.68 -41.74 -77.03
N GLU M 67 7.65 -40.47 -76.66
CA GLU M 67 7.58 -40.00 -75.27
C GLU M 67 6.83 -38.67 -75.21
N CYS M 68 5.68 -38.66 -74.53
CA CYS M 68 4.84 -37.47 -74.41
C CYS M 68 5.43 -36.36 -73.53
N GLN M 69 5.12 -35.11 -73.88
CA GLN M 69 5.61 -33.95 -73.14
C GLN M 69 4.46 -33.11 -72.56
N PRO M 70 4.52 -32.78 -71.26
CA PRO M 70 3.47 -31.98 -70.61
C PRO M 70 3.52 -30.49 -70.95
N ALA M 71 2.40 -29.80 -70.78
CA ALA M 71 2.34 -28.37 -71.07
C ALA M 71 1.59 -27.60 -69.98
N ALA M 72 0.57 -26.84 -70.39
CA ALA M 72 -0.25 -26.07 -69.46
C ALA M 72 -1.73 -26.21 -69.82
N HIS M 73 -2.33 -27.31 -69.33
CA HIS M 73 -3.74 -27.60 -69.57
C HIS M 73 -4.43 -28.08 -68.29
N ALA M 74 -5.62 -28.65 -68.46
CA ALA M 74 -6.42 -29.18 -67.36
C ALA M 74 -6.23 -30.69 -67.38
N ASP M 75 -5.81 -31.25 -66.25
CA ASP M 75 -5.57 -32.70 -66.13
C ASP M 75 -4.39 -33.12 -67.00
N TYR M 76 -3.52 -33.96 -66.46
CA TYR M 76 -2.35 -34.41 -67.22
C TYR M 76 -1.84 -35.79 -66.84
N THR M 77 -2.30 -36.78 -67.60
CA THR M 77 -1.90 -38.17 -67.41
C THR M 77 -1.73 -38.85 -68.77
N CYS M 78 -0.49 -38.91 -69.24
CA CYS M 78 -0.18 -39.53 -70.52
C CYS M 78 0.77 -40.72 -70.33
N LYS M 79 0.44 -41.84 -70.94
CA LYS M 79 1.25 -43.05 -70.85
C LYS M 79 1.47 -43.73 -72.19
N VAL M 80 2.74 -43.95 -72.54
CA VAL M 80 3.10 -44.61 -73.79
C VAL M 80 2.92 -46.12 -73.66
N PHE M 81 2.01 -46.68 -74.44
CA PHE M 81 1.74 -48.12 -74.41
C PHE M 81 2.52 -48.86 -75.48
N GLY M 82 3.15 -49.96 -75.10
CA GLY M 82 3.92 -50.75 -76.05
C GLY M 82 3.45 -52.19 -76.11
N GLY M 83 3.47 -52.75 -77.31
CA GLY M 83 3.04 -54.13 -77.50
C GLY M 83 1.65 -54.27 -78.12
N VAL M 84 0.98 -53.14 -78.32
CA VAL M 84 -0.36 -53.13 -78.91
C VAL M 84 -0.23 -53.19 -80.43
N TYR M 85 -1.20 -53.84 -81.09
CA TYR M 85 -1.22 -53.98 -82.54
C TYR M 85 0.03 -54.70 -83.07
N PRO M 86 0.17 -55.99 -82.74
CA PRO M 86 1.32 -56.80 -83.17
C PRO M 86 1.38 -57.13 -84.66
N PHE M 87 0.29 -56.91 -85.39
CA PHE M 87 0.24 -57.22 -86.82
C PHE M 87 -0.76 -56.38 -87.62
N MET M 88 -0.74 -56.57 -88.94
CA MET M 88 -1.64 -55.87 -89.85
C MET M 88 -3.07 -56.35 -89.61
N TRP M 89 -3.19 -57.53 -89.01
CA TRP M 89 -4.49 -58.12 -88.69
C TRP M 89 -4.93 -57.67 -87.29
N GLY M 90 -4.10 -56.85 -86.67
CA GLY M 90 -4.39 -56.34 -85.33
C GLY M 90 -5.37 -55.19 -85.35
N GLY M 91 -5.10 -54.19 -86.19
CA GLY M 91 -6.00 -53.04 -86.28
C GLY M 91 -5.45 -51.80 -86.97
N ALA M 92 -4.22 -51.43 -86.64
CA ALA M 92 -3.59 -50.25 -87.24
C ALA M 92 -2.82 -50.51 -88.53
N GLN M 93 -2.88 -51.75 -89.02
CA GLN M 93 -2.17 -52.15 -90.24
C GLN M 93 -0.67 -51.88 -90.08
N CYS M 94 -0.10 -52.37 -88.98
CA CYS M 94 1.33 -52.19 -88.69
C CYS M 94 2.21 -53.29 -89.29
N PHE M 95 3.46 -52.95 -89.57
CA PHE M 95 4.42 -53.88 -90.15
C PHE M 95 5.46 -54.39 -89.14
N CYS M 96 5.46 -53.79 -87.95
CA CYS M 96 6.40 -54.14 -86.89
C CYS M 96 5.93 -55.37 -86.07
N ASP M 97 6.89 -56.17 -85.61
CA ASP M 97 6.57 -57.37 -84.81
C ASP M 97 6.13 -57.03 -83.38
N SER M 98 6.97 -56.28 -82.66
CA SER M 98 6.64 -55.89 -81.29
C SER M 98 7.16 -54.51 -80.87
N GLU M 99 7.53 -53.69 -81.85
CA GLU M 99 8.02 -52.34 -81.57
C GLU M 99 7.03 -51.28 -82.08
N ASN M 100 5.92 -51.11 -81.38
CA ASN M 100 4.90 -50.12 -81.74
C ASN M 100 4.43 -49.38 -80.50
N SER M 101 4.21 -48.09 -80.65
CA SER M 101 3.76 -47.26 -79.53
C SER M 101 2.67 -46.25 -79.89
N GLN M 102 2.02 -45.72 -78.85
CA GLN M 102 0.95 -44.74 -79.00
C GLN M 102 1.14 -43.64 -77.97
N MET M 103 0.54 -42.48 -78.24
CA MET M 103 0.63 -41.34 -77.35
C MET M 103 -0.45 -41.43 -76.27
N SER M 104 -1.71 -41.58 -76.70
CA SER M 104 -2.85 -41.65 -75.78
C SER M 104 -2.96 -40.47 -74.82
N GLU M 105 -3.50 -39.36 -75.32
CA GLU M 105 -3.67 -38.14 -74.53
C GLU M 105 -5.14 -37.98 -74.17
N ALA M 106 -5.43 -37.30 -73.06
CA ALA M 106 -6.81 -37.08 -72.62
C ALA M 106 -6.94 -35.98 -71.58
N TYR M 107 -7.64 -34.90 -71.94
CA TYR M 107 -7.86 -33.76 -71.05
C TYR M 107 -9.36 -33.49 -70.85
N VAL M 108 -9.69 -32.52 -70.01
CA VAL M 108 -11.09 -32.16 -69.75
C VAL M 108 -11.31 -30.63 -69.64
N GLU M 109 -12.05 -30.09 -70.60
CA GLU M 109 -12.35 -28.65 -70.62
C GLU M 109 -13.77 -28.36 -70.11
N LEU M 110 -14.03 -27.11 -69.75
CA LEU M 110 -15.34 -26.69 -69.27
C LEU M 110 -16.39 -26.91 -70.36
N SER M 111 -17.49 -27.55 -69.99
CA SER M 111 -18.58 -27.83 -70.92
C SER M 111 -19.23 -26.58 -71.52
N ALA M 112 -20.05 -26.78 -72.53
CA ALA M 112 -20.75 -25.67 -73.19
C ALA M 112 -21.97 -25.22 -72.41
N ASP M 113 -22.57 -26.14 -71.66
CA ASP M 113 -23.75 -25.83 -70.87
C ASP M 113 -23.43 -25.24 -69.49
N CYS M 114 -22.14 -25.02 -69.23
CA CYS M 114 -21.69 -24.46 -67.96
C CYS M 114 -21.85 -22.94 -67.88
N ALA M 115 -21.91 -22.28 -69.03
CA ALA M 115 -22.04 -20.83 -69.07
C ALA M 115 -23.23 -20.28 -68.31
N SER M 116 -24.35 -20.98 -68.37
CA SER M 116 -25.55 -20.51 -67.66
C SER M 116 -25.59 -21.03 -66.22
N ASP M 117 -26.05 -22.26 -66.02
CA ASP M 117 -26.12 -22.83 -64.67
C ASP M 117 -24.72 -22.99 -64.08
N HIS M 118 -24.54 -22.54 -62.84
CA HIS M 118 -23.24 -22.64 -62.17
C HIS M 118 -23.36 -22.75 -60.64
N ALA M 119 -22.21 -22.63 -59.97
CA ALA M 119 -22.12 -22.71 -58.52
C ALA M 119 -20.96 -21.82 -58.07
N GLN M 120 -21.24 -20.86 -57.21
CA GLN M 120 -20.20 -19.93 -56.74
C GLN M 120 -19.69 -20.19 -55.32
N ALA M 121 -18.44 -20.65 -55.23
CA ALA M 121 -17.82 -20.94 -53.93
C ALA M 121 -17.35 -19.64 -53.26
N ILE M 122 -17.74 -19.45 -52.00
CA ILE M 122 -17.37 -18.25 -51.25
C ILE M 122 -17.06 -18.60 -49.78
N LYS M 123 -16.35 -17.71 -49.09
CA LYS M 123 -16.02 -17.90 -47.69
C LYS M 123 -16.63 -16.79 -46.84
N VAL M 124 -17.86 -17.01 -46.37
CA VAL M 124 -18.55 -16.01 -45.54
C VAL M 124 -17.81 -15.71 -44.24
N HIS M 125 -17.67 -14.42 -43.94
CA HIS M 125 -16.99 -13.96 -42.73
C HIS M 125 -17.62 -12.70 -42.14
N THR M 126 -16.81 -11.94 -41.41
CA THR M 126 -17.22 -10.69 -40.74
C THR M 126 -18.45 -10.01 -41.35
N ALA M 127 -19.63 -10.44 -40.88
CA ALA M 127 -20.90 -9.92 -41.35
C ALA M 127 -21.16 -8.46 -40.98
N ALA M 128 -21.61 -7.69 -41.97
CA ALA M 128 -21.94 -6.29 -41.79
C ALA M 128 -23.46 -6.18 -41.58
N MET M 129 -23.91 -5.03 -41.08
CA MET M 129 -25.34 -4.83 -40.83
C MET M 129 -25.80 -3.44 -41.27
N LYS M 130 -27.02 -3.37 -41.78
CA LYS M 130 -27.63 -2.13 -42.25
C LYS M 130 -29.15 -2.22 -42.10
N VAL M 131 -29.71 -1.40 -41.22
CA VAL M 131 -31.16 -1.40 -40.99
C VAL M 131 -31.76 -0.02 -41.19
N GLY M 132 -32.67 0.08 -42.16
CA GLY M 132 -33.33 1.35 -42.43
C GLY M 132 -34.37 1.67 -41.38
N LEU M 133 -33.96 2.42 -40.37
CA LEU M 133 -34.84 2.80 -39.26
C LEU M 133 -35.64 4.06 -39.55
N ARG M 134 -36.95 3.98 -39.38
CA ARG M 134 -37.82 5.13 -39.59
C ARG M 134 -37.54 6.11 -38.46
N ILE M 135 -37.60 7.40 -38.77
CA ILE M 135 -37.34 8.44 -37.78
C ILE M 135 -38.46 9.47 -37.71
N VAL M 136 -38.92 9.75 -36.50
CA VAL M 136 -39.98 10.72 -36.23
C VAL M 136 -39.61 11.45 -34.93
N TYR M 137 -39.68 12.78 -34.95
CA TYR M 137 -39.34 13.60 -33.79
C TYR M 137 -40.11 14.92 -33.76
N GLY M 138 -41.28 14.94 -34.40
CA GLY M 138 -42.08 16.15 -34.43
C GLY M 138 -42.99 16.24 -35.65
N ASN M 139 -42.75 17.27 -36.47
CA ASN M 139 -43.52 17.50 -37.68
C ASN M 139 -42.86 16.84 -38.90
N THR M 140 -41.62 16.41 -38.72
CA THR M 140 -40.86 15.79 -39.80
C THR M 140 -41.02 14.27 -39.83
N THR M 141 -40.93 13.70 -41.04
CA THR M 141 -41.06 12.26 -41.23
C THR M 141 -40.01 11.79 -42.25
N SER M 142 -38.78 11.58 -41.80
CA SER M 142 -37.71 11.13 -42.68
C SER M 142 -37.39 9.65 -42.56
N PHE M 143 -37.05 9.03 -43.70
CA PHE M 143 -36.70 7.62 -43.73
C PHE M 143 -35.28 7.53 -44.28
N LEU M 144 -34.37 6.95 -43.49
CA LEU M 144 -32.97 6.83 -43.90
C LEU M 144 -32.41 5.41 -43.83
N ASP M 145 -31.48 5.12 -44.75
CA ASP M 145 -30.82 3.83 -44.82
C ASP M 145 -29.54 3.96 -43.99
N VAL M 146 -29.60 3.56 -42.72
CA VAL M 146 -28.44 3.68 -41.84
C VAL M 146 -27.73 2.37 -41.55
N TYR M 147 -26.40 2.39 -41.65
CA TYR M 147 -25.55 1.23 -41.37
C TYR M 147 -25.57 0.99 -39.86
N VAL M 148 -25.74 -0.27 -39.46
CA VAL M 148 -25.77 -0.61 -38.03
C VAL M 148 -24.37 -0.80 -37.46
N ASN M 149 -23.82 0.29 -36.93
CA ASN M 149 -22.48 0.27 -36.33
C ASN M 149 -22.27 1.56 -35.54
N GLY M 150 -21.41 1.49 -34.52
CA GLY M 150 -21.15 2.67 -33.71
C GLY M 150 -20.06 3.56 -34.28
N VAL M 151 -19.79 3.43 -35.57
CA VAL M 151 -18.77 4.23 -36.24
C VAL M 151 -19.39 5.23 -37.22
N THR M 152 -20.40 4.78 -37.96
CA THR M 152 -21.08 5.62 -38.95
C THR M 152 -22.29 6.37 -38.37
N PRO M 153 -22.13 7.70 -38.14
CA PRO M 153 -23.18 8.57 -37.60
C PRO M 153 -24.24 8.95 -38.64
N GLY M 154 -25.18 9.81 -38.25
CA GLY M 154 -26.24 10.22 -39.15
C GLY M 154 -26.38 11.72 -39.39
N THR M 155 -27.55 12.13 -39.87
CA THR M 155 -27.85 13.53 -40.15
C THR M 155 -29.36 13.81 -40.04
N SER M 156 -30.14 13.02 -40.77
CA SER M 156 -31.61 13.12 -40.80
C SER M 156 -32.22 14.51 -40.73
N LYS M 157 -32.49 14.98 -39.51
CA LYS M 157 -33.09 16.28 -39.25
C LYS M 157 -32.21 17.09 -38.29
N ASP M 158 -31.00 17.42 -38.75
CA ASP M 158 -30.02 18.18 -37.96
C ASP M 158 -29.64 17.43 -36.68
N LEU M 159 -29.81 16.11 -36.70
CA LEU M 159 -29.49 15.27 -35.54
C LEU M 159 -28.43 14.21 -35.88
N LYS M 160 -27.60 13.88 -34.89
CA LYS M 160 -26.56 12.88 -35.08
C LYS M 160 -27.04 11.51 -34.62
N VAL M 161 -27.80 10.84 -35.50
CA VAL M 161 -28.36 9.51 -35.20
C VAL M 161 -27.32 8.41 -35.40
N ILE M 162 -27.03 7.67 -34.32
CA ILE M 162 -26.08 6.57 -34.37
C ILE M 162 -26.82 5.24 -34.24
N ALA M 163 -26.49 4.29 -35.10
CA ALA M 163 -27.12 2.98 -35.06
C ALA M 163 -26.63 2.16 -33.86
N GLY M 164 -25.31 2.03 -33.74
CA GLY M 164 -24.75 1.27 -32.64
C GLY M 164 -24.69 -0.23 -32.88
N PRO M 165 -23.57 -0.88 -32.56
CA PRO M 165 -23.40 -2.32 -32.75
C PRO M 165 -24.30 -3.16 -31.84
N ILE M 166 -24.99 -4.13 -32.44
CA ILE M 166 -25.89 -5.01 -31.72
C ILE M 166 -25.10 -5.97 -30.84
N SER M 167 -25.69 -6.40 -29.72
CA SER M 167 -25.02 -7.30 -28.80
C SER M 167 -25.04 -8.75 -29.28
N ALA M 168 -25.88 -9.02 -30.28
CA ALA M 168 -25.98 -10.36 -30.85
C ALA M 168 -25.12 -10.47 -32.11
N SER M 169 -24.06 -11.27 -32.02
CA SER M 169 -23.14 -11.46 -33.15
C SER M 169 -23.39 -12.80 -33.85
N PHE M 170 -24.66 -13.20 -33.90
CA PHE M 170 -25.04 -14.47 -34.52
C PHE M 170 -25.41 -14.34 -35.99
N THR M 171 -24.65 -15.02 -36.85
CA THR M 171 -24.89 -15.00 -38.28
C THR M 171 -25.45 -16.35 -38.72
N PRO M 172 -26.47 -16.34 -39.61
CA PRO M 172 -27.06 -17.60 -40.08
C PRO M 172 -26.14 -18.35 -41.04
N PHE M 173 -25.15 -17.64 -41.57
CA PHE M 173 -24.18 -18.21 -42.51
C PHE M 173 -22.90 -18.53 -41.75
N ASP M 174 -22.39 -19.74 -41.93
CA ASP M 174 -21.17 -20.16 -41.24
C ASP M 174 -19.91 -19.72 -42.00
N HIS M 175 -18.90 -20.58 -42.03
CA HIS M 175 -17.63 -20.27 -42.69
C HIS M 175 -17.59 -20.27 -44.22
N LYS M 176 -18.37 -21.15 -44.84
CA LYS M 176 -18.41 -21.26 -46.30
C LYS M 176 -19.82 -21.38 -46.84
N VAL M 177 -20.15 -20.56 -47.85
CA VAL M 177 -21.49 -20.57 -48.44
C VAL M 177 -21.44 -20.52 -49.98
N VAL M 178 -21.95 -21.57 -50.61
CA VAL M 178 -21.97 -21.65 -52.07
C VAL M 178 -23.39 -21.41 -52.62
N ILE M 179 -23.47 -20.76 -53.77
CA ILE M 179 -24.74 -20.44 -54.41
C ILE M 179 -25.18 -21.51 -55.41
N HIS M 180 -26.50 -21.71 -55.50
CA HIS M 180 -27.10 -22.69 -56.41
C HIS M 180 -28.42 -22.16 -56.96
N ARG M 181 -28.44 -21.83 -58.24
CA ARG M 181 -29.64 -21.28 -58.91
C ARG M 181 -30.05 -19.98 -58.22
N GLY M 182 -30.73 -20.12 -57.09
CA GLY M 182 -31.19 -18.98 -56.30
C GLY M 182 -31.44 -19.44 -54.88
N LEU M 183 -30.54 -20.26 -54.36
CA LEU M 183 -30.62 -20.80 -53.01
C LEU M 183 -29.29 -20.61 -52.28
N VAL M 184 -29.30 -20.81 -50.96
CA VAL M 184 -28.09 -20.62 -50.15
C VAL M 184 -27.91 -21.79 -49.18
N TYR M 185 -26.83 -22.55 -49.36
CA TYR M 185 -26.54 -23.69 -48.51
C TYR M 185 -25.25 -23.51 -47.70
N ASN M 186 -25.09 -24.32 -46.67
CA ASN M 186 -23.89 -24.31 -45.84
C ASN M 186 -23.07 -25.50 -46.32
N TYR M 187 -22.07 -25.23 -47.16
CA TYR M 187 -21.22 -26.26 -47.73
C TYR M 187 -19.82 -26.36 -47.14
N ASP M 188 -19.27 -27.58 -47.15
CA ASP M 188 -17.94 -27.85 -46.63
C ASP M 188 -16.98 -28.16 -47.80
N PHE M 189 -16.83 -27.19 -48.70
CA PHE M 189 -15.96 -27.33 -49.87
C PHE M 189 -14.48 -27.49 -49.51
N PRO M 190 -13.75 -28.33 -50.26
CA PRO M 190 -12.32 -28.61 -50.06
C PRO M 190 -11.38 -27.43 -50.28
N GLU M 191 -10.16 -27.56 -49.77
CA GLU M 191 -9.15 -26.52 -49.88
C GLU M 191 -8.60 -26.35 -51.29
N TYR M 192 -8.37 -25.10 -51.65
CA TYR M 192 -7.87 -24.69 -52.96
C TYR M 192 -6.51 -25.30 -53.25
N GLY M 193 -6.45 -26.17 -54.24
CA GLY M 193 -5.21 -26.82 -54.61
C GLY M 193 -5.03 -28.16 -53.91
N ALA M 194 -6.12 -28.67 -53.36
CA ALA M 194 -6.12 -29.96 -52.65
C ALA M 194 -7.40 -30.70 -52.98
N MET M 195 -7.81 -30.57 -54.23
CA MET M 195 -9.03 -31.20 -54.73
C MET M 195 -8.95 -32.73 -54.73
N LYS M 196 -10.12 -33.37 -54.69
CA LYS M 196 -10.19 -34.83 -54.70
C LYS M 196 -11.43 -35.28 -55.44
N PRO M 197 -11.39 -36.48 -56.05
CA PRO M 197 -12.53 -37.02 -56.79
C PRO M 197 -13.69 -37.41 -55.86
N GLY M 198 -13.61 -36.93 -54.62
CA GLY M 198 -14.66 -37.20 -53.65
C GLY M 198 -15.82 -36.23 -53.83
N ALA M 199 -15.85 -35.59 -55.00
CA ALA M 199 -16.88 -34.62 -55.38
C ALA M 199 -16.76 -33.31 -54.61
N PHE M 200 -17.74 -32.42 -54.84
CA PHE M 200 -17.78 -31.12 -54.20
C PHE M 200 -16.62 -30.21 -54.53
N GLY M 201 -16.12 -30.34 -55.74
CA GLY M 201 -15.00 -29.51 -56.17
C GLY M 201 -14.10 -30.20 -57.18
N ASP M 202 -14.64 -30.50 -58.35
CA ASP M 202 -13.89 -31.16 -59.42
C ASP M 202 -12.88 -30.22 -60.07
N ILE M 203 -13.22 -29.65 -61.23
CA ILE M 203 -12.33 -28.73 -61.93
C ILE M 203 -12.83 -27.31 -61.66
N GLN M 204 -12.44 -26.79 -60.51
CA GLN M 204 -12.84 -25.46 -60.06
C GLN M 204 -12.12 -24.34 -60.83
N ALA M 205 -12.80 -23.22 -60.98
CA ALA M 205 -12.24 -22.06 -61.69
C ALA M 205 -12.38 -20.77 -60.90
N THR M 206 -11.62 -19.75 -61.26
CA THR M 206 -11.66 -18.46 -60.59
C THR M 206 -13.00 -17.74 -60.74
N SER M 207 -13.49 -17.59 -61.96
CA SER M 207 -14.75 -16.91 -62.19
C SER M 207 -15.59 -17.45 -63.36
N LEU M 208 -16.49 -16.62 -63.87
CA LEU M 208 -17.37 -17.02 -64.98
C LEU M 208 -16.66 -17.04 -66.33
N THR M 209 -15.73 -16.10 -66.54
CA THR M 209 -14.97 -16.04 -67.78
C THR M 209 -13.47 -16.16 -67.46
N SER M 210 -13.08 -17.33 -66.96
CA SER M 210 -11.69 -17.61 -66.58
C SER M 210 -10.93 -18.31 -67.71
N LYS M 211 -9.66 -18.64 -67.45
CA LYS M 211 -8.81 -19.34 -68.42
C LYS M 211 -7.60 -20.06 -67.76
N ASP M 212 -7.79 -20.54 -66.54
CA ASP M 212 -6.75 -21.25 -65.78
C ASP M 212 -7.40 -22.32 -64.89
N LEU M 213 -7.25 -23.59 -65.25
CA LEU M 213 -7.86 -24.69 -64.48
C LEU M 213 -6.91 -25.61 -63.70
N ILE M 214 -7.47 -26.31 -62.71
CA ILE M 214 -6.75 -27.26 -61.85
C ILE M 214 -7.70 -28.37 -61.37
N ALA M 215 -7.26 -29.63 -61.39
CA ALA M 215 -8.11 -30.74 -60.95
C ALA M 215 -7.44 -32.11 -60.81
N SER M 216 -8.25 -33.07 -60.35
CA SER M 216 -7.84 -34.47 -60.19
C SER M 216 -9.11 -35.33 -60.05
N THR M 217 -9.68 -35.68 -61.19
CA THR M 217 -10.90 -36.49 -61.24
C THR M 217 -10.64 -38.00 -61.30
N ASP M 218 -9.53 -38.43 -60.68
CA ASP M 218 -9.15 -39.84 -60.63
C ASP M 218 -9.11 -40.53 -62.01
N ILE M 219 -8.58 -39.83 -63.01
CA ILE M 219 -8.45 -40.36 -64.37
C ILE M 219 -7.26 -41.31 -64.51
N ARG M 220 -7.49 -42.43 -65.16
CA ARG M 220 -6.43 -43.43 -65.37
C ARG M 220 -6.45 -44.02 -66.78
N LEU M 221 -5.30 -44.04 -67.44
CA LEU M 221 -5.22 -44.58 -68.80
C LEU M 221 -5.09 -46.10 -68.77
N LEU M 222 -5.86 -46.77 -69.64
CA LEU M 222 -5.83 -48.22 -69.73
C LEU M 222 -5.30 -48.71 -71.07
N LYS M 223 -4.54 -49.80 -71.04
CA LYS M 223 -3.98 -50.37 -72.26
C LYS M 223 -5.10 -51.00 -73.09
N PRO M 224 -5.32 -50.50 -74.31
CA PRO M 224 -6.36 -51.02 -75.20
C PRO M 224 -6.07 -52.43 -75.72
N SER M 225 -7.12 -53.09 -76.20
CA SER M 225 -6.98 -54.44 -76.74
C SER M 225 -6.85 -54.42 -78.26
N ALA M 226 -6.07 -55.35 -78.81
CA ALA M 226 -5.87 -55.42 -80.25
C ALA M 226 -7.08 -55.94 -81.02
N LYS M 227 -7.78 -55.00 -81.67
CA LYS M 227 -8.97 -55.29 -82.48
C LYS M 227 -9.26 -54.12 -83.42
N ASN M 228 -9.74 -53.03 -82.85
CA ASN M 228 -10.05 -51.81 -83.61
C ASN M 228 -9.45 -50.62 -82.87
N VAL M 229 -8.98 -49.63 -83.63
CA VAL M 229 -8.37 -48.44 -83.06
C VAL M 229 -9.33 -47.71 -82.12
N HIS M 230 -9.13 -47.89 -80.82
CA HIS M 230 -9.96 -47.26 -79.80
C HIS M 230 -9.12 -46.65 -78.69
N VAL M 231 -9.77 -45.89 -77.81
CA VAL M 231 -9.11 -45.26 -76.68
C VAL M 231 -10.00 -45.40 -75.43
N PRO M 232 -10.06 -46.61 -74.86
CA PRO M 232 -10.87 -46.92 -73.67
C PRO M 232 -10.27 -46.51 -72.32
N TYR M 233 -11.03 -45.73 -71.55
CA TYR M 233 -10.60 -45.26 -70.23
C TYR M 233 -11.69 -45.47 -69.18
N THR M 234 -11.27 -45.51 -67.92
CA THR M 234 -12.18 -45.68 -66.79
C THR M 234 -12.26 -44.37 -66.02
N GLN M 235 -13.25 -43.55 -66.36
CA GLN M 235 -13.44 -42.24 -65.73
C GLN M 235 -14.42 -42.27 -64.55
N ALA M 236 -14.20 -41.38 -63.59
CA ALA M 236 -15.07 -41.27 -62.42
C ALA M 236 -16.30 -40.46 -62.82
N SER M 237 -17.49 -40.99 -62.49
CA SER M 237 -18.73 -40.30 -62.79
C SER M 237 -18.75 -38.95 -62.08
N SER M 238 -19.04 -37.89 -62.82
CA SER M 238 -19.08 -36.54 -62.25
C SER M 238 -19.92 -36.45 -60.99
N GLY M 239 -19.39 -35.75 -59.98
CA GLY M 239 -20.09 -35.60 -58.73
C GLY M 239 -21.19 -34.55 -58.77
N PHE M 240 -21.17 -33.73 -59.81
CA PHE M 240 -22.16 -32.68 -59.95
C PHE M 240 -23.55 -33.17 -60.41
N GLU M 241 -23.62 -34.41 -60.88
CA GLU M 241 -24.90 -35.00 -61.27
C GLU M 241 -25.46 -35.74 -60.05
N MET M 242 -24.58 -36.05 -59.09
CA MET M 242 -24.98 -36.75 -57.88
C MET M 242 -25.27 -35.81 -56.71
N TRP M 243 -24.84 -34.56 -56.81
CA TRP M 243 -25.06 -33.58 -55.74
C TRP M 243 -26.47 -33.02 -55.67
N LYS M 244 -27.32 -33.48 -56.59
CA LYS M 244 -28.71 -33.07 -56.65
C LYS M 244 -29.53 -33.99 -55.74
N ASN M 245 -28.84 -34.86 -55.01
CA ASN M 245 -29.51 -35.80 -54.10
C ASN M 245 -29.09 -35.53 -52.65
N ASN M 246 -27.80 -35.37 -52.43
CA ASN M 246 -27.25 -35.13 -51.09
C ASN M 246 -27.18 -33.64 -50.70
N SER M 247 -27.97 -32.83 -51.40
CA SER M 247 -28.03 -31.39 -51.15
C SER M 247 -28.42 -31.10 -49.70
N GLY M 248 -29.53 -31.69 -49.28
CA GLY M 248 -30.01 -31.52 -47.92
C GLY M 248 -30.33 -30.09 -47.48
N ARG M 249 -29.86 -29.75 -46.30
CA ARG M 249 -30.03 -28.45 -45.64
C ARG M 249 -30.03 -27.26 -46.61
N PRO M 250 -31.24 -26.75 -46.95
CA PRO M 250 -31.40 -25.62 -47.88
C PRO M 250 -31.30 -24.25 -47.22
N LEU M 251 -31.35 -24.23 -45.88
CA LEU M 251 -31.28 -23.00 -45.08
C LEU M 251 -32.47 -22.07 -45.25
N GLN M 252 -32.93 -21.86 -46.48
CA GLN M 252 -34.06 -20.98 -46.74
C GLN M 252 -35.33 -21.43 -46.04
N GLU M 253 -35.51 -22.73 -45.92
CA GLU M 253 -36.68 -23.29 -45.26
C GLU M 253 -36.45 -23.40 -43.73
N THR M 254 -35.19 -23.54 -43.32
CA THR M 254 -34.85 -23.63 -41.91
C THR M 254 -34.39 -22.25 -41.41
N ALA M 255 -35.19 -21.23 -41.74
CA ALA M 255 -34.91 -19.86 -41.35
C ALA M 255 -35.11 -19.64 -39.86
N PRO M 256 -34.04 -19.26 -39.14
CA PRO M 256 -34.09 -19.02 -37.69
C PRO M 256 -34.78 -17.71 -37.32
N PHE M 257 -35.88 -17.83 -36.58
CA PHE M 257 -36.67 -16.70 -36.12
C PHE M 257 -37.37 -15.93 -37.26
N GLY M 258 -37.94 -16.70 -38.19
CA GLY M 258 -38.63 -16.10 -39.32
C GLY M 258 -37.75 -15.31 -40.29
N CYS M 259 -36.43 -15.48 -40.12
CA CYS M 259 -35.42 -14.81 -40.94
C CYS M 259 -35.55 -15.18 -42.41
N LYS M 260 -34.79 -14.49 -43.27
CA LYS M 260 -34.83 -14.73 -44.71
C LYS M 260 -33.44 -14.83 -45.32
N ILE M 261 -33.39 -14.98 -46.64
CA ILE M 261 -32.14 -15.10 -47.38
C ILE M 261 -32.32 -14.57 -48.81
N ALA M 262 -31.32 -13.85 -49.30
CA ALA M 262 -31.37 -13.29 -50.66
C ALA M 262 -30.51 -14.11 -51.62
N VAL M 263 -30.74 -13.92 -52.92
CA VAL M 263 -30.00 -14.64 -53.94
C VAL M 263 -28.72 -13.92 -54.36
N ASN M 264 -28.87 -12.80 -55.06
CA ASN M 264 -27.74 -12.02 -55.54
C ASN M 264 -26.77 -11.45 -54.49
N PRO M 265 -27.30 -10.83 -53.42
CA PRO M 265 -26.40 -10.28 -52.39
C PRO M 265 -26.15 -11.21 -51.20
N LEU M 266 -26.84 -12.36 -51.16
CA LEU M 266 -26.70 -13.31 -50.07
C LEU M 266 -26.92 -12.64 -48.71
N ARG M 267 -28.05 -11.93 -48.61
CA ARG M 267 -28.40 -11.17 -47.41
C ARG M 267 -29.53 -11.80 -46.59
N ALA M 268 -29.54 -11.50 -45.30
CA ALA M 268 -30.56 -12.00 -44.38
C ALA M 268 -31.53 -10.87 -44.03
N VAL M 269 -32.77 -10.98 -44.52
CA VAL M 269 -33.80 -9.97 -44.29
C VAL M 269 -34.87 -10.41 -43.31
N ASP M 270 -35.47 -9.44 -42.62
CA ASP M 270 -36.53 -9.67 -41.64
C ASP M 270 -36.10 -10.66 -40.55
N CYS M 271 -34.82 -10.62 -40.20
CA CYS M 271 -34.24 -11.52 -39.22
C CYS M 271 -34.08 -10.87 -37.84
N SER M 272 -34.89 -11.31 -36.86
CA SER M 272 -34.80 -10.76 -35.52
C SER M 272 -33.56 -11.28 -34.77
N TYR M 273 -32.90 -10.38 -34.04
CA TYR M 273 -31.70 -10.73 -33.30
C TYR M 273 -31.64 -10.23 -31.86
N GLY M 274 -30.99 -9.09 -31.65
CA GLY M 274 -30.87 -8.54 -30.31
C GLY M 274 -31.40 -7.14 -30.11
N ASN M 275 -30.52 -6.24 -29.67
CA ASN M 275 -30.90 -4.84 -29.43
C ASN M 275 -29.94 -3.86 -30.11
N ILE M 276 -30.50 -2.75 -30.58
CA ILE M 276 -29.74 -1.70 -31.26
C ILE M 276 -29.69 -0.43 -30.41
N PRO M 277 -28.55 -0.18 -29.73
CA PRO M 277 -28.34 0.99 -28.88
C PRO M 277 -28.16 2.30 -29.67
N ILE M 278 -29.23 3.09 -29.75
CA ILE M 278 -29.21 4.35 -30.48
C ILE M 278 -28.93 5.54 -29.57
N SER M 279 -28.03 6.41 -30.01
CA SER M 279 -27.65 7.61 -29.28
C SER M 279 -27.68 8.82 -30.22
N ILE M 280 -28.37 9.87 -29.81
CA ILE M 280 -28.49 11.08 -30.63
C ILE M 280 -28.22 12.38 -29.87
N ASP M 281 -27.38 13.24 -30.45
CA ASP M 281 -27.04 14.54 -29.88
C ASP M 281 -28.12 15.55 -30.25
N ILE M 282 -29.27 15.48 -29.58
CA ILE M 282 -30.37 16.41 -29.87
C ILE M 282 -30.12 17.82 -29.33
N PRO M 283 -30.01 18.82 -30.23
CA PRO M 283 -29.76 20.22 -29.89
C PRO M 283 -30.94 20.93 -29.22
N ASN M 284 -30.70 22.17 -28.81
CA ASN M 284 -31.71 23.00 -28.14
C ASN M 284 -32.88 23.34 -29.04
N ALA M 285 -32.61 23.45 -30.34
CA ALA M 285 -33.65 23.80 -31.32
C ALA M 285 -34.72 22.73 -31.50
N ALA M 286 -34.37 21.47 -31.25
CA ALA M 286 -35.32 20.36 -31.39
C ALA M 286 -36.25 20.23 -30.19
N PHE M 287 -35.79 20.70 -29.03
CA PHE M 287 -36.61 20.65 -27.82
C PHE M 287 -37.62 21.78 -27.80
N ILE M 288 -38.52 21.74 -28.77
CA ILE M 288 -39.57 22.75 -28.91
C ILE M 288 -40.54 22.71 -27.74
N ARG M 289 -41.18 23.83 -27.47
CA ARG M 289 -42.14 23.99 -26.38
C ARG M 289 -41.49 24.11 -25.00
N THR M 290 -40.82 25.24 -24.78
CA THR M 290 -40.14 25.53 -23.51
C THR M 290 -41.18 25.75 -22.41
N SER M 291 -40.72 25.86 -21.16
CA SER M 291 -41.61 26.06 -20.02
C SER M 291 -42.25 27.44 -19.99
N ASP M 292 -41.82 28.33 -20.88
CA ASP M 292 -42.34 29.68 -20.96
C ASP M 292 -43.57 29.82 -21.86
N ALA M 293 -43.82 28.84 -22.71
CA ALA M 293 -44.98 28.90 -23.61
C ALA M 293 -46.19 28.05 -23.20
N PRO M 294 -46.08 26.70 -23.24
CA PRO M 294 -47.25 25.89 -22.84
C PRO M 294 -47.51 25.91 -21.34
N LEU M 295 -48.79 26.01 -20.98
CA LEU M 295 -49.20 26.02 -19.58
C LEU M 295 -50.54 25.32 -19.38
N VAL M 296 -50.59 24.02 -19.64
CA VAL M 296 -51.80 23.22 -19.49
C VAL M 296 -52.23 23.13 -18.02
N SER M 297 -53.55 23.16 -17.78
CA SER M 297 -54.09 23.09 -16.44
C SER M 297 -54.46 21.68 -15.96
N THR M 298 -55.60 21.55 -15.28
CA THR M 298 -56.08 20.27 -14.77
C THR M 298 -56.38 19.25 -15.86
N VAL M 299 -55.81 18.05 -15.69
CA VAL M 299 -56.00 16.95 -16.63
C VAL M 299 -57.18 16.06 -16.25
N LYS M 300 -58.00 15.71 -17.24
CA LYS M 300 -59.17 14.86 -17.05
C LYS M 300 -59.08 13.66 -18.00
N CYS M 301 -59.64 12.52 -17.60
CA CYS M 301 -59.59 11.32 -18.43
C CYS M 301 -60.70 10.29 -18.17
N GLU M 302 -61.36 9.87 -19.25
CA GLU M 302 -62.43 8.87 -19.21
C GLU M 302 -62.39 7.98 -20.44
N VAL M 303 -62.74 6.71 -20.27
CA VAL M 303 -62.72 5.73 -21.36
C VAL M 303 -64.12 5.37 -21.87
N SER M 304 -64.22 5.03 -23.16
CA SER M 304 -65.49 4.66 -23.77
C SER M 304 -65.38 3.49 -24.76
N GLU M 305 -65.09 3.78 -26.03
CA GLU M 305 -64.95 2.75 -27.06
C GLU M 305 -63.66 1.95 -26.95
N CYS M 306 -63.75 0.68 -26.59
CA CYS M 306 -62.58 -0.18 -26.45
C CYS M 306 -62.88 -1.64 -26.78
N THR M 307 -62.09 -2.20 -27.69
CA THR M 307 -62.24 -3.59 -28.12
C THR M 307 -60.91 -4.32 -27.97
N TYR M 308 -60.96 -5.65 -27.93
CA TYR M 308 -59.77 -6.49 -27.79
C TYR M 308 -58.60 -6.06 -28.68
N SER M 309 -57.40 -6.14 -28.13
CA SER M 309 -56.17 -5.78 -28.86
C SER M 309 -55.98 -6.62 -30.12
N MET M 315 -61.08 7.90 -28.49
CA MET M 315 -60.70 9.07 -27.70
C MET M 315 -60.76 8.78 -26.21
N ALA M 316 -59.69 9.08 -25.48
CA ALA M 316 -59.68 8.85 -24.04
C ALA M 316 -60.10 10.11 -23.28
N THR M 317 -60.86 10.96 -23.96
CA THR M 317 -61.34 12.23 -23.39
C THR M 317 -60.26 12.99 -22.63
N LEU M 318 -59.33 13.57 -23.39
CA LEU M 318 -58.24 14.35 -22.81
C LEU M 318 -58.47 15.85 -23.01
N GLN M 319 -59.66 16.31 -22.63
CA GLN M 319 -60.02 17.73 -22.77
C GLN M 319 -59.12 18.60 -21.91
N TYR M 320 -58.42 19.52 -22.57
CA TYR M 320 -57.52 20.44 -21.89
C TYR M 320 -57.94 21.88 -22.11
N VAL M 321 -57.23 22.80 -21.46
CA VAL M 321 -57.49 24.23 -21.59
C VAL M 321 -56.16 24.96 -21.57
N SER M 322 -55.74 25.48 -22.71
CA SER M 322 -54.48 26.19 -22.81
C SER M 322 -54.57 27.41 -23.73
N ASP M 323 -53.48 28.16 -23.81
CA ASP M 323 -53.43 29.34 -24.67
C ASP M 323 -52.73 29.05 -26.00
N ARG M 324 -53.48 29.22 -27.09
CA ARG M 324 -52.97 29.00 -28.44
C ARG M 324 -52.54 27.57 -28.80
N GLU M 325 -53.20 27.00 -29.80
CA GLU M 325 -52.90 25.64 -30.24
C GLU M 325 -51.49 25.56 -30.87
N GLY M 326 -50.86 24.41 -30.73
CA GLY M 326 -49.53 24.22 -31.29
C GLY M 326 -48.76 23.10 -30.62
N GLN M 327 -48.48 22.04 -31.38
CA GLN M 327 -47.74 20.89 -30.89
C GLN M 327 -48.42 20.16 -29.73
N CYS M 328 -47.74 20.09 -28.59
CA CYS M 328 -48.23 19.44 -27.36
C CYS M 328 -48.00 17.92 -27.32
N PRO M 329 -46.87 17.49 -26.74
CA PRO M 329 -46.47 16.09 -26.61
C PRO M 329 -47.21 15.37 -25.46
N VAL M 330 -47.78 14.21 -25.78
CA VAL M 330 -48.51 13.41 -24.80
C VAL M 330 -48.01 11.96 -24.88
N HIS M 331 -47.68 11.37 -23.74
CA HIS M 331 -47.19 9.98 -23.71
C HIS M 331 -47.54 9.18 -22.49
N SER M 332 -47.57 7.86 -22.67
CA SER M 332 -47.87 6.91 -21.61
C SER M 332 -46.74 6.88 -20.58
N HIS M 333 -47.07 6.41 -19.37
CA HIS M 333 -46.08 6.33 -18.30
C HIS M 333 -45.99 4.99 -17.58
N SER M 334 -46.90 4.07 -17.91
CA SER M 334 -46.91 2.74 -17.29
C SER M 334 -46.22 1.67 -18.14
N SER M 335 -46.42 0.41 -17.76
CA SER M 335 -45.82 -0.70 -18.49
C SER M 335 -46.74 -1.33 -19.56
N THR M 336 -48.01 -0.93 -19.60
CA THR M 336 -48.96 -1.45 -20.59
C THR M 336 -49.81 -0.32 -21.21
N ALA M 337 -50.43 -0.61 -22.37
CA ALA M 337 -51.26 0.34 -23.09
C ALA M 337 -50.47 1.44 -23.78
N THR M 338 -50.17 1.22 -25.06
CA THR M 338 -49.43 2.19 -25.86
C THR M 338 -50.38 2.92 -26.78
N LEU M 339 -50.20 4.24 -26.91
CA LEU M 339 -51.05 5.07 -27.78
C LEU M 339 -50.74 4.81 -29.25
N GLN M 340 -51.53 5.42 -30.14
CA GLN M 340 -51.31 5.26 -31.58
C GLN M 340 -50.66 6.50 -32.20
N GLU M 341 -51.13 7.68 -31.82
CA GLU M 341 -50.59 8.94 -32.32
C GLU M 341 -49.88 9.70 -31.19
N SER M 342 -49.22 10.81 -31.53
CA SER M 342 -48.48 11.61 -30.56
C SER M 342 -48.90 13.07 -30.42
N THR M 343 -48.45 13.90 -31.36
CA THR M 343 -48.75 15.33 -31.33
C THR M 343 -50.12 15.71 -31.89
N VAL M 344 -51.08 15.95 -30.99
CA VAL M 344 -52.43 16.33 -31.36
C VAL M 344 -52.89 17.45 -30.43
N HIS M 345 -53.14 18.62 -30.99
CA HIS M 345 -53.57 19.78 -30.21
C HIS M 345 -54.87 19.47 -29.46
N VAL M 352 -56.77 21.99 -28.06
CA VAL M 352 -57.64 21.99 -26.90
C VAL M 352 -58.35 20.63 -26.76
N THR M 353 -59.32 20.37 -27.62
CA THR M 353 -60.05 19.11 -27.59
C THR M 353 -59.20 18.03 -28.27
N VAL M 354 -58.32 17.43 -27.49
CA VAL M 354 -57.43 16.38 -27.98
C VAL M 354 -58.18 15.10 -28.30
N HIS M 355 -57.79 14.42 -29.37
CA HIS M 355 -58.42 13.17 -29.78
C HIS M 355 -57.39 12.09 -30.08
N PHE M 356 -57.33 11.08 -29.22
CA PHE M 356 -56.42 9.96 -29.38
C PHE M 356 -57.20 8.64 -29.42
N SER M 357 -56.59 7.58 -28.94
CA SER M 357 -57.19 6.24 -28.89
C SER M 357 -56.16 5.25 -28.34
N THR M 358 -56.64 4.21 -27.67
CA THR M 358 -55.75 3.21 -27.08
C THR M 358 -56.23 1.77 -27.35
N ALA M 359 -55.50 0.80 -26.81
CA ALA M 359 -55.81 -0.62 -26.96
C ALA M 359 -55.27 -1.40 -25.75
N SER M 360 -55.97 -1.29 -24.63
CA SER M 360 -55.57 -1.97 -23.40
C SER M 360 -56.60 -3.00 -22.94
N PRO M 361 -56.28 -3.78 -21.89
CA PRO M 361 -57.21 -4.79 -21.38
C PRO M 361 -58.39 -4.22 -20.58
N GLN M 362 -58.18 -4.01 -19.27
CA GLN M 362 -59.24 -3.48 -18.40
C GLN M 362 -58.74 -2.59 -17.26
N ALA M 363 -57.43 -2.61 -17.02
CA ALA M 363 -56.83 -1.81 -15.95
C ALA M 363 -56.84 -0.31 -16.26
N ASN M 364 -56.87 0.51 -15.21
CA ASN M 364 -56.87 1.98 -15.36
C ASN M 364 -55.43 2.47 -15.42
N PHE M 365 -55.14 3.37 -16.37
CA PHE M 365 -53.80 3.91 -16.55
C PHE M 365 -53.74 5.42 -16.30
N ILE M 366 -52.55 6.00 -16.47
CA ILE M 366 -52.34 7.42 -16.28
C ILE M 366 -52.27 8.14 -17.63
CA VAL M 367 -51.15 9.63 -20.11
CA SER M 368 -49.89 13.19 -20.40
CA LEU M 369 -51.56 15.55 -22.89
CA CYS M 370 -48.34 17.58 -22.63
CA GLY M 371 -46.51 18.49 -19.46
CA LYS M 372 -49.65 17.73 -17.47
CA LYS M 373 -50.86 14.20 -16.70
CA THR M 374 -53.94 12.09 -15.92
CA THR M 375 -54.95 8.44 -15.34
CA CYS M 376 -57.95 8.23 -17.73
CA ASN M 377 -60.68 5.56 -17.56
CA ALA M 378 -61.04 1.91 -18.66
CA GLU M 379 -64.13 0.79 -20.65
CA CYS M 380 -62.76 -2.72 -21.26
CA TYR N 1 4.23 -46.31 -47.82
N GLU N 2 2.33 -46.00 -45.10
CA GLU N 2 1.51 -45.10 -44.23
C GLU N 2 2.31 -44.70 -42.98
N HIS N 3 2.95 -43.54 -43.04
CA HIS N 3 3.76 -43.06 -41.92
C HIS N 3 3.32 -41.65 -41.48
N ALA N 4 3.82 -41.23 -40.32
CA ALA N 4 3.51 -39.91 -39.75
C ALA N 4 4.29 -39.65 -38.46
N THR N 5 5.24 -38.73 -38.52
CA THR N 5 6.07 -38.38 -37.36
C THR N 5 6.04 -36.87 -37.08
N THR N 6 6.07 -36.52 -35.80
CA THR N 6 6.03 -35.12 -35.37
C THR N 6 7.38 -34.44 -35.61
N VAL N 7 7.34 -33.25 -36.21
CA VAL N 7 8.55 -32.47 -36.52
C VAL N 7 8.33 -31.00 -36.14
N PRO N 8 9.05 -30.51 -35.11
CA PRO N 8 8.93 -29.12 -34.64
C PRO N 8 9.31 -28.01 -35.63
N ASN N 9 9.22 -26.76 -35.16
CA ASN N 9 9.54 -25.58 -35.97
C ASN N 9 10.80 -24.81 -35.53
N VAL N 10 11.97 -25.38 -35.80
CA VAL N 10 13.22 -24.72 -35.46
C VAL N 10 14.27 -24.96 -36.55
N PRO N 11 14.59 -23.92 -37.34
CA PRO N 11 15.57 -23.98 -38.43
C PRO N 11 16.98 -24.39 -37.99
N GLN N 12 17.77 -24.83 -38.96
CA GLN N 12 19.15 -25.26 -38.73
C GLN N 12 19.29 -26.50 -37.84
N ILE N 13 18.17 -27.17 -37.57
CA ILE N 13 18.17 -28.38 -36.75
C ILE N 13 17.79 -29.61 -37.56
N PRO N 14 18.76 -30.51 -37.80
CA PRO N 14 18.51 -31.74 -38.57
C PRO N 14 17.60 -32.67 -37.77
N TYR N 15 16.51 -33.10 -38.40
CA TYR N 15 15.56 -33.99 -37.76
C TYR N 15 15.74 -35.43 -38.22
N LYS N 16 15.68 -36.36 -37.27
CA LYS N 16 15.85 -37.77 -37.60
C LYS N 16 14.76 -38.66 -37.02
N ALA N 17 13.97 -39.26 -37.90
CA ALA N 17 12.91 -40.17 -37.51
C ALA N 17 13.29 -41.59 -37.92
N LEU N 18 12.58 -42.58 -37.38
CA LEU N 18 12.88 -43.97 -37.71
C LEU N 18 11.67 -44.80 -38.14
N VAL N 19 11.86 -45.60 -39.18
CA VAL N 19 10.81 -46.46 -39.71
C VAL N 19 10.93 -47.84 -39.05
N GLU N 20 9.91 -48.23 -38.29
CA GLU N 20 9.92 -49.52 -37.62
C GLU N 20 9.03 -50.56 -38.31
N ARG N 21 9.36 -50.87 -39.56
CA ARG N 21 8.60 -51.87 -40.33
C ARG N 21 9.12 -53.28 -40.14
N ALA N 22 8.29 -54.27 -40.45
CA ALA N 22 8.65 -55.67 -40.34
C ALA N 22 9.07 -56.20 -41.71
N GLY N 23 10.30 -56.69 -41.81
CA GLY N 23 10.80 -57.20 -43.07
C GLY N 23 11.86 -56.30 -43.68
N TYR N 24 11.41 -55.33 -44.48
CA TYR N 24 12.31 -54.38 -45.15
C TYR N 24 13.22 -53.62 -44.19
N ALA N 25 14.35 -53.13 -44.72
CA ALA N 25 15.32 -52.39 -43.93
C ALA N 25 14.75 -51.05 -43.46
N PRO N 26 14.90 -50.76 -42.15
CA PRO N 26 14.41 -49.50 -41.56
C PRO N 26 15.09 -48.31 -42.21
N LEU N 27 14.31 -47.51 -42.95
CA LEU N 27 14.84 -46.34 -43.63
C LEU N 27 15.22 -45.20 -42.71
N ASN N 28 15.99 -44.27 -43.27
CA ASN N 28 16.46 -43.09 -42.56
C ASN N 28 15.57 -41.94 -43.02
N LEU N 29 15.25 -41.02 -42.10
CA LEU N 29 14.41 -39.89 -42.43
C LEU N 29 14.99 -38.55 -41.97
N GLU N 30 15.78 -37.90 -42.83
CA GLU N 30 16.37 -36.61 -42.51
C GLU N 30 15.57 -35.46 -43.12
N ILE N 31 15.21 -34.48 -42.28
CA ILE N 31 14.42 -33.33 -42.73
C ILE N 31 14.95 -32.08 -42.02
N THR N 32 15.27 -31.04 -42.79
CA THR N 32 15.79 -29.80 -42.21
C THR N 32 14.95 -28.59 -42.61
N VAL N 33 14.84 -27.63 -41.70
CA VAL N 33 14.08 -26.41 -41.93
C VAL N 33 15.03 -25.30 -42.38
N MET N 34 14.83 -24.80 -43.59
CA MET N 34 15.66 -23.74 -44.13
C MET N 34 15.25 -22.37 -43.60
N SER N 35 14.08 -21.90 -44.02
CA SER N 35 13.56 -20.60 -43.61
C SER N 35 12.04 -20.58 -43.74
N SER N 36 11.36 -20.29 -42.63
CA SER N 36 9.92 -20.23 -42.56
C SER N 36 9.36 -18.89 -43.05
N GLU N 37 8.16 -18.90 -43.64
CA GLU N 37 7.53 -17.68 -44.13
C GLU N 37 6.01 -17.72 -43.94
N VAL N 38 5.51 -16.85 -43.06
CA VAL N 38 4.08 -16.79 -42.74
C VAL N 38 3.43 -15.49 -43.23
N LEU N 39 2.62 -15.59 -44.28
CA LEU N 39 1.95 -14.44 -44.88
C LEU N 39 0.43 -14.54 -44.74
N PRO N 40 -0.19 -13.61 -44.00
CA PRO N 40 -1.63 -13.58 -43.76
C PRO N 40 -2.38 -13.05 -44.99
N SER N 41 -3.71 -13.18 -44.98
CA SER N 41 -4.51 -12.72 -46.10
C SER N 41 -4.52 -11.19 -46.17
N THR N 42 -3.61 -10.64 -46.96
CA THR N 42 -3.50 -9.19 -47.12
C THR N 42 -4.61 -8.63 -48.00
N ASN N 43 -5.38 -7.69 -47.45
CA ASN N 43 -6.48 -7.06 -48.17
C ASN N 43 -6.36 -5.54 -48.09
N GLN N 44 -5.69 -4.96 -49.08
CA GLN N 44 -5.48 -3.52 -49.18
C GLN N 44 -6.82 -2.77 -49.29
N GLU N 45 -7.04 -1.80 -48.39
CA GLU N 45 -8.28 -1.02 -48.42
C GLU N 45 -8.12 0.50 -48.35
N TYR N 46 -7.19 1.01 -47.56
CA TYR N 46 -6.98 2.45 -47.43
C TYR N 46 -5.51 2.88 -47.32
N ILE N 47 -5.23 4.16 -47.59
CA ILE N 47 -3.87 4.73 -47.54
C ILE N 47 -3.91 6.22 -47.11
N THR N 48 -2.85 6.71 -46.46
CA THR N 48 -2.78 8.11 -45.98
C THR N 48 -1.40 8.80 -45.98
N CYS N 49 -1.41 10.11 -45.70
CA CYS N 49 -0.22 10.96 -45.63
C CYS N 49 -0.56 12.44 -45.46
N LYS N 50 0.43 13.32 -45.68
CA LYS N 50 0.24 14.77 -45.54
C LYS N 50 -0.73 15.32 -46.58
N PHE N 51 -1.13 16.59 -46.42
CA PHE N 51 -2.07 17.23 -47.35
C PHE N 51 -1.74 18.72 -47.51
N THR N 52 -2.50 19.40 -48.36
CA THR N 52 -2.33 20.83 -48.62
C THR N 52 -3.69 21.51 -48.81
N THR N 53 -3.97 22.50 -47.96
CA THR N 53 -5.24 23.23 -48.03
C THR N 53 -5.33 24.00 -49.34
N VAL N 54 -6.43 23.80 -50.06
CA VAL N 54 -6.66 24.48 -51.35
C VAL N 54 -7.75 25.54 -51.24
N VAL N 55 -7.44 26.66 -50.61
CA VAL N 55 -8.40 27.75 -50.48
C VAL N 55 -8.43 28.59 -51.74
N PRO N 56 -9.60 28.64 -52.41
CA PRO N 56 -9.77 29.41 -53.65
C PRO N 56 -9.91 30.91 -53.38
N SER N 57 -10.16 31.66 -54.44
CA SER N 57 -10.33 33.11 -54.33
C SER N 57 -11.79 33.49 -54.14
N PRO N 58 -12.08 34.35 -53.14
CA PRO N 58 -13.45 34.79 -52.84
C PRO N 58 -14.05 35.60 -53.98
N LYS N 59 -15.36 35.43 -54.18
CA LYS N 59 -16.08 36.14 -55.23
C LYS N 59 -16.95 37.25 -54.66
N ILE N 60 -16.32 38.13 -53.88
CA ILE N 60 -17.00 39.25 -53.24
C ILE N 60 -17.73 40.11 -54.27
N LYS N 61 -18.95 40.51 -53.94
CA LYS N 61 -19.76 41.34 -54.83
C LYS N 61 -20.32 42.56 -54.10
N CYS N 62 -21.52 42.97 -54.50
CA CYS N 62 -22.19 44.12 -53.89
C CYS N 62 -23.51 43.73 -53.22
N CYS N 63 -24.57 44.46 -53.54
CA CYS N 63 -25.90 44.22 -52.97
C CYS N 63 -26.61 42.98 -53.55
N GLY N 64 -25.86 42.09 -54.19
CA GLY N 64 -26.47 40.89 -54.75
C GLY N 64 -26.52 39.72 -53.79
N SER N 65 -27.52 38.86 -53.93
CA SER N 65 -27.65 37.68 -53.06
C SER N 65 -26.75 36.51 -53.46
N LEU N 66 -26.40 35.65 -52.48
CA LEU N 66 -25.54 34.49 -52.72
C LEU N 66 -25.80 33.30 -51.79
N GLU N 67 -25.74 32.10 -52.37
CA GLU N 67 -25.92 30.82 -51.66
C GLU N 67 -25.09 29.74 -52.36
N CYS N 68 -24.11 29.19 -51.65
CA CYS N 68 -23.22 28.15 -52.19
C CYS N 68 -23.89 26.80 -52.42
N GLN N 69 -23.42 26.09 -53.43
CA GLN N 69 -23.95 24.76 -53.79
C GLN N 69 -22.88 23.67 -53.69
N PRO N 70 -23.18 22.56 -52.99
CA PRO N 70 -22.21 21.45 -52.86
C PRO N 70 -22.08 20.58 -54.10
N ALA N 71 -20.97 19.86 -54.21
CA ALA N 71 -20.75 18.99 -55.36
C ALA N 71 -20.16 17.65 -54.95
N ALA N 72 -19.03 17.27 -55.54
CA ALA N 72 -18.36 16.01 -55.22
C ALA N 72 -16.85 16.25 -55.09
N HIS N 73 -16.45 16.68 -53.90
CA HIS N 73 -15.05 16.95 -53.58
C HIS N 73 -14.67 16.40 -52.20
N ALA N 74 -13.50 16.83 -51.71
CA ALA N 74 -13.00 16.43 -50.41
C ALA N 74 -13.30 17.59 -49.45
N ASP N 75 -13.98 17.29 -48.35
CA ASP N 75 -14.35 18.28 -47.34
C ASP N 75 -15.36 19.28 -47.93
N TYR N 76 -16.38 19.61 -47.15
CA TYR N 76 -17.40 20.53 -47.63
C TYR N 76 -18.09 21.34 -46.54
N THR N 77 -17.57 22.55 -46.33
CA THR N 77 -18.11 23.48 -45.35
C THR N 77 -18.05 24.91 -45.89
N CYS N 78 -19.17 25.36 -46.45
CA CYS N 78 -19.26 26.70 -47.02
C CYS N 78 -20.32 27.52 -46.28
N LYS N 79 -19.96 28.75 -45.91
CA LYS N 79 -20.87 29.63 -45.20
C LYS N 79 -20.87 31.06 -45.74
N VAL N 80 -22.06 31.55 -46.10
CA VAL N 80 -22.21 32.89 -46.63
C VAL N 80 -22.17 33.91 -45.49
N PHE N 81 -21.17 34.78 -45.50
CA PHE N 81 -21.02 35.80 -44.46
C PHE N 81 -21.62 37.14 -44.89
N GLY N 82 -22.41 37.74 -44.01
CA GLY N 82 -23.02 39.01 -44.32
C GLY N 82 -22.67 40.08 -43.31
N GLY N 83 -22.48 41.32 -43.80
CA GLY N 83 -22.14 42.41 -42.92
C GLY N 83 -20.68 42.82 -43.00
N VAL N 84 -19.89 42.07 -43.76
CA VAL N 84 -18.46 42.36 -43.93
C VAL N 84 -18.27 43.42 -45.00
N TYR N 85 -17.26 44.27 -44.83
CA TYR N 85 -16.96 45.34 -45.78
C TYR N 85 -18.13 46.33 -45.94
N PRO N 86 -18.44 47.07 -44.87
CA PRO N 86 -19.53 48.05 -44.86
C PRO N 86 -19.32 49.30 -45.72
N PHE N 87 -18.09 49.53 -46.18
CA PHE N 87 -17.78 50.72 -46.99
C PHE N 87 -16.58 50.55 -47.92
N MET N 88 -16.34 51.57 -48.75
CA MET N 88 -15.22 51.58 -49.68
C MET N 88 -13.91 51.67 -48.90
N TRP N 89 -14.01 52.13 -47.65
CA TRP N 89 -12.86 52.26 -46.78
C TRP N 89 -12.67 50.96 -45.98
N GLY N 90 -13.54 50.00 -46.25
CA GLY N 90 -13.49 48.71 -45.57
C GLY N 90 -12.43 47.79 -46.16
N GLY N 91 -12.45 47.63 -47.48
CA GLY N 91 -11.47 46.76 -48.13
C GLY N 91 -11.77 46.35 -49.56
N ALA N 92 -13.01 45.96 -49.82
CA ALA N 92 -13.40 45.52 -51.16
C ALA N 92 -13.92 46.64 -52.07
N GLN N 93 -13.86 47.88 -51.59
CA GLN N 93 -14.34 49.04 -52.35
C GLN N 93 -15.82 48.87 -52.71
N CYS N 94 -16.63 48.54 -51.71
CA CYS N 94 -18.07 48.32 -51.91
C CYS N 94 -18.89 49.61 -51.78
N PHE N 95 -20.03 49.64 -52.46
CA PHE N 95 -20.93 50.80 -52.44
C PHE N 95 -22.19 50.57 -51.59
N CYS N 96 -22.38 49.33 -51.13
CA CYS N 96 -23.53 48.96 -50.32
C CYS N 96 -23.35 49.28 -48.84
N ASP N 97 -24.43 49.65 -48.15
CA ASP N 97 -24.37 49.98 -46.72
C ASP N 97 -24.21 48.73 -45.84
N SER N 98 -25.11 47.77 -45.98
CA SER N 98 -25.04 46.53 -45.20
C SER N 98 -25.52 45.27 -45.92
N GLU N 99 -25.62 45.35 -47.24
CA GLU N 99 -26.05 44.20 -48.04
C GLU N 99 -24.90 43.68 -48.92
N ASN N 100 -23.94 43.00 -48.30
CA ASN N 100 -22.80 42.43 -49.03
C ASN N 100 -22.53 41.02 -48.53
N SER N 101 -22.18 40.14 -49.45
CA SER N 101 -21.90 38.74 -49.11
C SER N 101 -20.68 38.16 -49.82
N GLN N 102 -20.22 37.01 -49.30
CA GLN N 102 -19.07 36.30 -49.84
C GLN N 102 -19.37 34.82 -49.88
N MET N 103 -18.65 34.10 -50.73
CA MET N 103 -18.82 32.65 -50.86
C MET N 103 -17.98 31.91 -49.81
N SER N 104 -16.68 32.21 -49.77
CA SER N 104 -15.76 31.57 -48.84
C SER N 104 -15.76 30.04 -48.91
N GLU N 105 -15.05 29.52 -49.91
CA GLU N 105 -14.95 28.08 -50.11
C GLU N 105 -13.56 27.60 -49.67
N ALA N 106 -13.45 26.33 -49.26
CA ALA N 106 -12.17 25.77 -48.82
C ALA N 106 -12.17 24.24 -48.78
N TYR N 107 -11.33 23.63 -49.62
CA TYR N 107 -11.21 22.18 -49.69
C TYR N 107 -9.76 21.74 -49.44
N VAL N 108 -9.53 20.42 -49.42
CA VAL N 108 -8.19 19.87 -49.19
C VAL N 108 -7.88 18.66 -50.08
N GLU N 109 -6.92 18.83 -50.99
CA GLU N 109 -6.50 17.76 -51.89
C GLU N 109 -5.20 17.10 -51.44
N LEU N 110 -4.92 15.90 -51.96
CA LEU N 110 -3.71 15.17 -51.63
C LEU N 110 -2.48 15.97 -52.06
N SER N 111 -1.52 16.12 -51.15
CA SER N 111 -0.30 16.86 -51.41
C SER N 111 0.55 16.28 -52.54
N ALA N 112 1.55 17.04 -52.98
CA ALA N 112 2.45 16.62 -54.04
C ALA N 112 3.51 15.65 -53.54
N ASP N 113 3.87 15.79 -52.27
CA ASP N 113 4.89 14.94 -51.67
C ASP N 113 4.35 13.62 -51.13
N CYS N 114 3.07 13.37 -51.36
CA CYS N 114 2.41 12.15 -50.91
C CYS N 114 2.66 10.96 -51.83
N ALA N 115 3.01 11.23 -53.09
CA ALA N 115 3.25 10.17 -54.07
C ALA N 115 4.30 9.17 -53.65
N SER N 116 5.36 9.63 -52.99
CA SER N 116 6.41 8.73 -52.56
C SER N 116 6.13 8.14 -51.17
N ASP N 117 6.44 8.88 -50.11
CA ASP N 117 6.20 8.40 -48.75
C ASP N 117 4.70 8.23 -48.49
N HIS N 118 4.30 7.08 -47.95
CA HIS N 118 2.90 6.81 -47.66
C HIS N 118 2.69 5.87 -46.47
N ALA N 119 1.45 5.42 -46.30
CA ALA N 119 1.06 4.51 -45.22
C ALA N 119 -0.10 3.65 -45.73
N GLN N 120 0.08 2.33 -45.70
CA GLN N 120 -0.95 1.43 -46.19
C GLN N 120 -1.75 0.72 -45.10
N ALA N 121 -3.03 1.07 -44.97
CA ALA N 121 -3.92 0.48 -43.98
C ALA N 121 -4.41 -0.89 -44.46
N ILE N 122 -4.27 -1.90 -43.61
CA ILE N 122 -4.70 -3.27 -43.95
C ILE N 122 -5.30 -3.96 -42.72
N LYS N 123 -6.07 -5.02 -42.96
CA LYS N 123 -6.70 -5.80 -41.89
C LYS N 123 -6.18 -7.23 -41.90
N VAL N 124 -5.09 -7.48 -41.17
CA VAL N 124 -4.51 -8.82 -41.11
C VAL N 124 -5.47 -9.86 -40.52
N HIS N 125 -5.57 -11.00 -41.20
CA HIS N 125 -6.44 -12.09 -40.77
C HIS N 125 -5.85 -13.47 -41.06
N THR N 126 -6.72 -14.47 -41.21
CA THR N 126 -6.36 -15.87 -41.47
C THR N 126 -4.98 -16.07 -42.12
N ALA N 127 -3.96 -16.16 -41.27
CA ALA N 127 -2.58 -16.32 -41.70
C ALA N 127 -2.29 -17.66 -42.35
N ALA N 128 -1.59 -17.61 -43.48
CA ALA N 128 -1.19 -18.80 -44.22
C ALA N 128 0.25 -19.14 -43.83
N MET N 129 0.69 -20.35 -44.15
CA MET N 129 2.04 -20.79 -43.83
C MET N 129 2.70 -21.56 -44.97
N LYS N 130 4.00 -21.36 -45.13
CA LYS N 130 4.78 -22.02 -46.19
C LYS N 130 6.22 -22.17 -45.71
N VAL N 131 6.66 -23.41 -45.51
CA VAL N 131 8.02 -23.66 -45.05
C VAL N 131 8.77 -24.61 -46.01
N GLY N 132 9.85 -24.11 -46.58
CA GLY N 132 10.65 -24.91 -47.49
C GLY N 132 11.49 -25.93 -46.74
N LEU N 133 10.94 -27.14 -46.59
CA LEU N 133 11.60 -28.22 -45.87
C LEU N 133 12.54 -29.03 -46.76
N ARG N 134 13.78 -29.18 -46.33
CA ARG N 134 14.77 -29.96 -47.07
C ARG N 134 14.34 -31.42 -46.97
N ILE N 135 14.56 -32.17 -48.04
CA ILE N 135 14.19 -33.58 -48.07
C ILE N 135 15.35 -34.48 -48.49
N VAL N 136 15.57 -35.53 -47.70
CA VAL N 136 16.63 -36.51 -47.96
C VAL N 136 16.06 -37.89 -47.59
N TYR N 137 16.24 -38.86 -48.48
CA TYR N 137 15.74 -40.21 -48.25
C TYR N 137 16.59 -41.27 -48.97
N GLY N 138 17.86 -40.96 -49.20
CA GLY N 138 18.74 -41.89 -49.87
C GLY N 138 19.88 -41.22 -50.63
N ASN N 139 19.90 -41.42 -51.95
CA ASN N 139 20.91 -40.84 -52.81
C ASN N 139 20.46 -39.50 -53.38
N THR N 140 19.18 -39.19 -53.22
CA THR N 140 18.61 -37.95 -53.72
C THR N 140 18.64 -36.81 -52.70
N THR N 141 18.77 -35.58 -53.20
CA THR N 141 18.81 -34.39 -52.35
C THR N 141 17.95 -33.29 -52.98
N SER N 142 16.65 -33.35 -52.76
CA SER N 142 15.75 -32.33 -53.32
C SER N 142 15.29 -31.29 -52.30
N PHE N 143 15.14 -30.05 -52.77
CA PHE N 143 14.69 -28.95 -51.93
C PHE N 143 13.41 -28.41 -52.54
N LEU N 144 12.32 -28.44 -51.77
CA LEU N 144 11.02 -27.96 -52.27
C LEU N 144 10.35 -26.92 -51.39
N ASP N 145 9.61 -26.02 -52.04
CA ASP N 145 8.88 -24.96 -51.35
C ASP N 145 7.47 -25.51 -51.11
N VAL N 146 7.24 -26.07 -49.92
CA VAL N 146 5.94 -26.66 -49.60
C VAL N 146 5.08 -25.83 -48.66
N TYR N 147 3.81 -25.66 -49.02
CA TYR N 147 2.84 -24.92 -48.22
C TYR N 147 2.53 -25.75 -46.96
N VAL N 148 2.52 -25.11 -45.80
CA VAL N 148 2.23 -25.80 -44.54
C VAL N 148 0.73 -25.94 -44.29
N ASN N 149 0.18 -27.06 -44.75
CA ASN N 149 -1.25 -27.34 -44.58
C ASN N 149 -1.52 -28.80 -44.92
N GLY N 150 -2.56 -29.37 -44.31
CA GLY N 150 -2.89 -30.76 -44.57
C GLY N 150 -3.77 -30.96 -45.79
N VAL N 151 -3.79 -29.97 -46.67
CA VAL N 151 -4.58 -30.04 -47.89
C VAL N 151 -3.70 -30.16 -49.14
N THR N 152 -2.60 -29.43 -49.17
CA THR N 152 -1.68 -29.44 -50.30
C THR N 152 -0.55 -30.49 -50.15
N PRO N 153 -0.64 -31.60 -50.91
CA PRO N 153 0.33 -32.70 -50.89
C PRO N 153 1.61 -32.37 -51.67
N GLY N 154 2.52 -33.33 -51.77
CA GLY N 154 3.76 -33.12 -52.48
C GLY N 154 4.06 -34.09 -53.62
N THR N 155 5.34 -34.15 -54.00
CA THR N 155 5.79 -35.03 -55.07
C THR N 155 7.26 -35.42 -54.88
N SER N 156 8.12 -34.41 -54.73
CA SER N 156 9.57 -34.58 -54.52
C SER N 156 10.26 -35.71 -55.28
N LYS N 157 10.32 -36.89 -54.65
CA LYS N 157 10.95 -38.07 -55.22
C LYS N 157 9.95 -39.24 -55.25
N ASP N 158 8.90 -39.09 -56.04
CA ASP N 158 7.83 -40.09 -56.18
C ASP N 158 7.15 -40.37 -54.84
N LEU N 159 7.21 -39.40 -53.93
CA LEU N 159 6.61 -39.52 -52.61
C LEU N 159 5.56 -38.43 -52.36
N LYS N 160 4.52 -38.78 -51.60
CA LYS N 160 3.46 -37.83 -51.27
C LYS N 160 3.74 -37.15 -49.93
N VAL N 161 4.60 -36.13 -49.96
CA VAL N 161 4.98 -35.40 -48.75
C VAL N 161 3.93 -34.36 -48.36
N ILE N 162 3.36 -34.51 -47.16
CA ILE N 162 2.37 -33.59 -46.65
C ILE N 162 2.95 -32.76 -45.51
N ALA N 163 2.73 -31.45 -45.56
CA ALA N 163 3.23 -30.55 -44.53
C ALA N 163 2.45 -30.71 -43.23
N GLY N 164 1.13 -30.59 -43.31
CA GLY N 164 0.29 -30.72 -42.13
C GLY N 164 0.17 -29.44 -41.32
N PRO N 165 -1.04 -29.09 -40.88
CA PRO N 165 -1.28 -27.88 -40.08
C PRO N 165 -0.65 -27.93 -38.70
N ILE N 166 0.07 -26.87 -38.34
CA ILE N 166 0.74 -26.76 -37.05
C ILE N 166 -0.28 -26.59 -35.94
N SER N 167 0.03 -27.07 -34.74
CA SER N 167 -0.88 -26.96 -33.61
C SER N 167 -0.87 -25.56 -32.98
N ALA N 168 0.11 -24.76 -33.36
CA ALA N 168 0.24 -23.40 -32.84
C ALA N 168 -0.36 -22.41 -33.85
N SER N 169 -1.48 -21.79 -33.47
CA SER N 169 -2.15 -20.82 -34.34
C SER N 169 -1.88 -19.39 -33.89
N PHE N 170 -0.66 -19.15 -33.39
CA PHE N 170 -0.27 -17.82 -32.92
C PHE N 170 0.40 -16.98 -33.99
N THR N 171 -0.22 -15.84 -34.31
CA THR N 171 0.30 -14.92 -35.30
C THR N 171 0.84 -13.66 -34.59
N PRO N 172 2.00 -13.16 -35.04
CA PRO N 172 2.58 -11.96 -34.41
C PRO N 172 1.82 -10.68 -34.79
N PHE N 173 1.01 -10.78 -35.84
CA PHE N 173 0.21 -9.66 -36.33
C PHE N 173 -1.22 -9.82 -35.82
N ASP N 174 -1.78 -8.77 -35.25
CA ASP N 174 -3.15 -8.83 -34.73
C ASP N 174 -4.18 -8.55 -35.81
N HIS N 175 -5.23 -7.81 -35.48
CA HIS N 175 -6.32 -7.50 -36.41
C HIS N 175 -6.05 -6.48 -37.50
N LYS N 176 -5.22 -5.47 -37.21
CA LYS N 176 -4.90 -4.41 -38.17
C LYS N 176 -3.42 -4.08 -38.19
N VAL N 177 -2.83 -4.04 -39.40
CA VAL N 177 -1.42 -3.74 -39.56
C VAL N 177 -1.15 -2.75 -40.68
N VAL N 178 -0.60 -1.58 -40.34
CA VAL N 178 -0.29 -0.56 -41.34
C VAL N 178 1.22 -0.49 -41.60
N ILE N 179 1.57 -0.21 -42.85
CA ILE N 179 2.97 -0.11 -43.27
C ILE N 179 3.52 1.32 -43.18
N HIS N 180 4.81 1.42 -42.85
CA HIS N 180 5.50 2.71 -42.73
C HIS N 180 6.94 2.58 -43.20
N ARG N 181 7.25 3.18 -44.35
CA ARG N 181 8.59 3.13 -44.94
C ARG N 181 8.97 1.68 -45.25
N GLY N 182 9.39 0.98 -44.19
CA GLY N 182 9.77 -0.43 -44.30
C GLY N 182 9.69 -1.06 -42.92
N LEU N 183 8.64 -0.72 -42.18
CA LEU N 183 8.41 -1.24 -40.84
C LEU N 183 6.98 -1.76 -40.71
N VAL N 184 6.70 -2.49 -39.63
CA VAL N 184 5.38 -3.07 -39.41
C VAL N 184 4.91 -2.84 -37.97
N TYR N 185 3.83 -2.07 -37.81
CA TYR N 185 3.29 -1.78 -36.50
C TYR N 185 1.88 -2.35 -36.31
N ASN N 186 1.46 -2.43 -35.05
CA ASN N 186 0.12 -2.90 -34.70
C ASN N 186 -0.68 -1.63 -34.42
N TYR N 187 -1.46 -1.20 -35.41
CA TYR N 187 -2.26 0.02 -35.30
C TYR N 187 -3.76 -0.19 -35.09
N ASP N 188 -4.38 0.75 -34.39
CA ASP N 188 -5.80 0.72 -34.11
C ASP N 188 -6.54 1.80 -34.93
N PHE N 189 -6.42 1.70 -36.25
CA PHE N 189 -7.05 2.65 -37.18
C PHE N 189 -8.58 2.64 -37.11
N PRO N 190 -9.21 3.83 -37.24
CA PRO N 190 -10.66 4.02 -37.19
C PRO N 190 -11.45 3.36 -38.33
N GLU N 191 -12.76 3.21 -38.11
CA GLU N 191 -13.64 2.59 -39.09
C GLU N 191 -13.88 3.45 -40.33
N TYR N 192 -13.93 2.77 -41.47
CA TYR N 192 -14.13 3.40 -42.78
C TYR N 192 -15.45 4.14 -42.86
N GLY N 193 -15.36 5.46 -42.99
CA GLY N 193 -16.56 6.28 -43.08
C GLY N 193 -16.97 6.81 -41.72
N ALA N 194 -16.07 6.75 -40.76
CA ALA N 194 -16.32 7.21 -39.40
C ALA N 194 -15.05 7.90 -38.88
N MET N 195 -14.38 8.60 -39.78
CA MET N 195 -13.14 9.30 -39.47
C MET N 195 -13.34 10.44 -38.48
N LYS N 196 -12.27 10.80 -37.78
CA LYS N 196 -12.30 11.88 -36.80
C LYS N 196 -10.97 12.61 -36.78
N PRO N 197 -10.99 13.91 -36.42
CA PRO N 197 -9.77 14.71 -36.36
C PRO N 197 -8.85 14.28 -35.20
N GLY N 198 -9.13 13.11 -34.64
CA GLY N 198 -8.33 12.58 -33.56
C GLY N 198 -7.08 11.90 -34.10
N ALA N 199 -6.78 12.20 -35.37
CA ALA N 199 -5.62 11.65 -36.07
C ALA N 199 -5.78 10.18 -36.43
N PHE N 200 -4.72 9.60 -36.98
CA PHE N 200 -4.69 8.20 -37.38
C PHE N 200 -5.70 7.83 -38.46
N GLY N 201 -5.95 8.79 -39.35
CA GLY N 201 -6.90 8.54 -40.43
C GLY N 201 -7.62 9.79 -40.88
N ASP N 202 -6.88 10.76 -41.41
CA ASP N 202 -7.45 12.01 -41.88
C ASP N 202 -8.23 11.84 -43.18
N ILE N 203 -7.62 12.17 -44.31
CA ILE N 203 -8.27 12.02 -45.61
C ILE N 203 -7.74 10.75 -46.26
N GLN N 204 -8.31 9.63 -45.87
CA GLN N 204 -7.91 8.31 -46.36
C GLN N 204 -8.37 8.05 -47.80
N ALA N 205 -7.58 7.26 -48.53
CA ALA N 205 -7.90 6.92 -49.92
C ALA N 205 -7.82 5.43 -50.18
N THR N 206 -8.41 4.98 -51.27
CA THR N 206 -8.40 3.56 -51.64
C THR N 206 -7.01 3.02 -51.96
N SER N 207 -6.28 3.70 -52.84
CA SER N 207 -4.94 3.25 -53.20
C SER N 207 -3.93 4.37 -53.52
N LEU N 208 -2.88 4.03 -54.26
CA LEU N 208 -1.84 4.99 -54.61
C LEU N 208 -2.26 5.96 -55.70
N THR N 209 -3.05 5.48 -56.66
CA THR N 209 -3.54 6.32 -57.75
C THR N 209 -5.08 6.30 -57.75
N SER N 210 -5.64 6.87 -56.69
CA SER N 210 -7.10 6.94 -56.50
C SER N 210 -7.67 8.27 -57.00
N LYS N 211 -8.99 8.44 -56.84
CA LYS N 211 -9.69 9.67 -57.25
C LYS N 211 -11.04 9.85 -56.54
N ASP N 212 -11.14 9.38 -55.30
CA ASP N 212 -12.38 9.48 -54.50
C ASP N 212 -12.00 9.63 -53.01
N LEU N 213 -12.17 10.83 -52.45
CA LEU N 213 -11.81 11.07 -51.04
C LEU N 213 -12.97 11.32 -50.06
N ILE N 214 -12.68 11.13 -48.77
CA ILE N 214 -13.64 11.31 -47.66
C ILE N 214 -12.89 11.73 -46.40
N ALA N 215 -13.41 12.72 -45.66
CA ALA N 215 -12.76 13.18 -44.43
C ALA N 215 -13.53 14.16 -43.55
N SER N 216 -12.93 14.50 -42.41
CA SER N 216 -13.46 15.45 -41.44
C SER N 216 -12.33 15.91 -40.52
N THR N 217 -11.56 16.88 -40.99
CA THR N 217 -10.42 17.42 -40.24
C THR N 217 -10.79 18.60 -39.32
N ASP N 218 -12.02 18.59 -38.81
CA ASP N 218 -12.51 19.64 -37.91
C ASP N 218 -12.34 21.07 -38.45
N ILE N 219 -12.59 21.25 -39.74
CA ILE N 219 -12.49 22.56 -40.39
C ILE N 219 -13.70 23.45 -40.10
N ARG N 220 -13.43 24.70 -39.76
CA ARG N 220 -14.50 25.67 -39.46
C ARG N 220 -14.24 27.04 -40.07
N LEU N 221 -15.23 27.59 -40.78
CA LEU N 221 -15.08 28.90 -41.40
C LEU N 221 -15.32 30.02 -40.39
N LEU N 222 -14.46 31.03 -40.41
CA LEU N 222 -14.58 32.17 -39.51
C LEU N 222 -14.86 33.46 -40.25
N LYS N 223 -15.69 34.31 -39.66
CA LYS N 223 -16.05 35.59 -40.27
C LYS N 223 -14.83 36.53 -40.22
N PRO N 224 -14.34 36.95 -41.38
CA PRO N 224 -13.18 37.85 -41.47
C PRO N 224 -13.47 39.26 -40.94
N SER N 225 -12.40 39.99 -40.65
CA SER N 225 -12.54 41.36 -40.15
C SER N 225 -12.36 42.36 -41.29
N ALA N 226 -13.08 43.48 -41.22
CA ALA N 226 -13.00 44.51 -42.25
C ALA N 226 -11.70 45.31 -42.21
N LYS N 227 -10.81 45.01 -43.16
CA LYS N 227 -9.50 45.67 -43.30
C LYS N 227 -8.95 45.40 -44.71
N ASN N 228 -8.50 44.17 -44.93
CA ASN N 228 -7.95 43.76 -46.22
C ASN N 228 -8.59 42.43 -46.61
N VAL N 229 -8.82 42.25 -47.91
CA VAL N 229 -9.44 41.02 -48.42
C VAL N 229 -8.63 39.78 -48.03
N HIS N 230 -9.11 39.06 -47.03
CA HIS N 230 -8.44 37.85 -46.55
C HIS N 230 -9.44 36.73 -46.32
N VAL N 231 -8.92 35.53 -46.07
CA VAL N 231 -9.76 34.36 -45.82
C VAL N 231 -9.14 33.55 -44.65
N PRO N 232 -9.28 34.06 -43.42
CA PRO N 232 -8.77 33.44 -42.19
C PRO N 232 -9.59 32.28 -41.62
N TYR N 233 -8.95 31.12 -41.44
CA TYR N 233 -9.58 29.93 -40.89
C TYR N 233 -8.76 29.30 -39.77
N THR N 234 -9.43 28.53 -38.92
CA THR N 234 -8.78 27.83 -37.82
C THR N 234 -8.75 26.33 -38.13
N GLN N 235 -7.65 25.88 -38.72
CA GLN N 235 -7.49 24.47 -39.10
C GLN N 235 -6.77 23.64 -38.04
N ALA N 236 -7.11 22.35 -37.99
CA ALA N 236 -6.48 21.42 -37.06
C ALA N 236 -5.13 20.99 -37.64
N SER N 237 -4.09 21.07 -36.80
CA SER N 237 -2.76 20.67 -37.23
C SER N 237 -2.77 19.19 -37.62
N SER N 238 -2.26 18.87 -38.80
CA SER N 238 -2.23 17.49 -39.29
C SER N 238 -1.66 16.51 -38.26
N GLY N 239 -2.33 15.37 -38.12
CA GLY N 239 -1.89 14.37 -37.18
C GLY N 239 -0.72 13.53 -37.68
N PHE N 240 -0.47 13.62 -38.99
CA PHE N 240 0.62 12.85 -39.59
C PHE N 240 2.02 13.41 -39.30
N GLU N 241 2.09 14.64 -38.80
CA GLU N 241 3.37 15.23 -38.43
C GLU N 241 3.61 14.93 -36.95
N MET N 242 2.54 14.59 -36.24
CA MET N 242 2.63 14.27 -34.82
C MET N 242 2.75 12.76 -34.55
N TRP N 243 2.45 11.94 -35.54
CA TRP N 243 2.52 10.48 -35.38
C TRP N 243 3.93 9.91 -35.42
N LYS N 244 4.90 10.80 -35.60
CA LYS N 244 6.31 10.44 -35.63
C LYS N 244 6.86 10.44 -34.21
N ASN N 245 5.97 10.65 -33.25
CA ASN N 245 6.37 10.67 -31.84
C ASN N 245 5.69 9.55 -31.06
N ASN N 246 4.39 9.39 -31.27
CA ASN N 246 3.61 8.36 -30.58
C ASN N 246 3.58 7.01 -31.30
N SER N 247 4.55 6.81 -32.19
CA SER N 247 4.68 5.57 -32.96
C SER N 247 4.78 4.36 -32.03
N GLY N 248 5.74 4.42 -31.11
CA GLY N 248 5.95 3.35 -30.16
C GLY N 248 6.28 1.98 -30.73
N ARG N 249 5.61 0.97 -30.20
CA ARG N 249 5.75 -0.44 -30.57
C ARG N 249 6.04 -0.67 -32.05
N PRO N 250 7.32 -0.92 -32.40
CA PRO N 250 7.76 -1.15 -33.78
C PRO N 250 7.63 -2.60 -34.24
N LEU N 251 7.41 -3.51 -33.29
CA LEU N 251 7.28 -4.94 -33.55
C LEU N 251 8.55 -5.63 -34.05
N GLN N 252 9.26 -4.99 -34.97
CA GLN N 252 10.48 -5.55 -35.54
C GLN N 252 11.56 -5.79 -34.47
N GLU N 253 11.60 -4.91 -33.48
CA GLU N 253 12.57 -5.04 -32.39
C GLU N 253 12.03 -5.95 -31.27
N THR N 254 10.71 -6.03 -31.14
CA THR N 254 10.07 -6.88 -30.13
C THR N 254 9.65 -8.20 -30.80
N ALA N 255 10.57 -8.79 -31.55
CA ALA N 255 10.32 -10.04 -32.25
C ALA N 255 10.24 -11.22 -31.28
N PRO N 256 9.08 -11.90 -31.23
CA PRO N 256 8.85 -13.04 -30.34
C PRO N 256 9.55 -14.32 -30.81
N PHE N 257 10.47 -14.81 -29.98
CA PHE N 257 11.24 -16.02 -30.25
C PHE N 257 12.21 -15.88 -31.43
N GLY N 258 12.89 -14.74 -31.48
CA GLY N 258 13.84 -14.48 -32.54
C GLY N 258 13.24 -14.35 -33.95
N CYS N 259 11.91 -14.23 -33.98
CA CYS N 259 11.13 -14.10 -35.20
C CYS N 259 11.53 -12.85 -36.00
N LYS N 260 11.02 -12.73 -37.23
CA LYS N 260 11.32 -11.60 -38.08
C LYS N 260 10.08 -11.00 -38.73
N ILE N 261 10.28 -10.01 -39.60
CA ILE N 261 9.20 -9.34 -40.30
C ILE N 261 9.71 -8.78 -41.64
N ALA N 262 8.88 -8.92 -42.68
CA ALA N 262 9.25 -8.43 -44.01
C ALA N 262 8.54 -7.11 -44.33
N VAL N 263 9.05 -6.41 -45.34
CA VAL N 263 8.47 -5.13 -45.75
C VAL N 263 7.36 -5.29 -46.77
N ASN N 264 7.74 -5.67 -47.99
CA ASN N 264 6.79 -5.83 -49.10
C ASN N 264 5.68 -6.87 -48.90
N PRO N 265 6.03 -8.09 -48.46
CA PRO N 265 4.99 -9.10 -48.26
C PRO N 265 4.43 -9.20 -46.84
N LEU N 266 5.00 -8.44 -45.92
CA LEU N 266 4.57 -8.44 -44.51
C LEU N 266 4.56 -9.86 -43.95
N ARG N 267 5.70 -10.53 -44.12
CA ARG N 267 5.86 -11.93 -43.69
C ARG N 267 6.76 -12.09 -42.47
N ALA N 268 6.52 -13.18 -41.73
CA ALA N 268 7.30 -13.51 -40.53
C ALA N 268 8.27 -14.65 -40.85
N VAL N 269 9.56 -14.34 -40.87
CA VAL N 269 10.60 -15.33 -41.18
C VAL N 269 11.41 -15.74 -39.95
N ASP N 270 11.94 -16.97 -40.00
CA ASP N 270 12.76 -17.54 -38.93
C ASP N 270 12.04 -17.49 -37.56
N CYS N 271 10.73 -17.65 -37.61
CA CYS N 271 9.89 -17.60 -36.40
C CYS N 271 9.51 -18.98 -35.89
N SER N 272 10.06 -19.37 -34.74
CA SER N 272 9.75 -20.67 -34.15
C SER N 272 8.36 -20.69 -33.52
N TYR N 273 7.64 -21.79 -33.73
CA TYR N 273 6.28 -21.93 -33.21
C TYR N 273 5.97 -23.26 -32.52
N GLY N 274 5.39 -24.20 -33.26
CA GLY N 274 5.03 -25.48 -32.68
C GLY N 274 5.63 -26.70 -33.37
N ASN N 275 4.75 -27.58 -33.85
CA ASN N 275 5.17 -28.81 -34.52
C ASN N 275 4.46 -29.02 -35.86
N ILE N 276 5.19 -29.56 -36.82
CA ILE N 276 4.67 -29.83 -38.16
C ILE N 276 4.54 -31.33 -38.42
N PRO N 277 3.32 -31.88 -38.32
CA PRO N 277 3.04 -33.30 -38.54
C PRO N 277 3.11 -33.72 -40.00
N ILE N 278 4.24 -34.34 -40.37
CA ILE N 278 4.47 -34.79 -41.75
C ILE N 278 4.10 -36.26 -41.94
N SER N 279 3.38 -36.53 -43.02
CA SER N 279 2.95 -37.89 -43.38
C SER N 279 3.26 -38.15 -44.85
N ILE N 280 3.94 -39.27 -45.12
CA ILE N 280 4.31 -39.61 -46.49
C ILE N 280 4.00 -41.06 -46.87
N ASP N 281 3.37 -41.25 -48.02
CA ASP N 281 3.01 -42.57 -48.55
C ASP N 281 4.23 -43.15 -49.27
N ILE N 282 5.21 -43.65 -48.52
CA ILE N 282 6.42 -44.21 -49.12
C ILE N 282 6.17 -45.59 -49.73
N PRO N 283 6.32 -45.73 -51.06
CA PRO N 283 6.12 -46.98 -51.81
C PRO N 283 7.19 -48.05 -51.55
N ASN N 284 6.98 -49.22 -52.15
CA ASN N 284 7.89 -50.36 -52.02
C ASN N 284 9.25 -50.10 -52.65
N ALA N 285 9.25 -49.30 -53.71
CA ALA N 285 10.48 -48.97 -54.43
C ALA N 285 11.49 -48.15 -53.63
N ALA N 286 11.00 -47.36 -52.69
CA ALA N 286 11.85 -46.53 -51.86
C ALA N 286 12.52 -47.30 -50.72
N PHE N 287 11.88 -48.38 -50.29
CA PHE N 287 12.42 -49.22 -49.22
C PHE N 287 13.50 -50.15 -49.77
N ILE N 288 14.57 -49.54 -50.26
CA ILE N 288 15.70 -50.27 -50.82
C ILE N 288 16.41 -51.10 -49.75
N ARG N 289 17.08 -52.16 -50.18
CA ARG N 289 17.80 -53.08 -49.32
C ARG N 289 16.90 -54.04 -48.53
N THR N 290 16.29 -54.97 -49.26
CA THR N 290 15.39 -55.98 -48.69
C THR N 290 16.19 -56.96 -47.83
N SER N 291 15.51 -57.83 -47.10
CA SER N 291 16.17 -58.81 -46.24
C SER N 291 16.90 -59.92 -47.01
N ASP N 292 16.72 -59.94 -48.32
CA ASP N 292 17.35 -60.93 -49.19
C ASP N 292 18.74 -60.53 -49.68
N ALA N 293 19.08 -59.25 -49.58
CA ALA N 293 20.40 -58.79 -50.03
C ALA N 293 21.43 -58.53 -48.92
N PRO N 294 21.23 -57.50 -48.08
CA PRO N 294 22.22 -57.26 -47.03
C PRO N 294 22.18 -58.28 -45.89
N LEU N 295 23.37 -58.70 -45.45
CA LEU N 295 23.49 -59.67 -44.37
C LEU N 295 24.71 -59.40 -43.48
N VAL N 296 24.69 -58.26 -42.80
CA VAL N 296 25.78 -57.87 -41.92
C VAL N 296 25.91 -58.82 -40.71
N SER N 297 27.14 -59.10 -40.31
CA SER N 297 27.39 -59.99 -39.17
C SER N 297 27.56 -59.28 -37.82
N THR N 298 28.52 -59.74 -37.02
CA THR N 298 28.78 -59.17 -35.70
C THR N 298 29.22 -57.70 -35.74
N VAL N 299 28.54 -56.89 -34.93
CA VAL N 299 28.81 -55.45 -34.84
C VAL N 299 29.83 -55.14 -33.73
N LYS N 300 30.80 -54.29 -34.05
CA LYS N 300 31.83 -53.88 -33.10
C LYS N 300 31.84 -52.35 -33.00
N CYS N 301 32.22 -51.81 -31.83
CA CYS N 301 32.24 -50.36 -31.64
C CYS N 301 33.20 -49.86 -30.56
N GLU N 302 34.02 -48.88 -30.91
CA GLU N 302 34.98 -48.26 -30.00
C GLU N 302 35.13 -46.76 -30.29
N VAL N 303 35.33 -45.96 -29.26
CA VAL N 303 35.45 -44.51 -29.40
C VAL N 303 36.91 -44.01 -29.25
N SER N 304 37.22 -42.91 -29.91
CA SER N 304 38.57 -42.33 -29.84
C SER N 304 38.57 -40.79 -29.80
N GLU N 305 38.56 -40.15 -30.96
CA GLU N 305 38.55 -38.68 -31.03
C GLU N 305 37.20 -38.07 -30.69
N CYS N 306 37.11 -37.38 -29.56
CA CYS N 306 35.88 -36.74 -29.12
C CYS N 306 36.13 -35.46 -28.32
N THR N 307 35.49 -34.37 -28.76
CA THR N 307 35.62 -33.07 -28.11
C THR N 307 34.23 -32.52 -27.78
N TYR N 308 34.17 -31.56 -26.86
CA TYR N 308 32.91 -30.95 -26.44
C TYR N 308 31.99 -30.58 -27.60
N SER N 309 30.69 -30.78 -27.40
CA SER N 309 29.67 -30.48 -28.40
C SER N 309 29.66 -29.00 -28.79
N MET N 315 35.46 -41.24 -36.28
CA MET N 315 35.02 -42.60 -36.58
C MET N 315 34.76 -43.39 -35.29
N ALA N 316 33.58 -44.02 -35.19
CA ALA N 316 33.28 -44.81 -34.00
C ALA N 316 33.62 -46.27 -34.21
N THR N 317 34.57 -46.51 -35.12
CA THR N 317 35.03 -47.86 -35.46
C THR N 317 33.87 -48.86 -35.64
N LEU N 318 33.17 -48.71 -36.76
CA LEU N 318 32.04 -49.58 -37.08
C LEU N 318 32.43 -50.58 -38.18
N GLN N 319 33.56 -51.26 -37.98
CA GLN N 319 34.04 -52.24 -38.95
C GLN N 319 33.06 -53.41 -39.10
N TYR N 320 32.58 -53.59 -40.33
CA TYR N 320 31.63 -54.65 -40.64
C TYR N 320 32.20 -55.60 -41.67
N VAL N 321 31.44 -56.66 -41.96
CA VAL N 321 31.85 -57.65 -42.95
C VAL N 321 30.59 -58.11 -43.69
N SER N 322 30.46 -57.69 -44.94
CA SER N 322 29.30 -58.06 -45.75
C SER N 322 29.67 -58.35 -47.20
N ASP N 323 28.68 -58.77 -47.98
CA ASP N 323 28.90 -59.07 -49.38
C ASP N 323 28.46 -57.92 -50.28
N ARG N 324 29.41 -57.37 -51.03
CA ARG N 324 29.18 -56.26 -51.96
C ARG N 324 28.72 -54.94 -51.34
N GLU N 325 29.53 -53.90 -51.55
CA GLU N 325 29.21 -52.57 -51.03
C GLU N 325 27.97 -51.98 -51.71
N GLY N 326 27.22 -51.17 -50.96
CA GLY N 326 26.02 -50.56 -51.50
C GLY N 326 25.05 -50.12 -50.43
N GLN N 327 24.84 -48.80 -50.32
CA GLN N 327 23.92 -48.21 -49.35
C GLN N 327 24.30 -48.50 -47.90
N CYS N 328 23.40 -49.16 -47.16
CA CYS N 328 23.58 -49.53 -45.75
C CYS N 328 23.24 -48.42 -44.75
N PRO N 329 21.98 -48.39 -44.29
CA PRO N 329 21.46 -47.42 -43.33
C PRO N 329 21.89 -47.71 -41.89
N VAL N 330 22.42 -46.69 -41.22
CA VAL N 330 22.87 -46.79 -39.84
C VAL N 330 22.29 -45.63 -39.02
N HIS N 331 21.69 -45.93 -37.89
CA HIS N 331 21.10 -44.88 -37.04
C HIS N 331 21.12 -45.13 -35.54
N SER N 332 21.09 -44.03 -34.80
CA SER N 332 21.10 -44.07 -33.35
C SER N 332 19.78 -44.65 -32.81
N HIS N 333 19.82 -45.12 -31.56
CA HIS N 333 18.63 -45.70 -30.95
C HIS N 333 18.30 -45.18 -29.55
N SER N 334 19.18 -44.35 -28.98
CA SER N 334 18.97 -43.78 -27.66
C SER N 334 18.38 -42.37 -27.68
N SER N 335 18.40 -41.70 -26.54
CA SER N 335 17.89 -40.35 -26.44
C SER N 335 18.94 -39.24 -26.60
N THR N 336 20.22 -39.61 -26.64
CA THR N 336 21.30 -38.64 -26.81
C THR N 336 22.35 -39.13 -27.83
N ALA N 337 23.15 -38.19 -28.36
CA ALA N 337 24.20 -38.48 -29.34
C ALA N 337 23.65 -38.76 -30.73
N THR N 338 23.59 -37.72 -31.56
CA THR N 338 23.10 -37.85 -32.92
C THR N 338 24.29 -37.85 -33.89
N LEU N 339 24.24 -38.73 -34.89
CA LEU N 339 25.30 -38.84 -35.89
C LEU N 339 25.28 -37.63 -36.85
N GLN N 340 26.27 -37.55 -37.74
CA GLN N 340 26.34 -36.46 -38.70
C GLN N 340 25.92 -36.91 -40.10
N GLU N 341 26.39 -38.08 -40.52
CA GLU N 341 26.06 -38.63 -41.83
C GLU N 341 25.21 -39.90 -41.67
N SER N 342 24.71 -40.43 -42.79
CA SER N 342 23.86 -41.62 -42.77
C SER N 342 24.36 -42.83 -43.57
N THR N 343 24.16 -42.79 -44.88
CA THR N 343 24.57 -43.89 -45.76
C THR N 343 26.05 -43.90 -46.14
N VAL N 344 26.82 -44.75 -45.46
CA VAL N 344 28.25 -44.89 -45.71
C VAL N 344 28.60 -46.38 -45.69
N HIS N 345 29.04 -46.90 -46.82
CA HIS N 345 29.40 -48.32 -46.95
C HIS N 345 30.49 -48.68 -45.94
N VAL N 352 32.26 -51.63 -46.24
CA VAL N 352 32.89 -52.46 -45.24
C VAL N 352 33.44 -51.62 -44.08
N THR N 353 34.54 -50.92 -44.34
CA THR N 353 35.15 -50.06 -43.32
C THR N 353 34.38 -48.74 -43.26
N VAL N 354 33.30 -48.74 -42.48
CA VAL N 354 32.45 -47.57 -42.31
C VAL N 354 33.15 -46.47 -41.52
N HIS N 355 32.92 -45.22 -41.93
CA HIS N 355 33.53 -44.07 -41.26
C HIS N 355 32.51 -42.98 -40.95
N PHE N 356 32.19 -42.82 -39.67
CA PHE N 356 31.24 -41.80 -39.22
C PHE N 356 31.93 -40.86 -38.22
N SER N 357 31.14 -40.34 -37.29
CA SER N 357 31.61 -39.44 -36.25
C SER N 357 30.42 -39.00 -35.39
N THR N 358 30.67 -38.69 -34.12
CA THR N 358 29.60 -38.28 -33.21
C THR N 358 30.01 -37.08 -32.35
N ALA N 359 29.11 -36.66 -31.46
CA ALA N 359 29.35 -35.54 -30.55
C ALA N 359 28.51 -35.72 -29.29
N SER N 360 28.97 -36.60 -28.41
CA SER N 360 28.28 -36.90 -27.15
C SER N 360 29.11 -36.52 -25.92
N PRO N 361 28.53 -36.62 -24.72
CA PRO N 361 29.26 -36.29 -23.49
C PRO N 361 30.29 -37.33 -23.06
N GLN N 362 29.84 -38.35 -22.31
CA GLN N 362 30.74 -39.40 -21.82
C GLN N 362 30.09 -40.78 -21.70
N ALA N 363 28.77 -40.83 -21.77
CA ALA N 363 28.03 -42.09 -21.66
C ALA N 363 28.21 -42.99 -22.89
N ASN N 364 28.10 -44.30 -22.67
CA ASN N 364 28.24 -45.29 -23.76
C ASN N 364 26.88 -45.50 -24.43
N PHE N 365 26.87 -45.50 -25.76
CA PHE N 365 25.64 -45.68 -26.52
C PHE N 365 25.65 -46.96 -27.36
N ILE N 366 24.56 -47.19 -28.11
CA ILE N 366 24.43 -48.35 -28.96
C ILE N 366 24.69 -47.97 -30.42
CA VAL N 367 24.21 -47.34 -33.42
CA SER N 368 23.31 -49.69 -36.26
CA LEU N 369 25.63 -49.89 -39.28
CA CYS N 370 22.60 -51.33 -41.09
CA GLY N 371 20.24 -53.97 -39.81
CA LYS N 372 22.84 -54.98 -37.24
CA LYS N 373 23.59 -52.97 -34.09
CA THR N 374 26.29 -52.17 -31.50
CA THR N 375 26.87 -49.93 -28.44
CA CYS N 376 30.26 -48.42 -29.42
CA ASN N 377 32.69 -46.77 -26.96
CA ALA N 378 32.98 -43.35 -25.25
CA GLU N 379 36.30 -41.44 -25.31
CA CYS N 380 34.80 -38.32 -23.67
CA TYR O 1 -40.74 62.38 2.24
N GLU O 2 -39.25 61.28 5.00
CA GLU O 2 -37.97 60.93 5.69
C GLU O 2 -37.77 59.41 5.71
N HIS O 3 -37.03 58.90 4.73
CA HIS O 3 -36.78 57.47 4.64
C HIS O 3 -35.29 57.15 4.58
N ALA O 4 -34.95 55.87 4.76
CA ALA O 4 -33.56 55.40 4.73
C ALA O 4 -33.49 53.87 4.84
N THR O 5 -33.08 53.21 3.76
CA THR O 5 -32.96 51.76 3.72
C THR O 5 -31.56 51.32 3.26
N THR O 6 -31.07 50.24 3.85
CA THR O 6 -29.75 49.69 3.52
C THR O 6 -29.77 48.99 2.16
N VAL O 7 -28.78 49.30 1.31
CA VAL O 7 -28.66 48.72 -0.02
C VAL O 7 -27.21 48.32 -0.28
N PRO O 8 -26.93 47.00 -0.38
CA PRO O 8 -25.57 46.49 -0.61
C PRO O 8 -24.88 46.86 -1.93
N ASN O 9 -23.68 46.35 -2.14
CA ASN O 9 -22.89 46.63 -3.33
C ASN O 9 -22.68 45.44 -4.28
N VAL O 10 -23.73 45.03 -5.00
CA VAL O 10 -23.64 43.93 -5.94
C VAL O 10 -24.46 44.22 -7.19
N PRO O 11 -23.79 44.50 -8.32
CA PRO O 11 -24.44 44.80 -9.60
C PRO O 11 -25.34 43.69 -10.14
N GLN O 12 -26.22 44.06 -11.05
CA GLN O 12 -27.17 43.13 -11.67
C GLN O 12 -28.20 42.54 -10.71
N ILE O 13 -28.28 43.09 -9.49
CA ILE O 13 -29.23 42.62 -8.50
C ILE O 13 -30.28 43.68 -8.19
N PRO O 14 -31.54 43.44 -8.60
CA PRO O 14 -32.62 44.39 -8.36
C PRO O 14 -32.94 44.44 -6.86
N TYR O 15 -32.96 45.64 -6.30
CA TYR O 15 -33.23 45.83 -4.89
C TYR O 15 -34.66 46.30 -4.67
N LYS O 16 -35.32 45.74 -3.66
CA LYS O 16 -36.70 46.11 -3.37
C LYS O 16 -36.93 46.43 -1.89
N ALA O 17 -37.26 47.68 -1.62
CA ALA O 17 -37.54 48.15 -0.27
C ALA O 17 -39.03 48.46 -0.15
N LEU O 18 -39.53 48.60 1.07
CA LEU O 18 -40.94 48.91 1.28
C LEU O 18 -41.21 50.09 2.19
N VAL O 19 -42.17 50.93 1.81
CA VAL O 19 -42.54 52.10 2.58
C VAL O 19 -43.72 51.72 3.48
N GLU O 20 -43.51 51.78 4.79
CA GLU O 20 -44.58 51.43 5.74
C GLU O 20 -45.21 52.66 6.39
N ARG O 21 -45.82 53.52 5.56
CA ARG O 21 -46.48 54.73 6.05
C ARG O 21 -47.95 54.49 6.41
N ALA O 22 -48.50 55.38 7.23
CA ALA O 22 -49.89 55.31 7.65
C ALA O 22 -50.74 56.23 6.78
N GLY O 23 -51.72 55.65 6.10
CA GLY O 23 -52.58 56.44 5.23
C GLY O 23 -52.33 56.17 3.76
N TYR O 24 -51.39 56.91 3.18
CA TYR O 24 -51.03 56.78 1.77
C TYR O 24 -50.61 55.36 1.37
N ALA O 25 -50.75 55.05 0.09
CA ALA O 25 -50.39 53.73 -0.43
C ALA O 25 -48.89 53.48 -0.34
N PRO O 26 -48.49 52.31 0.20
CA PRO O 26 -47.08 51.93 0.34
C PRO O 26 -46.41 51.86 -1.01
N LEU O 27 -45.48 52.78 -1.27
CA LEU O 27 -44.77 52.83 -2.53
C LEU O 27 -43.78 51.70 -2.74
N ASN O 28 -43.38 51.55 -4.01
CA ASN O 28 -42.42 50.53 -4.42
C ASN O 28 -41.07 51.23 -4.58
N LEU O 29 -39.99 50.55 -4.22
CA LEU O 29 -38.66 51.13 -4.31
C LEU O 29 -37.65 50.20 -5.02
N GLU O 30 -37.55 50.33 -6.34
CA GLU O 30 -36.61 49.53 -7.12
C GLU O 30 -35.33 50.31 -7.42
N ILE O 31 -34.18 49.70 -7.10
CA ILE O 31 -32.88 50.34 -7.32
C ILE O 31 -31.89 49.27 -7.81
N THR O 32 -31.22 49.53 -8.92
CA THR O 32 -30.26 48.58 -9.47
C THR O 32 -28.88 49.19 -9.66
N VAL O 33 -27.85 48.38 -9.46
CA VAL O 33 -26.47 48.83 -9.60
C VAL O 33 -25.96 48.46 -10.99
N MET O 34 -25.60 49.46 -11.79
CA MET O 34 -25.09 49.23 -13.13
C MET O 34 -23.63 48.84 -13.13
N SER O 35 -22.77 49.80 -12.79
CA SER O 35 -21.32 49.57 -12.73
C SER O 35 -20.65 50.56 -11.78
N SER O 36 -19.94 50.03 -10.79
CA SER O 36 -19.25 50.81 -9.78
C SER O 36 -17.89 51.32 -10.27
N GLU O 37 -17.48 52.49 -9.80
CA GLU O 37 -16.18 53.07 -10.18
C GLU O 37 -15.53 53.81 -9.01
N VAL O 38 -14.41 53.27 -8.53
CA VAL O 38 -13.69 53.85 -7.39
C VAL O 38 -12.32 54.42 -7.79
N LEU O 39 -12.22 55.75 -7.81
CA LEU O 39 -10.99 56.44 -8.20
C LEU O 39 -10.41 57.23 -7.03
N PRO O 40 -9.20 56.85 -6.59
CA PRO O 40 -8.50 57.51 -5.47
C PRO O 40 -7.89 58.85 -5.90
N SER O 41 -7.44 59.63 -4.93
CA SER O 41 -6.84 60.93 -5.25
C SER O 41 -5.48 60.75 -5.93
N THR O 42 -5.51 60.76 -7.26
CA THR O 42 -4.29 60.60 -8.05
C THR O 42 -3.45 61.86 -8.05
N ASN O 43 -2.20 61.73 -7.61
CA ASN O 43 -1.27 62.85 -7.55
C ASN O 43 0.06 62.49 -8.24
N GLN O 44 0.14 62.79 -9.53
CA GLN O 44 1.31 62.52 -10.36
C GLN O 44 2.54 63.27 -9.83
N GLU O 45 3.63 62.54 -9.58
CA GLU O 45 4.85 63.16 -9.07
C GLU O 45 6.15 62.79 -9.79
N TYR O 46 6.31 61.53 -10.19
CA TYR O 46 7.52 61.08 -10.88
C TYR O 46 7.29 60.06 -11.99
N ILE O 47 8.26 59.91 -12.91
CA ILE O 47 8.18 58.98 -14.05
C ILE O 47 9.58 58.43 -14.40
N THR O 48 9.65 57.22 -14.96
CA THR O 48 10.94 56.58 -15.33
C THR O 48 10.95 55.67 -16.57
N CYS O 49 12.17 55.25 -16.97
CA CYS O 49 12.41 54.36 -18.11
C CYS O 49 13.91 54.19 -18.41
N LYS O 50 14.22 53.65 -19.59
CA LYS O 50 15.61 53.42 -20.01
C LYS O 50 16.38 54.74 -20.20
N PHE O 51 17.70 54.64 -20.36
CA PHE O 51 18.54 55.84 -20.56
C PHE O 51 19.70 55.54 -21.51
N THR O 52 20.51 56.56 -21.79
CA THR O 52 21.67 56.44 -22.67
C THR O 52 22.84 57.28 -22.14
N THR O 53 23.97 56.63 -21.88
CA THR O 53 25.15 57.31 -21.36
C THR O 53 25.69 58.29 -22.41
N VAL O 54 25.89 59.53 -22.00
CA VAL O 54 26.39 60.57 -22.88
C VAL O 54 27.82 60.97 -22.54
N VAL O 55 28.78 60.11 -22.87
CA VAL O 55 30.18 60.40 -22.60
C VAL O 55 30.76 61.29 -23.68
N PRO O 56 31.20 62.50 -23.30
CA PRO O 56 31.78 63.46 -24.24
C PRO O 56 33.22 63.10 -24.64
N SER O 57 33.85 63.98 -25.42
CA SER O 57 35.22 63.76 -25.86
C SER O 57 36.23 64.42 -24.91
N PRO O 58 37.25 63.65 -24.49
CA PRO O 58 38.27 64.16 -23.57
C PRO O 58 39.09 65.29 -24.17
N LYS O 59 39.49 66.23 -23.32
CA LYS O 59 40.27 67.39 -23.75
C LYS O 59 41.73 67.27 -23.31
N ILE O 60 42.35 66.15 -23.65
CA ILE O 60 43.73 65.86 -23.30
C ILE O 60 44.66 66.98 -23.78
N LYS O 61 45.59 67.37 -22.92
CA LYS O 61 46.55 68.42 -23.25
C LYS O 61 47.98 67.98 -22.96
N CYS O 62 48.82 68.93 -22.55
CA CYS O 62 50.21 68.66 -22.23
C CYS O 62 50.54 68.96 -20.77
N CYS O 63 51.61 69.72 -20.54
CA CYS O 63 52.05 70.09 -19.20
C CYS O 63 51.18 71.16 -18.52
N GLY O 64 49.97 71.37 -19.02
CA GLY O 64 49.07 72.35 -18.42
C GLY O 64 48.19 71.80 -17.32
N SER O 65 47.84 72.63 -16.34
CA SER O 65 46.99 72.20 -15.24
C SER O 65 45.49 72.18 -15.59
N LEU O 66 44.73 71.33 -14.87
CA LEU O 66 43.28 71.21 -15.09
C LEU O 66 42.47 70.79 -13.86
N GLU O 67 41.30 71.41 -13.73
CA GLU O 67 40.34 71.15 -12.64
C GLU O 67 38.91 71.39 -13.15
N CYS O 68 38.11 70.32 -13.17
CA CYS O 68 36.73 70.40 -13.64
C CYS O 68 35.77 71.18 -12.74
N GLN O 69 34.78 71.82 -13.36
CA GLN O 69 33.79 72.62 -12.63
C GLN O 69 32.37 72.08 -12.83
N PRO O 70 31.61 71.88 -11.74
CA PRO O 70 30.23 71.38 -11.84
C PRO O 70 29.22 72.42 -12.29
N ALA O 71 28.07 71.97 -12.81
CA ALA O 71 27.04 72.89 -13.26
C ALA O 71 25.64 72.42 -12.83
N ALA O 72 24.74 72.29 -13.80
CA ALA O 72 23.37 71.84 -13.53
C ALA O 72 22.95 70.81 -14.58
N HIS O 73 23.34 69.56 -14.34
CA HIS O 73 23.01 68.45 -15.23
C HIS O 73 22.56 67.22 -14.44
N ALA O 74 22.52 66.08 -15.13
CA ALA O 74 22.12 64.81 -14.54
C ALA O 74 23.42 64.04 -14.27
N ASP O 75 23.61 63.61 -13.02
CA ASP O 75 24.81 62.87 -12.60
C ASP O 75 26.04 63.77 -12.68
N TYR O 76 26.90 63.72 -11.67
CA TYR O 76 28.09 64.54 -11.65
C TYR O 76 29.27 63.96 -10.89
N THR O 77 30.15 63.30 -11.65
CA THR O 77 31.34 62.69 -11.09
C THR O 77 32.51 62.87 -12.08
N CYS O 78 33.31 63.89 -11.83
CA CYS O 78 34.47 64.19 -12.68
C CYS O 78 35.77 64.10 -11.88
N LYS O 79 36.75 63.40 -12.43
CA LYS O 79 38.05 63.23 -11.77
C LYS O 79 39.23 63.44 -12.71
N VAL O 80 40.12 64.35 -12.32
CA VAL O 80 41.31 64.65 -13.11
C VAL O 80 42.37 63.57 -12.89
N PHE O 81 42.71 62.85 -13.96
CA PHE O 81 43.70 61.78 -13.89
C PHE O 81 45.08 62.27 -14.30
N GLY O 82 46.09 61.94 -13.51
CA GLY O 82 47.45 62.34 -13.82
C GLY O 82 48.40 61.17 -13.93
N GLY O 83 49.34 61.25 -14.87
CA GLY O 83 50.29 60.19 -15.07
C GLY O 83 50.01 59.33 -16.29
N VAL O 84 48.88 59.57 -16.95
CA VAL O 84 48.49 58.83 -18.14
C VAL O 84 49.20 59.41 -19.37
N TYR O 85 49.54 58.55 -20.33
CA TYR O 85 50.23 58.97 -21.56
C TYR O 85 51.58 59.63 -21.27
N PRO O 86 52.54 58.84 -20.75
CA PRO O 86 53.88 59.32 -20.42
C PRO O 86 54.77 59.68 -21.62
N PHE O 87 54.38 59.29 -22.82
CA PHE O 87 55.18 59.58 -24.02
C PHE O 87 54.38 59.63 -25.32
N MET O 88 55.06 59.98 -26.40
CA MET O 88 54.44 60.07 -27.73
C MET O 88 54.07 58.67 -28.20
N TRP O 89 54.71 57.66 -27.60
CA TRP O 89 54.44 56.26 -27.93
C TRP O 89 53.33 55.74 -27.03
N GLY O 90 52.81 56.61 -26.17
CA GLY O 90 51.75 56.23 -25.26
C GLY O 90 50.38 56.23 -25.93
N GLY O 91 50.06 57.30 -26.63
CA GLY O 91 48.77 57.38 -27.30
C GLY O 91 48.32 58.76 -27.76
N ALA O 92 48.47 59.77 -26.91
CA ALA O 92 48.05 61.12 -27.24
C ALA O 92 49.14 61.97 -27.90
N GLN O 93 50.29 61.37 -28.19
CA GLN O 93 51.41 62.07 -28.80
C GLN O 93 51.85 63.25 -27.93
N CYS O 94 52.06 62.99 -26.64
CA CYS O 94 52.46 64.02 -25.69
C CYS O 94 53.98 64.19 -25.60
N PHE O 95 54.40 65.40 -25.24
CA PHE O 95 55.81 65.72 -25.11
C PHE O 95 56.28 65.82 -23.65
N CYS O 96 55.33 65.78 -22.72
CA CYS O 96 55.63 65.87 -21.29
C CYS O 96 56.05 64.51 -20.69
N ASP O 97 56.95 64.56 -19.70
CA ASP O 97 57.42 63.34 -19.03
C ASP O 97 56.38 62.73 -18.09
N SER O 98 55.88 63.53 -17.14
CA SER O 98 54.87 63.05 -16.20
C SER O 98 53.85 64.11 -15.75
N GLU O 99 53.77 65.20 -16.49
CA GLU O 99 52.82 66.27 -16.19
C GLU O 99 51.74 66.37 -17.26
N ASN O 100 50.80 65.43 -17.26
CA ASN O 100 49.69 65.42 -18.22
C ASN O 100 48.39 65.08 -17.50
N SER O 101 47.32 65.75 -17.91
CA SER O 101 46.02 65.53 -17.29
C SER O 101 44.86 65.47 -18.29
N GLN O 102 43.73 64.96 -17.81
CA GLN O 102 42.51 64.83 -18.61
C GLN O 102 41.31 65.27 -17.78
N MET O 103 40.23 65.63 -18.48
CA MET O 103 39.01 66.06 -17.82
C MET O 103 38.14 64.85 -17.45
N SER O 104 37.85 64.00 -18.44
CA SER O 104 37.02 62.83 -18.25
C SER O 104 35.64 63.12 -17.63
N GLU O 105 34.72 63.57 -18.48
CA GLU O 105 33.36 63.91 -18.05
C GLU O 105 32.40 62.81 -18.53
N ALA O 106 31.30 62.63 -17.81
CA ALA O 106 30.30 61.61 -18.18
C ALA O 106 28.95 61.81 -17.51
N TYR O 107 27.92 62.08 -18.32
CA TYR O 107 26.56 62.29 -17.81
C TYR O 107 25.58 61.31 -18.46
N VAL O 108 24.32 61.36 -18.04
CA VAL O 108 23.28 60.48 -18.58
C VAL O 108 21.93 61.19 -18.81
N GLU O 109 21.54 61.33 -20.07
CA GLU O 109 20.27 61.97 -20.42
C GLU O 109 19.19 60.95 -20.76
N LEU O 110 17.93 61.39 -20.75
CA LEU O 110 16.80 60.52 -21.07
C LEU O 110 16.92 60.01 -22.50
N SER O 111 16.76 58.71 -22.68
CA SER O 111 16.86 58.08 -23.99
C SER O 111 15.79 58.57 -24.99
N ALA O 112 15.99 58.21 -26.25
CA ALA O 112 15.06 58.60 -27.31
C ALA O 112 13.82 57.72 -27.33
N ASP O 113 13.96 56.48 -26.89
CA ASP O 113 12.85 55.53 -26.86
C ASP O 113 11.99 55.64 -25.61
N CYS O 114 12.30 56.61 -24.76
CA CYS O 114 11.56 56.82 -23.53
C CYS O 114 10.26 57.60 -23.72
N ALA O 115 10.16 58.34 -24.82
CA ALA O 115 8.98 59.15 -25.10
C ALA O 115 7.69 58.35 -25.15
N SER O 116 7.74 57.13 -25.68
CA SER O 116 6.54 56.32 -25.75
C SER O 116 6.34 55.47 -24.49
N ASP O 117 7.02 54.33 -24.40
CA ASP O 117 6.90 53.47 -23.23
C ASP O 117 7.44 54.17 -21.98
N HIS O 118 6.67 54.15 -20.89
CA HIS O 118 7.08 54.78 -19.64
C HIS O 118 6.51 54.11 -18.40
N ALA O 119 6.67 54.77 -17.25
CA ALA O 119 6.19 54.28 -15.96
C ALA O 119 5.85 55.50 -15.10
N GLN O 120 4.61 55.57 -14.63
CA GLN O 120 4.18 56.71 -13.82
C GLN O 120 4.06 56.42 -12.32
N ALA O 121 4.95 57.02 -11.53
CA ALA O 121 4.95 56.85 -10.09
C ALA O 121 3.87 57.73 -9.44
N ILE O 122 3.03 57.12 -8.60
CA ILE O 122 1.96 57.85 -7.92
C ILE O 122 1.79 57.35 -6.48
N LYS O 123 1.14 58.15 -5.64
CA LYS O 123 0.88 57.80 -4.25
C LYS O 123 -0.63 57.72 -3.99
N VAL O 124 -1.21 56.54 -4.19
CA VAL O 124 -2.64 56.36 -3.98
C VAL O 124 -3.07 56.61 -2.54
N HIS O 125 -4.14 57.38 -2.37
CA HIS O 125 -4.66 57.72 -1.06
C HIS O 125 -6.19 57.82 -1.04
N THR O 126 -6.72 58.60 -0.10
CA THR O 126 -8.16 58.83 0.10
C THR O 126 -9.03 58.56 -1.14
N ALA O 127 -9.42 57.30 -1.29
CA ALA O 127 -10.23 56.86 -2.42
C ALA O 127 -11.65 57.41 -2.42
N ALA O 128 -12.07 57.90 -3.60
CA ALA O 128 -13.41 58.43 -3.78
C ALA O 128 -14.27 57.34 -4.40
N MET O 129 -15.59 57.52 -4.37
CA MET O 129 -16.51 56.52 -4.91
C MET O 129 -17.66 57.17 -5.69
N LYS O 130 -18.06 56.51 -6.77
CA LYS O 130 -19.15 57.00 -7.64
C LYS O 130 -19.84 55.79 -8.28
N VAL O 131 -21.09 55.56 -7.93
CA VAL O 131 -21.86 54.44 -8.48
C VAL O 131 -23.15 54.91 -9.14
N GLY O 132 -23.27 54.65 -10.44
CA GLY O 132 -24.46 55.03 -11.18
C GLY O 132 -25.62 54.10 -10.87
N LEU O 133 -26.42 54.49 -9.88
CA LEU O 133 -27.58 53.70 -9.46
C LEU O 133 -28.84 53.98 -10.27
N ARG O 134 -29.43 52.93 -10.80
CA ARG O 134 -30.67 53.07 -11.56
C ARG O 134 -31.77 53.46 -10.59
N ILE O 135 -32.69 54.30 -11.05
CA ILE O 135 -33.79 54.76 -10.20
C ILE O 135 -35.15 54.54 -10.86
N VAL O 136 -36.07 53.96 -10.10
CA VAL O 136 -37.43 53.69 -10.54
C VAL O 136 -38.35 53.94 -9.34
N TYR O 137 -39.43 54.70 -9.57
CA TYR O 137 -40.39 55.02 -8.51
C TYR O 137 -41.79 55.26 -9.06
N GLY O 138 -42.10 54.64 -10.20
CA GLY O 138 -43.42 54.80 -10.80
C GLY O 138 -43.42 54.63 -12.30
N ASN O 139 -43.80 55.70 -13.01
CA ASN O 139 -43.86 55.71 -14.47
C ASN O 139 -42.54 56.22 -15.07
N THR O 140 -41.69 56.79 -14.22
CA THR O 140 -40.42 57.34 -14.67
C THR O 140 -39.27 56.32 -14.59
N THR O 141 -38.30 56.46 -15.49
CA THR O 141 -37.14 55.58 -15.53
C THR O 141 -35.88 56.41 -15.80
N SER O 142 -35.33 57.01 -14.74
CA SER O 142 -34.13 57.82 -14.90
C SER O 142 -32.85 57.11 -14.44
N PHE O 143 -31.76 57.39 -15.14
CA PHE O 143 -30.46 56.81 -14.82
C PHE O 143 -29.51 57.97 -14.53
N LEU O 144 -28.95 58.00 -13.33
CA LEU O 144 -28.03 59.08 -12.93
C LEU O 144 -26.68 58.61 -12.41
N ASP O 145 -25.66 59.42 -12.67
CA ASP O 145 -24.30 59.15 -12.22
C ASP O 145 -24.13 59.86 -10.87
N VAL O 146 -24.37 59.14 -9.79
CA VAL O 146 -24.28 59.74 -8.44
C VAL O 146 -23.03 59.37 -7.66
N TYR O 147 -22.39 60.37 -7.07
CA TYR O 147 -21.19 60.19 -6.26
C TYR O 147 -21.61 59.51 -4.95
N VAL O 148 -20.86 58.49 -4.54
CA VAL O 148 -21.17 57.76 -3.30
C VAL O 148 -20.60 58.47 -2.07
N ASN O 149 -21.42 59.32 -1.47
CA ASN O 149 -21.03 60.07 -0.27
C ASN O 149 -22.26 60.73 0.34
N GLY O 150 -22.23 60.94 1.65
CA GLY O 150 -23.35 61.57 2.33
C GLY O 150 -23.33 63.08 2.29
N VAL O 151 -22.58 63.64 1.36
CA VAL O 151 -22.47 65.09 1.21
C VAL O 151 -23.15 65.58 -0.06
N THR O 152 -22.97 64.84 -1.16
CA THR O 152 -23.55 65.20 -2.45
C THR O 152 -24.94 64.58 -2.69
N PRO O 153 -26.01 65.41 -2.58
CA PRO O 153 -27.40 64.99 -2.78
C PRO O 153 -27.78 64.81 -4.25
N GLY O 154 -29.05 64.51 -4.51
CA GLY O 154 -29.51 64.31 -5.88
C GLY O 154 -30.65 65.19 -6.33
N THR O 155 -31.33 64.75 -7.40
CA THR O 155 -32.46 65.48 -7.96
C THR O 155 -33.42 64.52 -8.68
N SER O 156 -32.87 63.75 -9.62
CA SER O 156 -33.61 62.76 -10.41
C SER O 156 -35.03 63.13 -10.84
N LYS O 157 -36.01 62.78 -10.00
CA LYS O 157 -37.43 63.04 -10.26
C LYS O 157 -38.04 63.82 -9.09
N ASP O 158 -37.55 65.06 -8.91
CA ASP O 158 -38.02 65.94 -7.83
C ASP O 158 -37.76 65.32 -6.45
N LEU O 159 -36.79 64.42 -6.39
CA LEU O 159 -36.44 63.74 -5.14
C LEU O 159 -34.99 63.98 -4.75
N LYS O 160 -34.73 64.04 -3.43
CA LYS O 160 -33.38 64.26 -2.92
C LYS O 160 -32.71 62.92 -2.61
N VAL O 161 -32.18 62.28 -3.66
CA VAL O 161 -31.51 60.98 -3.53
C VAL O 161 -30.06 61.13 -3.03
N ILE O 162 -29.80 60.54 -1.87
CA ILE O 162 -28.46 60.57 -1.27
C ILE O 162 -27.80 59.19 -1.36
N ALA O 163 -26.55 59.16 -1.81
CA ALA O 163 -25.82 57.91 -1.93
C ALA O 163 -25.43 57.36 -0.56
N GLY O 164 -24.76 58.17 0.24
CA GLY O 164 -24.35 57.75 1.56
C GLY O 164 -23.04 56.97 1.57
N PRO O 165 -22.13 57.28 2.51
CA PRO O 165 -20.84 56.61 2.61
C PRO O 165 -20.95 55.14 3.03
N ILE O 166 -20.28 54.27 2.29
CA ILE O 166 -20.28 52.84 2.54
C ILE O 166 -19.51 52.53 3.82
N SER O 167 -19.91 51.47 4.53
CA SER O 167 -19.24 51.09 5.77
C SER O 167 -17.91 50.36 5.53
N ALA O 168 -17.68 49.96 4.28
CA ALA O 168 -16.45 49.27 3.91
C ALA O 168 -15.45 50.26 3.31
N SER O 169 -14.36 50.52 4.03
CA SER O 169 -13.34 51.45 3.56
C SER O 169 -12.11 50.71 3.02
N PHE O 170 -12.36 49.58 2.38
CA PHE O 170 -11.29 48.76 1.81
C PHE O 170 -10.98 49.09 0.36
N THR O 171 -9.75 49.53 0.12
CA THR O 171 -9.30 49.87 -1.23
C THR O 171 -8.31 48.79 -1.72
N PRO O 172 -8.43 48.39 -2.99
CA PRO O 172 -7.53 47.36 -3.53
C PRO O 172 -6.12 47.92 -3.78
N PHE O 173 -6.01 49.24 -3.81
CA PHE O 173 -4.73 49.92 -4.04
C PHE O 173 -4.19 50.37 -2.69
N ASP O 174 -2.92 50.09 -2.42
CA ASP O 174 -2.31 50.48 -1.15
C ASP O 174 -1.77 51.91 -1.20
N HIS O 175 -0.60 52.14 -0.60
CA HIS O 175 0.00 53.47 -0.55
C HIS O 175 0.64 54.03 -1.82
N LYS O 176 1.22 53.15 -2.64
CA LYS O 176 1.87 53.57 -3.88
C LYS O 176 1.53 52.66 -5.05
N VAL O 177 1.12 53.28 -6.18
CA VAL O 177 0.75 52.51 -7.37
C VAL O 177 1.36 53.10 -8.65
N VAL O 178 2.21 52.33 -9.32
CA VAL O 178 2.84 52.77 -10.56
C VAL O 178 2.21 52.08 -11.78
N ILE O 179 2.13 52.83 -12.89
CA ILE O 179 1.54 52.33 -14.13
C ILE O 179 2.58 51.70 -15.06
N HIS O 180 2.16 50.68 -15.79
CA HIS O 180 3.02 49.98 -16.75
C HIS O 180 2.22 49.52 -17.95
N ARG O 181 2.46 50.16 -19.10
CA ARG O 181 1.74 49.86 -20.34
C ARG O 181 0.24 50.10 -20.16
N GLY O 182 -0.41 49.13 -19.52
CA GLY O 182 -1.84 49.21 -19.23
C GLY O 182 -2.17 48.26 -18.10
N LEU O 183 -1.31 48.24 -17.09
CA LEU O 183 -1.47 47.38 -15.92
C LEU O 183 -1.29 48.20 -14.64
N VAL O 184 -1.66 47.62 -13.51
CA VAL O 184 -1.58 48.31 -12.22
C VAL O 184 -0.96 47.41 -11.15
N TYR O 185 0.22 47.79 -10.65
CA TYR O 185 0.91 47.02 -9.62
C TYR O 185 1.04 47.79 -8.31
N ASN O 186 1.35 47.05 -7.25
CA ASN O 186 1.56 47.63 -5.92
C ASN O 186 3.07 47.68 -5.76
N TYR O 187 3.65 48.86 -5.99
CA TYR O 187 5.10 49.04 -5.90
C TYR O 187 5.58 49.80 -4.67
N ASP O 188 6.80 49.46 -4.24
CA ASP O 188 7.43 50.08 -3.08
C ASP O 188 8.59 50.99 -3.52
N PHE O 189 8.25 51.99 -4.35
CA PHE O 189 9.24 52.94 -4.88
C PHE O 189 9.90 53.79 -3.78
N PRO O 190 11.21 54.06 -3.94
CA PRO O 190 12.02 54.86 -3.00
C PRO O 190 11.60 56.32 -2.85
N GLU O 191 12.07 56.94 -1.77
CA GLU O 191 11.76 58.34 -1.47
C GLU O 191 12.45 59.33 -2.41
N TYR O 192 11.70 60.37 -2.75
CA TYR O 192 12.14 61.43 -3.66
C TYR O 192 13.38 62.15 -3.11
N GLY O 193 14.48 62.01 -3.82
CA GLY O 193 15.72 62.64 -3.41
C GLY O 193 16.57 61.73 -2.55
N ALA O 194 16.25 60.44 -2.58
CA ALA O 194 16.99 59.43 -1.81
C ALA O 194 17.12 58.18 -2.66
N MET O 195 17.33 58.38 -3.95
CA MET O 195 17.46 57.31 -4.92
C MET O 195 18.70 56.45 -4.69
N LYS O 196 18.65 55.22 -5.17
CA LYS O 196 19.77 54.29 -5.03
C LYS O 196 19.85 53.38 -6.24
N PRO O 197 21.05 52.90 -6.58
CA PRO O 197 21.26 52.01 -7.73
C PRO O 197 20.65 50.62 -7.49
N GLY O 198 19.82 50.52 -6.46
CA GLY O 198 19.15 49.27 -6.15
C GLY O 198 17.93 49.08 -7.02
N ALA O 199 17.86 49.86 -8.11
CA ALA O 199 16.78 49.82 -9.07
C ALA O 199 15.49 50.43 -8.54
N PHE O 200 14.43 50.33 -9.34
CA PHE O 200 13.11 50.86 -8.99
C PHE O 200 13.07 52.36 -8.78
N GLY O 201 13.89 53.07 -9.54
CA GLY O 201 13.93 54.52 -9.43
C GLY O 201 15.29 55.11 -9.73
N ASP O 202 15.75 54.94 -10.97
CA ASP O 202 17.04 55.46 -11.40
C ASP O 202 17.03 56.98 -11.56
N ILE O 203 16.90 57.47 -12.78
CA ILE O 203 16.86 58.91 -13.04
C ILE O 203 15.40 59.31 -13.25
N GLN O 204 14.70 59.49 -12.13
CA GLN O 204 13.29 59.86 -12.14
C GLN O 204 13.04 61.31 -12.55
N ALA O 205 11.90 61.56 -13.18
CA ALA O 205 11.54 62.90 -13.63
C ALA O 205 10.13 63.29 -13.20
N THR O 206 9.83 64.59 -13.25
CA THR O 206 8.51 65.09 -12.86
C THR O 206 7.37 64.61 -13.77
N SER O 207 7.53 64.77 -15.08
CA SER O 207 6.50 64.35 -16.01
C SER O 207 7.01 63.83 -17.37
N LEU O 208 6.15 63.85 -18.37
CA LEU O 208 6.49 63.38 -19.71
C LEU O 208 7.38 64.34 -20.49
N THR O 209 7.15 65.63 -20.31
CA THR O 209 7.95 66.66 -20.97
C THR O 209 8.61 67.56 -19.92
N SER O 210 9.52 66.97 -19.15
CA SER O 210 10.24 67.66 -18.08
C SER O 210 11.60 68.18 -18.54
N LYS O 211 12.33 68.81 -17.63
CA LYS O 211 13.67 69.34 -17.91
C LYS O 211 14.54 69.55 -16.65
N ASP O 212 14.34 68.70 -15.65
CA ASP O 212 15.08 68.77 -14.39
C ASP O 212 15.27 67.34 -13.82
N LEU O 213 16.49 66.81 -13.89
CA LEU O 213 16.75 65.45 -13.41
C LEU O 213 17.62 65.30 -12.15
N ILE O 214 17.51 64.14 -11.51
CA ILE O 214 18.25 63.79 -10.28
C ILE O 214 18.49 62.28 -10.23
N ALA O 215 19.70 61.85 -9.86
CA ALA O 215 20.01 60.41 -9.78
C ALA O 215 21.35 60.02 -9.14
N SER O 216 21.55 58.71 -9.04
CA SER O 216 22.77 58.10 -8.51
C SER O 216 22.81 56.63 -8.94
N THR O 217 23.29 56.40 -10.16
CA THR O 217 23.38 55.06 -10.73
C THR O 217 24.71 54.36 -10.45
N ASP O 218 25.32 54.68 -9.31
CA ASP O 218 26.59 54.09 -8.89
C ASP O 218 27.71 54.19 -9.95
N ILE O 219 27.80 55.34 -10.60
CA ILE O 219 28.82 55.59 -11.63
C ILE O 219 30.17 55.93 -11.01
N ARG O 220 31.23 55.32 -11.53
CA ARG O 220 32.59 55.55 -11.04
C ARG O 220 33.61 55.67 -12.17
N LEU O 221 34.42 56.73 -12.14
CA LEU O 221 35.43 56.93 -13.17
C LEU O 221 36.68 56.10 -12.90
N LEU O 222 37.20 55.45 -13.94
CA LEU O 222 38.40 54.62 -13.81
C LEU O 222 39.56 55.18 -14.61
N LYS O 223 40.77 55.07 -14.06
CA LYS O 223 41.97 55.57 -14.74
C LYS O 223 42.28 54.67 -15.93
N PRO O 224 42.27 55.23 -17.14
CA PRO O 224 42.55 54.47 -18.37
C PRO O 224 44.01 54.02 -18.47
N SER O 225 44.24 53.04 -19.34
CA SER O 225 45.59 52.52 -19.55
C SER O 225 46.24 53.16 -20.77
N ALA O 226 47.56 53.34 -20.71
CA ALA O 226 48.29 53.96 -21.83
C ALA O 226 48.44 53.04 -23.04
N LYS O 227 47.65 53.31 -24.07
CA LYS O 227 47.64 52.57 -25.33
C LYS O 227 46.97 53.40 -26.42
N ASN O 228 45.64 53.50 -26.34
CA ASN O 228 44.84 54.27 -27.29
C ASN O 228 43.89 55.16 -26.51
N VAL O 229 43.63 56.36 -27.05
CA VAL O 229 42.74 57.31 -26.39
C VAL O 229 41.34 56.72 -26.18
N HIS O 230 41.06 56.32 -24.95
CA HIS O 230 39.76 55.74 -24.60
C HIS O 230 39.23 56.32 -23.30
N VAL O 231 37.97 56.00 -22.99
CA VAL O 231 37.32 56.47 -21.76
C VAL O 231 36.52 55.31 -21.16
N PRO O 232 37.21 54.33 -20.55
CA PRO O 232 36.62 53.15 -19.91
C PRO O 232 36.03 53.36 -18.50
N TYR O 233 34.75 53.01 -18.36
CA TYR O 233 34.05 53.14 -17.08
C TYR O 233 33.29 51.86 -16.71
N THR O 234 33.01 51.70 -15.42
CA THR O 234 32.27 50.56 -14.91
C THR O 234 30.88 51.02 -14.47
N GLN O 235 29.91 50.91 -15.38
CA GLN O 235 28.54 51.34 -15.10
C GLN O 235 27.63 50.21 -14.61
N ALA O 236 26.65 50.56 -13.79
CA ALA O 236 25.70 49.59 -13.27
C ALA O 236 24.63 49.33 -14.35
N SER O 237 24.38 48.05 -14.61
CA SER O 237 23.38 47.67 -15.60
C SER O 237 22.02 48.21 -15.17
N SER O 238 21.34 48.90 -16.08
CA SER O 238 20.03 49.49 -15.80
C SER O 238 19.06 48.49 -15.17
N GLY O 239 18.35 48.94 -14.14
CA GLY O 239 17.41 48.09 -13.45
C GLY O 239 16.08 47.94 -14.18
N PHE O 240 15.87 48.81 -15.16
CA PHE O 240 14.63 48.78 -15.93
C PHE O 240 14.55 47.64 -16.96
N GLU O 241 15.69 47.00 -17.24
CA GLU O 241 15.71 45.87 -18.15
C GLU O 241 15.56 44.60 -17.32
N MET O 242 15.82 44.71 -16.03
CA MET O 242 15.71 43.58 -15.10
C MET O 242 14.36 43.52 -14.38
N TRP O 243 13.61 44.62 -14.41
CA TRP O 243 12.30 44.68 -13.73
C TRP O 243 11.19 43.96 -14.47
N LYS O 244 11.53 43.41 -15.63
CA LYS O 244 10.58 42.67 -16.45
C LYS O 244 10.56 41.21 -15.99
N ASN O 245 11.28 40.93 -14.91
CA ASN O 245 11.34 39.58 -14.35
C ASN O 245 10.74 39.52 -12.95
N ASN O 246 11.13 40.49 -12.11
CA ASN O 246 10.65 40.56 -10.74
C ASN O 246 9.35 41.35 -10.55
N SER O 247 8.63 41.52 -11.66
CA SER O 247 7.36 42.26 -11.66
C SER O 247 6.37 41.64 -10.66
N GLY O 248 6.15 40.34 -10.80
CA GLY O 248 5.25 39.62 -9.92
C GLY O 248 3.80 40.10 -9.90
N ARG O 249 3.27 40.23 -8.70
CA ARG O 249 1.91 40.65 -8.39
C ARG O 249 1.35 41.70 -9.37
N PRO O 250 0.53 41.26 -10.35
CA PRO O 250 -0.07 42.14 -11.35
C PRO O 250 -1.38 42.80 -10.92
N LEU O 251 -1.94 42.32 -9.81
CA LEU O 251 -3.20 42.82 -9.26
C LEU O 251 -4.43 42.58 -10.13
N GLN O 252 -4.31 42.81 -11.44
CA GLN O 252 -5.43 42.62 -12.35
C GLN O 252 -5.94 41.19 -12.36
N GLU O 253 -5.04 40.23 -12.18
CA GLU O 253 -5.42 38.82 -12.15
C GLU O 253 -5.83 38.39 -10.73
N THR O 254 -5.31 39.08 -9.72
CA THR O 254 -5.64 38.77 -8.32
C THR O 254 -6.73 39.76 -7.85
N ALA O 255 -7.75 39.91 -8.68
CA ALA O 255 -8.87 40.80 -8.37
C ALA O 255 -9.74 40.26 -7.24
N PRO O 256 -9.83 41.01 -6.13
CA PRO O 256 -10.62 40.61 -4.96
C PRO O 256 -12.12 40.78 -5.16
N PHE O 257 -12.84 39.65 -5.09
CA PHE O 257 -14.29 39.61 -5.25
C PHE O 257 -14.75 39.95 -6.66
N GLY O 258 -14.04 39.41 -7.65
CA GLY O 258 -14.38 39.66 -9.05
C GLY O 258 -14.21 41.11 -9.52
N CYS O 259 -13.53 41.89 -8.67
CA CYS O 259 -13.25 43.31 -8.92
C CYS O 259 -12.43 43.51 -10.20
N LYS O 260 -12.28 44.77 -10.62
CA LYS O 260 -11.54 45.09 -11.83
C LYS O 260 -10.56 46.24 -11.61
N ILE O 261 -9.90 46.65 -12.69
CA ILE O 261 -8.92 47.75 -12.65
C ILE O 261 -8.85 48.43 -14.03
N ALA O 262 -8.76 49.76 -14.02
CA ALA O 262 -8.69 50.52 -15.26
C ALA O 262 -7.26 50.99 -15.54
N VAL O 263 -7.00 51.39 -16.78
CA VAL O 263 -5.68 51.85 -17.18
C VAL O 263 -5.48 53.35 -16.96
N ASN O 264 -6.16 54.15 -17.77
CA ASN O 264 -6.05 55.60 -17.70
C ASN O 264 -6.47 56.27 -16.38
N PRO O 265 -7.64 55.90 -15.82
CA PRO O 265 -8.07 56.51 -14.57
C PRO O 265 -7.70 55.72 -13.31
N LEU O 266 -7.13 54.53 -13.49
CA LEU O 266 -6.74 53.67 -12.36
C LEU O 266 -7.92 53.45 -11.41
N ARG O 267 -9.04 53.03 -11.99
CA ARG O 267 -10.28 52.80 -11.26
C ARG O 267 -10.64 51.32 -11.07
N ALA O 268 -11.40 51.05 -10.02
CA ALA O 268 -11.85 49.69 -9.69
C ALA O 268 -13.33 49.56 -10.06
N VAL O 269 -13.62 48.76 -11.09
CA VAL O 269 -14.99 48.56 -11.55
C VAL O 269 -15.54 47.17 -11.21
N ASP O 270 -16.86 47.08 -11.06
CA ASP O 270 -17.56 45.84 -10.75
C ASP O 270 -17.01 45.17 -9.48
N CYS O 271 -16.58 46.00 -8.53
CA CYS O 271 -16.01 45.53 -7.28
C CYS O 271 -16.99 45.56 -6.11
N SER O 272 -17.41 44.38 -5.65
CA SER O 272 -18.34 44.29 -4.53
C SER O 272 -17.66 44.62 -3.20
N TYR O 273 -18.36 45.39 -2.35
CA TYR O 273 -17.82 45.78 -1.05
C TYR O 273 -18.76 45.62 0.13
N GLY O 274 -19.45 46.70 0.50
CA GLY O 274 -20.36 46.66 1.64
C GLY O 274 -21.80 47.03 1.35
N ASN O 275 -22.28 48.06 2.04
CA ASN O 275 -23.65 48.54 1.89
C ASN O 275 -23.71 50.05 1.67
N ILE O 276 -24.66 50.48 0.84
CA ILE O 276 -24.86 51.89 0.53
C ILE O 276 -26.19 52.40 1.11
N PRO O 277 -26.12 53.13 2.24
CA PRO O 277 -27.30 53.68 2.92
C PRO O 277 -27.93 54.87 2.18
N ILE O 278 -29.02 54.60 1.46
CA ILE O 278 -29.71 55.62 0.69
C ILE O 278 -30.90 56.23 1.46
N SER O 279 -30.98 57.55 1.44
CA SER O 279 -32.05 58.30 2.10
C SER O 279 -32.64 59.32 1.14
N ILE O 280 -33.97 59.31 0.99
CA ILE O 280 -34.63 60.24 0.09
C ILE O 280 -35.85 60.94 0.69
N ASP O 281 -35.90 62.27 0.52
CA ASP O 281 -37.00 63.09 1.03
C ASP O 281 -38.15 63.04 0.02
N ILE O 282 -38.91 61.95 0.00
CA ILE O 282 -40.02 61.81 -0.94
C ILE O 282 -41.24 62.65 -0.52
N PRO O 283 -41.61 63.64 -1.36
CA PRO O 283 -42.75 64.55 -1.11
C PRO O 283 -44.12 63.89 -1.25
N ASN O 284 -45.16 64.66 -0.93
CA ASN O 284 -46.55 64.20 -0.98
C ASN O 284 -47.00 63.87 -2.41
N ALA O 285 -46.44 64.59 -3.38
CA ALA O 285 -46.80 64.38 -4.79
C ALA O 285 -46.39 63.03 -5.35
N ALA O 286 -45.33 62.44 -4.81
CA ALA O 286 -44.83 61.14 -5.26
C ALA O 286 -45.65 59.98 -4.72
N PHE O 287 -46.27 60.18 -3.56
CA PHE O 287 -47.09 59.14 -2.94
C PHE O 287 -48.46 59.09 -3.59
N ILE O 288 -48.46 58.75 -4.88
CA ILE O 288 -49.68 58.65 -5.67
C ILE O 288 -50.56 57.51 -5.16
N ARG O 289 -51.86 57.63 -5.41
CA ARG O 289 -52.88 56.67 -5.01
C ARG O 289 -53.22 56.72 -3.52
N THR O 290 -53.89 57.80 -3.13
CA THR O 290 -54.32 58.03 -1.74
C THR O 290 -55.41 57.02 -1.37
N SER O 291 -55.77 56.99 -0.08
CA SER O 291 -56.81 56.06 0.40
C SER O 291 -58.22 56.41 -0.09
N ASP O 292 -58.36 57.57 -0.72
CA ASP O 292 -59.64 58.04 -1.24
C ASP O 292 -59.95 57.55 -2.66
N ALA O 293 -58.94 57.07 -3.38
CA ALA O 293 -59.18 56.59 -4.74
C ALA O 293 -59.23 55.06 -4.91
N PRO O 294 -58.10 54.35 -4.72
CA PRO O 294 -58.16 52.89 -4.88
C PRO O 294 -58.90 52.17 -3.74
N LEU O 295 -59.71 51.20 -4.11
CA LEU O 295 -60.47 50.42 -3.14
C LEU O 295 -60.64 48.96 -3.57
N VAL O 296 -59.51 48.24 -3.65
CA VAL O 296 -59.50 46.83 -4.05
C VAL O 296 -60.22 45.96 -3.01
N SER O 297 -60.95 44.95 -3.49
CA SER O 297 -61.70 44.04 -2.62
C SER O 297 -60.93 42.77 -2.24
N THR O 298 -61.63 41.63 -2.22
CA THR O 298 -61.05 40.34 -1.87
C THR O 298 -59.94 39.89 -2.81
N VAL O 299 -58.80 39.52 -2.23
CA VAL O 299 -57.64 39.06 -2.99
C VAL O 299 -57.64 37.54 -3.16
N LYS O 300 -57.35 37.09 -4.38
CA LYS O 300 -57.29 35.66 -4.70
C LYS O 300 -55.92 35.34 -5.31
N CYS O 301 -55.44 34.11 -5.12
CA CYS O 301 -54.13 33.72 -5.64
C CYS O 301 -53.94 32.21 -5.87
N GLU O 302 -53.48 31.86 -7.07
CA GLU O 302 -53.20 30.47 -7.45
C GLU O 302 -51.98 30.40 -8.36
N VAL O 303 -51.20 29.33 -8.23
CA VAL O 303 -49.99 29.13 -9.04
C VAL O 303 -50.16 28.09 -10.15
N SER O 304 -49.42 28.26 -11.24
CA SER O 304 -49.47 27.33 -12.36
C SER O 304 -48.10 27.05 -13.00
N GLU O 305 -47.69 27.88 -13.96
CA GLU O 305 -46.39 27.72 -14.62
C GLU O 305 -45.21 28.15 -13.76
N CYS O 306 -44.39 27.18 -13.34
CA CYS O 306 -43.22 27.46 -12.51
C CYS O 306 -42.07 26.48 -12.76
N THR O 307 -40.90 27.03 -13.05
CA THR O 307 -39.70 26.24 -13.32
C THR O 307 -38.56 26.71 -12.41
N TYR O 308 -37.55 25.86 -12.24
CA TYR O 308 -36.39 26.17 -11.40
C TYR O 308 -35.83 27.58 -11.60
N SER O 309 -35.43 28.21 -10.51
CA SER O 309 -34.86 29.56 -10.53
C SER O 309 -33.60 29.64 -11.39
N MET O 315 -48.09 34.10 -14.50
CA MET O 315 -49.15 34.80 -13.78
C MET O 315 -49.56 34.06 -12.51
N ALA O 316 -49.58 34.76 -11.38
CA ALA O 316 -49.99 34.12 -10.12
C ALA O 316 -51.47 34.31 -9.86
N THR O 317 -52.23 34.52 -10.93
CA THR O 317 -53.67 34.72 -10.87
C THR O 317 -54.09 35.70 -9.77
N LEU O 318 -53.81 36.98 -9.99
CA LEU O 318 -54.14 38.04 -9.04
C LEU O 318 -55.36 38.83 -9.52
N GLN O 319 -56.43 38.12 -9.88
CA GLN O 319 -57.65 38.76 -10.36
C GLN O 319 -58.28 39.64 -9.28
N TYR O 320 -58.42 40.92 -9.60
CA TYR O 320 -58.99 41.88 -8.67
C TYR O 320 -60.25 42.52 -9.26
N VAL O 321 -60.90 43.36 -8.46
CA VAL O 321 -62.10 44.07 -8.89
C VAL O 321 -62.07 45.46 -8.27
N SER O 322 -61.82 46.47 -9.09
CA SER O 322 -61.76 47.85 -8.62
C SER O 322 -62.40 48.83 -9.60
N ASP O 323 -62.45 50.10 -9.20
CA ASP O 323 -63.01 51.13 -10.05
C ASP O 323 -61.94 51.93 -10.78
N ARG O 324 -61.97 51.87 -12.11
CA ARG O 324 -61.03 52.57 -12.97
C ARG O 324 -59.55 52.15 -12.87
N GLU O 325 -59.01 51.69 -13.99
CA GLU O 325 -57.62 51.25 -14.04
C GLU O 325 -56.65 52.42 -13.83
N GLY O 326 -55.50 52.14 -13.24
CA GLY O 326 -54.51 53.18 -13.00
C GLY O 326 -53.54 52.83 -11.90
N GLN O 327 -52.27 52.66 -12.26
CA GLN O 327 -51.20 52.33 -11.31
C GLN O 327 -51.41 51.00 -10.59
N CYS O 328 -51.50 51.05 -9.26
CA CYS O 328 -51.70 49.88 -8.39
C CYS O 328 -50.42 49.12 -8.05
N PRO O 329 -49.78 49.49 -6.92
CA PRO O 329 -48.54 48.88 -6.42
C PRO O 329 -48.77 47.53 -5.74
N VAL O 330 -48.00 46.52 -6.15
CA VAL O 330 -48.09 45.17 -5.60
C VAL O 330 -46.69 44.70 -5.21
N HIS O 331 -46.52 44.18 -4.01
CA HIS O 331 -45.21 43.70 -3.56
C HIS O 331 -45.23 42.53 -2.60
N SER O 332 -44.12 41.79 -2.61
CA SER O 332 -43.94 40.62 -1.74
C SER O 332 -43.81 41.07 -0.27
N HIS O 333 -44.07 40.13 0.64
CA HIS O 333 -43.98 40.43 2.07
C HIS O 333 -43.17 39.43 2.90
N SER O 334 -42.73 38.34 2.27
CA SER O 334 -41.94 37.32 2.94
C SER O 334 -40.43 37.47 2.72
N SER O 335 -39.68 36.44 3.10
CA SER O 335 -38.23 36.45 2.93
C SER O 335 -37.73 35.79 1.64
N THR O 336 -38.62 35.13 0.90
CA THR O 336 -38.25 34.48 -0.36
C THR O 336 -39.29 34.75 -1.47
N ALA O 337 -38.89 34.55 -2.73
CA ALA O 337 -39.73 34.77 -3.90
C ALA O 337 -39.96 36.23 -4.23
N THR O 338 -39.13 36.76 -5.12
CA THR O 338 -39.23 38.15 -5.53
C THR O 338 -39.89 38.23 -6.91
N LEU O 339 -40.79 39.20 -7.08
CA LEU O 339 -41.48 39.38 -8.36
C LEU O 339 -40.55 39.96 -9.43
N GLN O 340 -41.04 40.07 -10.66
CA GLN O 340 -40.24 40.64 -11.75
C GLN O 340 -40.66 42.06 -12.09
N GLU O 341 -41.97 42.29 -12.16
CA GLU O 341 -42.52 43.62 -12.46
C GLU O 341 -43.24 44.19 -11.25
N SER O 342 -43.66 45.45 -11.33
CA SER O 342 -44.34 46.12 -10.22
C SER O 342 -45.75 46.65 -10.52
N THR O 343 -45.83 47.80 -11.18
CA THR O 343 -47.11 48.43 -11.49
C THR O 343 -47.82 47.87 -12.73
N VAL O 344 -48.81 47.00 -12.49
CA VAL O 344 -49.60 46.39 -13.56
C VAL O 344 -51.06 46.40 -13.14
N HIS O 345 -51.88 47.12 -13.89
CA HIS O 345 -53.32 47.22 -13.59
C HIS O 345 -53.96 45.85 -13.59
N VAL O 352 -57.40 45.50 -13.71
CA VAL O 352 -58.28 44.47 -13.18
C VAL O 352 -57.58 43.10 -13.24
N THR O 353 -57.48 42.53 -14.44
CA THR O 353 -56.83 41.25 -14.63
C THR O 353 -55.32 41.45 -14.64
N VAL O 354 -54.74 41.45 -13.44
CA VAL O 354 -53.30 41.64 -13.26
C VAL O 354 -52.51 40.43 -13.76
N HIS O 355 -51.36 40.69 -14.38
CA HIS O 355 -50.51 39.62 -14.90
C HIS O 355 -49.05 39.81 -14.48
N PHE O 356 -48.58 38.95 -13.59
CA PHE O 356 -47.20 39.00 -13.11
C PHE O 356 -46.52 37.66 -13.39
N SER O 357 -45.57 37.29 -12.53
CA SER O 357 -44.82 36.04 -12.62
C SER O 357 -43.78 36.00 -11.49
N THR O 358 -43.44 34.80 -11.04
CA THR O 358 -42.47 34.63 -9.96
C THR O 358 -41.46 33.52 -10.26
N ALA O 359 -40.56 33.28 -9.30
CA ALA O 359 -39.54 32.25 -9.40
C ALA O 359 -39.15 31.76 -8.01
N SER O 360 -40.01 30.92 -7.42
CA SER O 360 -39.78 30.38 -6.09
C SER O 360 -39.62 28.86 -6.09
N PRO O 361 -39.29 28.26 -4.93
CA PRO O 361 -39.12 26.81 -4.86
C PRO O 361 -40.44 26.01 -4.85
N GLN O 362 -41.04 25.84 -3.68
CA GLN O 362 -42.29 25.09 -3.55
C GLN O 362 -43.22 25.59 -2.44
N ALA O 363 -42.70 26.43 -1.55
CA ALA O 363 -43.49 26.98 -0.44
C ALA O 363 -44.54 27.98 -0.91
N ASN O 364 -45.63 28.08 -0.14
CA ASN O 364 -46.72 29.01 -0.44
C ASN O 364 -46.42 30.37 0.18
N PHE O 365 -46.61 31.43 -0.59
CA PHE O 365 -46.36 32.80 -0.12
C PHE O 365 -47.61 33.66 -0.08
N ILE O 366 -47.45 34.92 0.33
CA ILE O 366 -48.55 35.86 0.41
C ILE O 366 -48.55 36.81 -0.79
CA VAL O 367 -48.23 39.37 -2.50
CA SER O 368 -50.33 42.52 -2.55
CA LEU O 369 -51.96 43.60 -5.82
CA CYS O 370 -52.19 47.04 -4.20
CA GLY O 371 -53.32 47.80 -0.70
CA LYS O 372 -54.98 44.40 -0.51
CA LYS O 373 -53.06 41.14 -0.04
CA THR O 374 -53.13 37.38 -0.70
CA THR O 375 -50.94 34.26 -0.27
CA CYS O 376 -51.21 32.80 -3.81
CA ASN O 377 -50.45 29.17 -4.73
CA ALA O 378 -47.28 27.11 -5.39
CA GLU O 379 -47.03 24.92 -8.52
CA CYS O 380 -43.37 24.00 -7.88
CA TYR P 1 82.72 32.11 15.66
N GLU P 2 81.51 29.21 16.73
CA GLU P 2 80.74 27.97 16.42
C GLU P 2 79.31 28.08 16.94
N HIS P 3 78.39 28.50 16.09
CA HIS P 3 76.99 28.65 16.48
C HIS P 3 76.05 27.86 15.55
N ALA P 4 74.80 27.73 15.98
CA ALA P 4 73.77 27.01 15.22
C ALA P 4 72.40 27.10 15.89
N THR P 5 71.48 27.83 15.26
CA THR P 5 70.12 28.02 15.78
C THR P 5 69.07 27.63 14.75
N THR P 6 67.97 27.05 15.23
CA THR P 6 66.87 26.61 14.36
C THR P 6 66.05 27.82 13.88
N VAL P 7 65.78 27.86 12.57
CA VAL P 7 65.01 28.95 11.96
C VAL P 7 63.98 28.35 10.98
N PRO P 8 62.68 28.47 11.29
CA PRO P 8 61.59 27.95 10.45
C PRO P 8 61.45 28.53 9.04
N ASN P 9 60.43 28.07 8.32
CA ASN P 9 60.17 28.51 6.95
C ASN P 9 58.88 29.33 6.77
N VAL P 10 58.87 30.57 7.23
CA VAL P 10 57.70 31.43 7.10
C VAL P 10 58.14 32.88 6.80
N PRO P 11 57.94 33.34 5.55
CA PRO P 11 58.30 34.68 5.11
C PRO P 11 57.62 35.82 5.89
N GLN P 12 58.19 37.01 5.79
CA GLN P 12 57.70 38.20 6.47
C GLN P 12 57.75 38.12 8.00
N ILE P 13 58.45 37.12 8.53
CA ILE P 13 58.59 36.96 9.97
C ILE P 13 60.04 37.16 10.42
N PRO P 14 60.31 38.27 11.14
CA PRO P 14 61.66 38.57 11.62
C PRO P 14 62.06 37.56 12.69
N TYR P 15 63.21 36.93 12.50
CA TYR P 15 63.72 35.94 13.46
C TYR P 15 64.78 36.53 14.35
N LYS P 16 64.72 36.21 15.63
CA LYS P 16 65.69 36.72 16.59
C LYS P 16 66.29 35.64 17.49
N ALA P 17 67.59 35.42 17.33
CA ALA P 17 68.31 34.44 18.12
C ALA P 17 69.26 35.17 19.07
N LEU P 18 69.79 34.47 20.07
CA LEU P 18 70.70 35.10 21.03
C LEU P 18 72.00 34.33 21.24
N VAL P 19 73.10 35.07 21.31
CA VAL P 19 74.42 34.49 21.52
C VAL P 19 74.73 34.53 23.01
N GLU P 20 74.87 33.36 23.62
CA GLU P 20 75.17 33.28 25.05
C GLU P 20 76.64 32.95 25.34
N ARG P 21 77.54 33.82 24.90
CA ARG P 21 78.97 33.64 25.13
C ARG P 21 79.46 34.24 26.44
N ALA P 22 80.60 33.79 26.91
CA ALA P 22 81.20 34.28 28.14
C ALA P 22 82.26 35.33 27.82
N GLY P 23 82.07 36.54 28.34
CA GLY P 23 83.02 37.61 28.08
C GLY P 23 82.46 38.67 27.16
N TYR P 24 82.62 38.47 25.84
CA TYR P 24 82.13 39.40 24.82
C TYR P 24 80.64 39.68 24.92
N ALA P 25 80.23 40.83 24.38
CA ALA P 25 78.83 41.24 24.40
C ALA P 25 77.96 40.32 23.54
N PRO P 26 76.83 39.85 24.10
CA PRO P 26 75.91 38.97 23.37
C PRO P 26 75.35 39.66 22.14
N LEU P 27 75.74 39.17 20.96
CA LEU P 27 75.28 39.75 19.71
C LEU P 27 73.82 39.53 19.39
N ASN P 28 73.32 40.30 18.44
CA ASN P 28 71.94 40.23 17.99
C ASN P 28 71.95 39.46 16.67
N LEU P 29 70.94 38.64 16.43
CA LEU P 29 70.86 37.85 15.21
C LEU P 29 69.50 37.96 14.51
N GLU P 30 69.37 38.93 13.61
CA GLU P 30 68.14 39.12 12.86
C GLU P 30 68.23 38.48 11.47
N ILE P 31 67.25 37.66 11.13
CA ILE P 31 67.21 36.97 9.84
C ILE P 31 65.76 36.94 9.34
N THR P 32 65.54 37.39 8.11
CA THR P 32 64.20 37.43 7.53
C THR P 32 64.12 36.65 6.22
N VAL P 33 62.99 36.01 5.97
CA VAL P 33 62.75 35.25 4.76
C VAL P 33 62.00 36.12 3.75
N MET P 34 62.62 36.37 2.61
CA MET P 34 62.00 37.19 1.56
C MET P 34 61.01 36.38 0.73
N SER P 35 61.53 35.46 -0.07
CA SER P 35 60.72 34.60 -0.92
C SER P 35 61.46 33.30 -1.24
N SER P 36 60.82 32.19 -0.93
CA SER P 36 61.36 30.85 -1.14
C SER P 36 61.15 30.36 -2.57
N GLU P 37 62.09 29.56 -3.08
CA GLU P 37 61.98 29.01 -4.44
C GLU P 37 62.52 27.59 -4.51
N VAL P 38 61.63 26.63 -4.76
CA VAL P 38 62.00 25.22 -4.84
C VAL P 38 61.85 24.64 -6.26
N LEU P 39 62.98 24.39 -6.91
CA LEU P 39 63.01 23.88 -8.27
C LEU P 39 63.63 22.47 -8.33
N PRO P 40 62.84 21.47 -8.72
CA PRO P 40 63.29 20.07 -8.83
C PRO P 40 64.14 19.86 -10.07
N SER P 41 64.79 18.69 -10.16
CA SER P 41 65.63 18.39 -11.31
C SER P 41 64.79 18.17 -12.57
N THR P 42 64.61 19.23 -13.34
CA THR P 42 63.82 19.18 -14.57
C THR P 42 64.59 18.48 -15.69
N ASN P 43 63.98 17.42 -16.23
CA ASN P 43 64.58 16.66 -17.31
C ASN P 43 63.59 16.48 -18.45
N GLN P 44 63.63 17.42 -19.40
CA GLN P 44 62.76 17.42 -20.58
C GLN P 44 62.97 16.16 -21.43
N GLU P 45 61.89 15.44 -21.71
CA GLU P 45 61.99 14.22 -22.53
C GLU P 45 60.98 14.10 -23.67
N TYR P 46 59.73 14.51 -23.46
CA TYR P 46 58.71 14.42 -24.51
C TYR P 46 57.75 15.60 -24.57
N ILE P 47 57.07 15.78 -25.70
CA ILE P 47 56.10 16.87 -25.93
C ILE P 47 54.95 16.41 -26.86
N THR P 48 53.75 17.00 -26.71
CA THR P 48 52.58 16.65 -27.54
C THR P 48 51.58 17.76 -27.88
N CYS P 49 50.63 17.43 -28.76
CA CYS P 49 49.56 18.33 -29.21
C CYS P 49 48.71 17.71 -30.34
N LYS P 50 47.92 18.55 -31.02
CA LYS P 50 47.06 18.11 -32.12
C LYS P 50 47.86 17.61 -33.32
N PHE P 51 47.18 16.98 -34.28
CA PHE P 51 47.85 16.45 -35.49
C PHE P 51 46.94 16.58 -36.72
N THR P 52 47.47 16.17 -37.87
CA THR P 52 46.72 16.20 -39.13
C THR P 52 47.04 14.96 -39.97
N THR P 53 46.00 14.20 -40.31
CA THR P 53 46.17 12.98 -41.11
C THR P 53 46.66 13.35 -42.52
N VAL P 54 47.74 12.71 -42.95
CA VAL P 54 48.32 12.97 -44.26
C VAL P 54 48.10 11.78 -45.21
N VAL P 55 46.87 11.61 -45.68
CA VAL P 55 46.56 10.52 -46.61
C VAL P 55 46.94 10.92 -48.03
N PRO P 56 47.88 10.16 -48.63
CA PRO P 56 48.35 10.43 -50.00
C PRO P 56 47.34 9.95 -51.06
N SER P 57 47.73 10.06 -52.32
CA SER P 57 46.88 9.65 -53.43
C SER P 57 47.16 8.20 -53.83
N PRO P 58 46.11 7.38 -53.96
CA PRO P 58 46.24 5.97 -54.34
C PRO P 58 46.81 5.80 -55.75
N LYS P 59 47.60 4.74 -55.92
CA LYS P 59 48.22 4.45 -57.21
C LYS P 59 47.55 3.25 -57.88
N ILE P 60 46.24 3.35 -58.02
CA ILE P 60 45.43 2.30 -58.64
C ILE P 60 45.95 1.96 -60.04
N LYS P 61 46.02 0.67 -60.34
CA LYS P 61 46.49 0.20 -61.64
C LYS P 61 45.53 -0.80 -62.25
N CYS P 62 46.07 -1.76 -63.00
CA CYS P 62 45.27 -2.80 -63.65
C CYS P 62 45.62 -4.20 -63.13
N CYS P 63 45.86 -5.12 -64.06
CA CYS P 63 46.19 -6.51 -63.74
C CYS P 63 47.62 -6.71 -63.19
N GLY P 64 48.26 -5.62 -62.76
CA GLY P 64 49.61 -5.73 -62.22
C GLY P 64 49.65 -6.01 -60.73
N SER P 65 50.70 -6.70 -60.27
CA SER P 65 50.84 -7.01 -58.85
C SER P 65 51.41 -5.86 -58.01
N LEU P 66 51.11 -5.84 -56.72
CA LEU P 66 51.58 -4.80 -55.81
C LEU P 66 51.76 -5.24 -54.34
N GLU P 67 52.83 -4.75 -53.72
CA GLU P 67 53.17 -5.02 -52.33
C GLU P 67 53.92 -3.80 -51.75
N CYS P 68 53.32 -3.16 -50.75
CA CYS P 68 53.92 -1.98 -50.12
C CYS P 68 55.17 -2.25 -49.27
N GLN P 69 56.07 -1.29 -49.23
CA GLN P 69 57.32 -1.40 -48.47
C GLN P 69 57.44 -0.32 -47.39
N PRO P 70 57.74 -0.72 -46.13
CA PRO P 70 57.88 0.25 -45.03
C PRO P 70 59.18 1.04 -45.06
N ALA P 71 59.20 2.19 -44.39
CA ALA P 71 60.39 3.02 -44.34
C ALA P 71 60.65 3.57 -42.94
N ALA P 72 60.79 4.88 -42.83
CA ALA P 72 61.01 5.54 -41.55
C ALA P 72 60.13 6.79 -41.42
N HIS P 73 58.88 6.57 -41.01
CA HIS P 73 57.90 7.64 -40.83
C HIS P 73 57.12 7.47 -39.53
N ALA P 74 56.03 8.22 -39.41
CA ALA P 74 55.15 8.17 -38.25
C ALA P 74 53.96 7.32 -38.65
N ASP P 75 53.67 6.28 -37.86
CA ASP P 75 52.55 5.36 -38.11
C ASP P 75 52.81 4.56 -39.40
N TYR P 76 52.53 3.27 -39.36
CA TYR P 76 52.76 2.41 -40.52
C TYR P 76 51.83 1.22 -40.63
N THR P 77 50.76 1.40 -41.38
CA THR P 77 49.78 0.35 -41.61
C THR P 77 49.28 0.43 -43.07
N CYS P 78 49.88 -0.41 -43.92
CA CYS P 78 49.53 -0.45 -45.33
C CYS P 78 49.00 -1.84 -45.71
N LYS P 79 47.87 -1.87 -46.41
CA LYS P 79 47.26 -3.12 -46.83
C LYS P 79 46.79 -3.11 -48.28
N VAL P 80 47.27 -4.08 -49.05
CA VAL P 80 46.90 -4.20 -50.46
C VAL P 80 45.51 -4.82 -50.59
N PHE P 81 44.57 -4.06 -51.14
CA PHE P 81 43.20 -4.54 -51.32
C PHE P 81 42.97 -5.08 -52.72
N GLY P 82 42.35 -6.26 -52.79
CA GLY P 82 42.08 -6.88 -54.08
C GLY P 82 40.61 -7.16 -54.29
N GLY P 83 40.14 -6.98 -55.52
CA GLY P 83 38.74 -7.22 -55.84
C GLY P 83 37.92 -5.95 -55.98
N VAL P 84 38.54 -4.80 -55.72
CA VAL P 84 37.87 -3.51 -55.83
C VAL P 84 37.90 -3.05 -57.29
N TYR P 85 36.85 -2.34 -57.72
CA TYR P 85 36.74 -1.83 -59.09
C TYR P 85 36.79 -2.96 -60.13
N PRO P 86 35.75 -3.81 -60.14
CA PRO P 86 35.65 -4.94 -61.07
C PRO P 86 35.40 -4.57 -62.54
N PHE P 87 35.04 -3.32 -62.81
CA PHE P 87 34.77 -2.89 -64.18
C PHE P 87 34.99 -1.38 -64.42
N MET P 88 34.84 -0.97 -65.69
CA MET P 88 34.99 0.42 -66.08
C MET P 88 33.83 1.24 -65.50
N TRP P 89 32.76 0.54 -65.14
CA TRP P 89 31.57 1.17 -64.56
C TRP P 89 31.72 1.19 -63.03
N GLY P 90 32.84 0.68 -62.55
CA GLY P 90 33.12 0.65 -61.12
C GLY P 90 33.60 1.97 -60.59
N GLY P 91 34.60 2.55 -61.24
CA GLY P 91 35.13 3.84 -60.79
C GLY P 91 36.47 4.25 -61.35
N ALA P 92 37.44 3.32 -61.37
CA ALA P 92 38.77 3.62 -61.87
C ALA P 92 38.96 3.38 -63.37
N GLN P 93 37.88 3.02 -64.07
CA GLN P 93 37.92 2.74 -65.50
C GLN P 93 38.91 1.61 -65.80
N CYS P 94 38.77 0.51 -65.06
CA CYS P 94 39.65 -0.64 -65.22
C CYS P 94 39.18 -1.63 -66.28
N PHE P 95 40.11 -2.36 -66.87
CA PHE P 95 39.81 -3.35 -67.91
C PHE P 95 39.91 -4.79 -67.42
N CYS P 96 40.41 -4.97 -66.20
CA CYS P 96 40.58 -6.28 -65.59
C CYS P 96 39.28 -6.80 -64.95
N ASP P 97 39.07 -8.12 -64.98
CA ASP P 97 37.88 -8.73 -64.40
C ASP P 97 37.93 -8.78 -62.87
N SER P 98 38.99 -9.37 -62.32
CA SER P 98 39.15 -9.45 -60.86
C SER P 98 40.59 -9.37 -60.36
N GLU P 99 41.50 -8.91 -61.21
CA GLU P 99 42.89 -8.76 -60.84
C GLU P 99 43.30 -7.28 -60.78
N ASN P 100 42.87 -6.60 -59.72
CA ASN P 100 43.20 -5.18 -59.53
C ASN P 100 43.58 -4.93 -58.08
N SER P 101 44.56 -4.08 -57.87
CA SER P 101 45.03 -3.77 -56.52
C SER P 101 45.33 -2.29 -56.29
N GLN P 102 45.45 -1.92 -55.01
CA GLN P 102 45.73 -0.55 -54.60
C GLN P 102 46.76 -0.58 -53.49
N MET P 103 47.45 0.55 -53.30
CA MET P 103 48.46 0.67 -52.27
C MET P 103 47.83 1.08 -50.93
N SER P 104 47.05 2.17 -50.95
CA SER P 104 46.39 2.69 -49.77
C SER P 104 47.33 2.96 -48.59
N GLU P 105 48.02 4.11 -48.65
CA GLU P 105 48.96 4.50 -47.61
C GLU P 105 48.34 5.62 -46.77
N ALA P 106 48.75 5.74 -45.51
CA ALA P 106 48.23 6.77 -44.62
C ALA P 106 49.10 7.00 -43.37
N TYR P 107 49.66 8.19 -43.27
CA TYR P 107 50.52 8.57 -42.13
C TYR P 107 49.97 9.81 -41.42
N VAL P 108 50.63 10.21 -40.33
CA VAL P 108 50.22 11.38 -39.56
C VAL P 108 51.39 12.24 -39.08
N GLU P 109 51.50 13.46 -39.61
CA GLU P 109 52.58 14.37 -39.22
C GLU P 109 52.08 15.44 -38.25
N LEU P 110 53.02 16.10 -37.57
CA LEU P 110 52.70 17.15 -36.61
C LEU P 110 51.99 18.31 -37.32
N SER P 111 50.87 18.74 -36.76
CA SER P 111 50.07 19.83 -37.33
C SER P 111 50.82 21.16 -37.40
N ALA P 112 50.23 22.12 -38.12
CA ALA P 112 50.83 23.44 -38.27
C ALA P 112 50.58 24.32 -37.06
N ASP P 113 49.49 24.07 -36.36
CA ASP P 113 49.13 24.85 -35.19
C ASP P 113 49.77 24.34 -33.90
N CYS P 114 50.62 23.33 -34.03
CA CYS P 114 51.32 22.75 -32.89
C CYS P 114 52.55 23.55 -32.44
N ALA P 115 53.09 24.36 -33.35
CA ALA P 115 54.28 25.16 -33.05
C ALA P 115 54.12 26.08 -31.84
N SER P 116 52.94 26.66 -31.68
CA SER P 116 52.72 27.55 -30.55
C SER P 116 52.24 26.79 -29.31
N ASP P 117 50.94 26.50 -29.23
CA ASP P 117 50.41 25.77 -28.07
C ASP P 117 50.98 24.35 -28.02
N HIS P 118 51.45 23.95 -26.84
CA HIS P 118 52.02 22.61 -26.66
C HIS P 118 51.85 22.06 -25.23
N ALA P 119 52.54 20.96 -24.96
CA ALA P 119 52.50 20.29 -23.67
C ALA P 119 53.86 19.61 -23.45
N GLN P 120 54.53 19.96 -22.35
CA GLN P 120 55.84 19.39 -22.08
C GLN P 120 55.86 18.32 -20.99
N ALA P 121 56.13 17.08 -21.39
CA ALA P 121 56.18 15.95 -20.46
C ALA P 121 57.53 15.94 -19.73
N ILE P 122 57.48 15.85 -18.40
CA ILE P 122 58.69 15.83 -17.57
C ILE P 122 58.53 14.87 -16.39
N LYS P 123 59.65 14.45 -15.81
CA LYS P 123 59.64 13.55 -14.65
C LYS P 123 60.27 14.24 -13.44
N VAL P 124 59.44 14.93 -12.65
CA VAL P 124 59.93 15.64 -11.46
C VAL P 124 60.55 14.69 -10.43
N HIS P 125 61.73 15.08 -9.93
CA HIS P 125 62.46 14.28 -8.95
C HIS P 125 63.21 15.15 -7.94
N THR P 126 64.26 14.59 -7.35
CA THR P 126 65.12 15.24 -6.35
C THR P 126 65.08 16.77 -6.37
N ALA P 127 64.10 17.33 -5.65
CA ALA P 127 63.91 18.77 -5.57
C ALA P 127 65.01 19.52 -4.84
N ALA P 128 65.44 20.62 -5.45
CA ALA P 128 66.48 21.48 -4.88
C ALA P 128 65.79 22.64 -4.18
N MET P 129 66.53 23.36 -3.33
CA MET P 129 65.97 24.50 -2.60
C MET P 129 66.92 25.68 -2.56
N LYS P 130 66.35 26.88 -2.62
CA LYS P 130 67.12 28.13 -2.61
C LYS P 130 66.26 29.23 -1.99
N VAL P 131 66.66 29.73 -0.82
CA VAL P 131 65.91 30.78 -0.15
C VAL P 131 66.78 31.99 0.14
N GLY P 132 66.41 33.14 -0.43
CA GLY P 132 67.16 34.36 -0.21
C GLY P 132 66.88 34.94 1.16
N LEU P 133 67.73 34.57 2.13
CA LEU P 133 67.58 35.03 3.50
C LEU P 133 68.27 36.37 3.77
N ARG P 134 67.51 37.31 4.32
CA ARG P 134 68.06 38.62 4.65
C ARG P 134 69.03 38.43 5.81
N ILE P 135 70.11 39.21 5.81
CA ILE P 135 71.12 39.10 6.86
C ILE P 135 71.41 40.46 7.49
N VAL P 136 71.41 40.48 8.82
CA VAL P 136 71.70 41.68 9.61
C VAL P 136 72.50 41.23 10.83
N TYR P 137 73.61 41.92 11.11
CA TYR P 137 74.46 41.59 12.25
C TYR P 137 75.20 42.81 12.79
N GLY P 138 74.62 44.00 12.60
CA GLY P 138 75.24 45.22 13.08
C GLY P 138 74.87 46.45 12.25
N ASN P 139 75.89 47.06 11.64
CA ASN P 139 75.70 48.26 10.81
C ASN P 139 75.49 47.89 9.34
N THR P 140 75.76 46.63 9.02
CA THR P 140 75.62 46.14 7.64
C THR P 140 74.23 45.56 7.34
N THR P 141 73.80 45.70 6.09
CA THR P 141 72.52 45.18 5.65
C THR P 141 72.67 44.52 4.28
N SER P 142 73.11 43.26 4.26
CA SER P 142 73.28 42.56 3.00
C SER P 142 72.18 41.55 2.70
N PHE P 143 71.84 41.43 1.42
CA PHE P 143 70.81 40.50 0.98
C PHE P 143 71.48 39.54 0.00
N LEU P 144 71.44 38.24 0.31
CA LEU P 144 72.06 37.23 -0.55
C LEU P 144 71.13 36.08 -0.96
N ASP P 145 71.37 35.57 -2.16
CA ASP P 145 70.60 34.46 -2.71
C ASP P 145 71.37 33.19 -2.34
N VAL P 146 70.99 32.56 -1.23
CA VAL P 146 71.67 31.35 -0.76
C VAL P 146 70.91 30.06 -0.99
N TYR P 147 71.62 29.06 -1.51
CA TYR P 147 71.06 27.73 -1.78
C TYR P 147 70.82 27.05 -0.43
N VAL P 148 69.66 26.43 -0.26
CA VAL P 148 69.32 25.75 0.99
C VAL P 148 69.88 24.33 1.03
N ASN P 149 71.08 24.19 1.57
CA ASN P 149 71.75 22.90 1.70
C ASN P 149 72.97 23.04 2.61
N GLY P 150 73.33 21.94 3.27
CA GLY P 150 74.47 21.97 4.17
C GLY P 150 75.80 21.75 3.49
N VAL P 151 75.85 21.96 2.17
CA VAL P 151 77.06 21.79 1.39
C VAL P 151 77.61 23.13 0.89
N THR P 152 76.71 24.01 0.44
CA THR P 152 77.09 25.32 -0.07
C THR P 152 77.12 26.41 1.00
N PRO P 153 78.31 26.82 1.44
CA PRO P 153 78.53 27.86 2.46
C PRO P 153 78.31 29.28 1.92
N GLY P 154 78.56 30.28 2.76
CA GLY P 154 78.38 31.67 2.36
C GLY P 154 79.58 32.57 2.51
N THR P 155 79.34 33.88 2.51
CA THR P 155 80.39 34.88 2.64
C THR P 155 79.86 36.17 3.30
N SER P 156 78.78 36.71 2.70
CA SER P 156 78.12 37.92 3.17
C SER P 156 79.00 39.05 3.72
N LYS P 157 79.23 39.00 5.03
CA LYS P 157 80.04 40.00 5.74
C LYS P 157 81.18 39.30 6.51
N ASP P 158 82.09 38.69 5.76
CA ASP P 158 83.23 37.96 6.32
C ASP P 158 82.78 36.81 7.23
N LEU P 159 81.56 36.33 7.00
CA LEU P 159 80.99 35.24 7.78
C LEU P 159 80.63 34.03 6.92
N LYS P 160 80.77 32.84 7.48
CA LYS P 160 80.45 31.60 6.77
C LYS P 160 79.02 31.17 7.06
N VAL P 161 78.06 31.79 6.37
CA VAL P 161 76.64 31.50 6.55
C VAL P 161 76.21 30.23 5.80
N ILE P 162 75.74 29.23 6.54
CA ILE P 162 75.28 27.98 5.97
C ILE P 162 73.76 27.88 6.06
N ALA P 163 73.12 27.50 4.96
CA ALA P 163 71.67 27.36 4.93
C ALA P 163 71.21 26.13 5.70
N GLY P 164 71.77 24.98 5.37
CA GLY P 164 71.40 23.75 6.04
C GLY P 164 70.15 23.10 5.48
N PRO P 165 70.17 21.77 5.29
CA PRO P 165 69.02 21.03 4.76
C PRO P 165 67.82 20.99 5.71
N ILE P 166 66.65 21.32 5.18
CA ILE P 166 65.42 21.34 5.95
C ILE P 166 64.99 19.93 6.32
N SER P 167 64.32 19.76 7.45
CA SER P 167 63.88 18.45 7.90
C SER P 167 62.63 17.97 7.16
N ALA P 168 61.97 18.88 6.44
CA ALA P 168 60.78 18.56 5.68
C ALA P 168 61.14 18.31 4.22
N SER P 169 61.00 17.05 3.79
CA SER P 169 61.32 16.67 2.41
C SER P 169 60.06 16.50 1.57
N PHE P 170 59.06 17.34 1.84
CA PHE P 170 57.78 17.27 1.13
C PHE P 170 57.73 18.20 -0.07
N THR P 171 57.54 17.61 -1.24
CA THR P 171 57.46 18.35 -2.50
C THR P 171 56.01 18.33 -3.00
N PRO P 172 55.50 19.48 -3.49
CA PRO P 172 54.12 19.53 -3.99
C PRO P 172 53.96 18.83 -5.33
N PHE P 173 55.09 18.58 -6.00
CA PHE P 173 55.11 17.91 -7.29
C PHE P 173 55.48 16.43 -7.06
N ASP P 174 54.71 15.53 -7.66
CA ASP P 174 54.99 14.11 -7.49
C ASP P 174 56.02 13.60 -8.50
N HIS P 175 55.80 12.40 -9.05
CA HIS P 175 56.73 11.80 -10.01
C HIS P 175 56.76 12.36 -11.43
N LYS P 176 55.61 12.79 -11.93
CA LYS P 176 55.51 13.33 -13.29
C LYS P 176 54.69 14.61 -13.35
N VAL P 177 55.23 15.65 -14.00
CA VAL P 177 54.55 16.92 -14.13
C VAL P 177 54.63 17.49 -15.55
N VAL P 178 53.46 17.65 -16.18
CA VAL P 178 53.40 18.20 -17.54
C VAL P 178 52.89 19.64 -17.53
N ILE P 179 53.42 20.46 -18.45
CA ILE P 179 53.05 21.86 -18.56
C ILE P 179 51.91 22.09 -19.55
N HIS P 180 51.07 23.08 -19.26
CA HIS P 180 49.94 23.44 -20.11
C HIS P 180 49.70 24.94 -20.08
N ARG P 181 50.00 25.61 -21.19
CA ARG P 181 49.86 27.07 -21.29
C ARG P 181 50.75 27.77 -20.26
N GLY P 182 50.27 27.79 -19.03
CA GLY P 182 50.99 28.39 -17.91
C GLY P 182 50.46 27.84 -16.61
N LEU P 183 50.21 26.53 -16.60
CA LEU P 183 49.69 25.82 -15.43
C LEU P 183 50.54 24.59 -15.15
N VAL P 184 50.34 23.98 -13.97
CA VAL P 184 51.10 22.80 -13.58
C VAL P 184 50.20 21.73 -12.98
N TYR P 185 50.10 20.59 -13.66
CA TYR P 185 49.27 19.48 -13.19
C TYR P 185 50.08 18.24 -12.83
N ASN P 186 49.45 17.33 -12.10
CA ASN P 186 50.07 16.07 -11.72
C ASN P 186 49.48 15.03 -12.68
N TYR P 187 50.24 14.70 -13.72
CA TYR P 187 49.79 13.75 -14.73
C TYR P 187 50.43 12.37 -14.67
N ASP P 188 49.67 11.36 -15.10
CA ASP P 188 50.11 9.98 -15.12
C ASP P 188 50.36 9.52 -16.55
N PHE P 189 51.27 10.20 -17.25
CA PHE P 189 51.62 9.90 -18.64
C PHE P 189 52.24 8.52 -18.82
N PRO P 190 51.89 7.82 -19.92
CA PRO P 190 52.40 6.48 -20.26
C PRO P 190 53.89 6.38 -20.52
N GLU P 191 54.40 5.15 -20.47
CA GLU P 191 55.82 4.87 -20.68
C GLU P 191 56.26 5.07 -22.13
N TYR P 192 57.46 5.62 -22.27
CA TYR P 192 58.08 5.91 -23.57
C TYR P 192 58.26 4.65 -24.40
N GLY P 193 57.55 4.58 -25.51
CA GLY P 193 57.64 3.43 -26.38
C GLY P 193 56.58 2.39 -26.07
N ALA P 194 55.57 2.79 -25.32
CA ALA P 194 54.47 1.91 -24.93
C ALA P 194 53.17 2.70 -24.98
N MET P 195 53.08 3.58 -25.97
CA MET P 195 51.92 4.44 -26.17
C MET P 195 50.66 3.66 -26.51
N LYS P 196 49.51 4.26 -26.23
CA LYS P 196 48.22 3.63 -26.51
C LYS P 196 47.20 4.70 -26.89
N PRO P 197 46.20 4.32 -27.71
CA PRO P 197 45.15 5.27 -28.14
C PRO P 197 44.22 5.65 -26.98
N GLY P 198 44.65 5.32 -25.76
CA GLY P 198 43.86 5.66 -24.58
C GLY P 198 44.10 7.11 -24.18
N ALA P 199 44.65 7.89 -25.11
CA ALA P 199 44.95 9.30 -24.92
C ALA P 199 46.14 9.54 -23.99
N PHE P 200 46.39 10.81 -23.70
CA PHE P 200 47.47 11.22 -22.82
C PHE P 200 48.87 10.85 -23.31
N GLY P 201 49.02 10.86 -24.63
CA GLY P 201 50.31 10.53 -25.21
C GLY P 201 50.20 9.88 -26.57
N ASP P 202 49.68 10.61 -27.55
CA ASP P 202 49.50 10.12 -28.91
C ASP P 202 50.85 10.00 -29.65
N ILE P 203 51.16 10.99 -30.48
CA ILE P 203 52.41 11.00 -31.23
C ILE P 203 53.37 11.95 -30.53
N GLN P 204 54.01 11.44 -29.47
CA GLN P 204 54.94 12.22 -28.67
C GLN P 204 56.28 12.47 -29.37
N ALA P 205 56.90 13.60 -29.07
CA ALA P 205 58.18 13.97 -29.66
C ALA P 205 59.20 14.39 -28.62
N THR P 206 60.48 14.40 -28.99
CA THR P 206 61.56 14.79 -28.09
C THR P 206 61.49 16.25 -27.63
N SER P 207 61.37 17.17 -28.59
CA SER P 207 61.30 18.60 -28.24
C SER P 207 60.43 19.45 -29.16
N LEU P 208 60.67 20.75 -29.18
CA LEU P 208 59.91 21.68 -29.99
C LEU P 208 60.26 21.63 -31.48
N THR P 209 61.54 21.41 -31.78
CA THR P 209 62.01 21.32 -33.16
C THR P 209 62.67 19.95 -33.36
N SER P 210 61.86 18.90 -33.28
CA SER P 210 62.33 17.52 -33.43
C SER P 210 62.14 17.01 -34.88
N LYS P 211 62.51 15.75 -35.11
CA LYS P 211 62.36 15.11 -36.42
C LYS P 211 62.36 13.57 -36.35
N ASP P 212 61.84 13.02 -35.26
CA ASP P 212 61.75 11.57 -35.05
C ASP P 212 60.49 11.23 -34.23
N LEU P 213 59.48 10.65 -34.89
CA LEU P 213 58.22 10.33 -34.19
C LEU P 213 57.90 8.84 -33.98
N ILE P 214 57.00 8.58 -33.03
CA ILE P 214 56.56 7.22 -32.67
C ILE P 214 55.11 7.27 -32.14
N ALA P 215 54.27 6.34 -32.56
CA ALA P 215 52.86 6.32 -32.11
C ALA P 215 52.03 5.09 -32.48
N SER P 216 50.79 5.09 -32.00
CA SER P 216 49.79 4.05 -32.27
C SER P 216 48.41 4.59 -31.91
N THR P 217 47.82 5.32 -32.85
CA THR P 217 46.50 5.93 -32.67
C THR P 217 45.35 5.02 -33.12
N ASP P 218 45.54 3.72 -33.00
CA ASP P 218 44.52 2.72 -33.37
C ASP P 218 43.97 2.89 -34.80
N ILE P 219 44.85 3.19 -35.74
CA ILE P 219 44.48 3.36 -37.15
C ILE P 219 44.29 2.03 -37.86
N ARG P 220 43.21 1.91 -38.61
CA ARG P 220 42.90 0.68 -39.36
C ARG P 220 42.39 0.96 -40.78
N LEU P 221 42.99 0.31 -41.77
CA LEU P 221 42.57 0.51 -43.15
C LEU P 221 41.34 -0.32 -43.49
N LEU P 222 40.38 0.30 -44.18
CA LEU P 222 39.15 -0.38 -44.56
C LEU P 222 39.03 -0.51 -46.08
N LYS P 223 38.48 -1.63 -46.53
CA LYS P 223 38.30 -1.88 -47.95
C LYS P 223 37.19 -0.97 -48.49
N PRO P 224 37.52 -0.09 -49.44
CA PRO P 224 36.54 0.84 -50.03
C PRO P 224 35.49 0.14 -50.88
N SER P 225 34.40 0.84 -51.14
CA SER P 225 33.32 0.30 -51.95
C SER P 225 33.42 0.79 -53.40
N ALA P 226 33.03 -0.06 -54.34
CA ALA P 226 33.09 0.30 -55.76
C ALA P 226 32.03 1.31 -56.19
N LYS P 227 32.47 2.56 -56.36
CA LYS P 227 31.62 3.67 -56.78
C LYS P 227 32.49 4.81 -57.32
N ASN P 228 33.17 5.50 -56.41
CA ASN P 228 34.06 6.61 -56.76
C ASN P 228 35.39 6.42 -56.03
N VAL P 229 36.48 6.80 -56.69
CA VAL P 229 37.81 6.66 -56.10
C VAL P 229 37.93 7.40 -54.77
N HIS P 230 37.87 6.66 -53.68
CA HIS P 230 37.97 7.23 -52.34
C HIS P 230 38.91 6.42 -51.45
N VAL P 231 39.21 6.96 -50.27
CA VAL P 231 40.09 6.29 -49.32
C VAL P 231 39.50 6.46 -47.91
N PRO P 232 38.41 5.71 -47.60
CA PRO P 232 37.71 5.75 -46.30
C PRO P 232 38.36 4.95 -45.16
N TYR P 233 38.64 5.63 -44.05
CA TYR P 233 39.24 5.01 -42.88
C TYR P 233 38.49 5.36 -41.59
N THR P 234 38.66 4.52 -40.57
CA THR P 234 38.03 4.73 -39.28
C THR P 234 39.11 5.13 -38.27
N GLN P 235 39.30 6.43 -38.09
CA GLN P 235 40.32 6.95 -37.17
C GLN P 235 39.77 7.26 -35.78
N ALA P 236 40.64 7.14 -34.78
CA ALA P 236 40.27 7.44 -33.40
C ALA P 236 40.34 8.95 -33.20
N SER P 237 39.27 9.51 -32.61
CA SER P 237 39.21 10.94 -32.35
C SER P 237 40.35 11.31 -31.40
N SER P 238 41.13 12.34 -31.78
CA SER P 238 42.25 12.79 -30.96
C SER P 238 41.89 13.01 -29.50
N GLY P 239 42.75 12.53 -28.60
CA GLY P 239 42.50 12.67 -27.19
C GLY P 239 42.83 14.06 -26.64
N PHE P 240 43.56 14.83 -27.45
CA PHE P 240 43.95 16.18 -27.04
C PHE P 240 42.83 17.20 -27.11
N GLU P 241 41.72 16.86 -27.78
CA GLU P 241 40.57 17.74 -27.85
C GLU P 241 39.63 17.37 -26.70
N MET P 242 39.80 16.17 -26.17
CA MET P 242 38.99 15.68 -25.06
C MET P 242 39.62 15.91 -23.69
N TRP P 243 40.93 16.20 -23.65
CA TRP P 243 41.64 16.42 -22.40
C TRP P 243 41.39 17.77 -21.76
N LYS P 244 40.57 18.58 -22.44
CA LYS P 244 40.20 19.90 -21.95
C LYS P 244 38.99 19.78 -21.04
N ASN P 245 38.58 18.55 -20.77
CA ASN P 245 37.43 18.28 -19.90
C ASN P 245 37.85 17.52 -18.64
N ASN P 246 38.66 16.48 -18.83
CA ASN P 246 39.13 15.65 -17.72
C ASN P 246 40.42 16.15 -17.08
N SER P 247 40.73 17.42 -17.30
CA SER P 247 41.93 18.05 -16.75
C SER P 247 41.96 17.93 -15.22
N GLY P 248 40.89 18.38 -14.59
CA GLY P 248 40.77 18.33 -13.15
C GLY P 248 41.81 19.08 -12.36
N ARG P 249 42.34 18.41 -11.34
CA ARG P 249 43.35 18.91 -10.40
C ARG P 249 44.38 19.85 -11.05
N PRO P 250 44.21 21.18 -10.87
CA PRO P 250 45.10 22.19 -11.44
C PRO P 250 46.32 22.51 -10.58
N LEU P 251 46.29 22.04 -9.33
CA LEU P 251 47.37 22.26 -8.36
C LEU P 251 47.57 23.71 -7.92
N GLN P 252 47.52 24.64 -8.87
CA GLN P 252 47.71 26.06 -8.57
C GLN P 252 46.66 26.59 -7.61
N GLU P 253 45.44 26.06 -7.70
CA GLU P 253 44.35 26.48 -6.83
C GLU P 253 44.35 25.65 -5.52
N THR P 254 44.88 24.43 -5.57
CA THR P 254 44.96 23.57 -4.40
C THR P 254 46.38 23.69 -3.80
N ALA P 255 46.84 24.92 -3.64
CA ALA P 255 48.16 25.19 -3.09
C ALA P 255 48.22 24.88 -1.60
N PRO P 256 49.09 23.93 -1.20
CA PRO P 256 49.26 23.53 0.19
C PRO P 256 50.02 24.55 1.04
N PHE P 257 49.34 25.09 2.05
CA PHE P 257 49.91 26.08 2.96
C PHE P 257 50.21 27.42 2.30
N GLY P 258 49.27 27.88 1.46
CA GLY P 258 49.44 29.14 0.77
C GLY P 258 50.58 29.19 -0.25
N CYS P 259 51.12 28.00 -0.55
CA CYS P 259 52.21 27.82 -1.49
C CYS P 259 51.84 28.32 -2.89
N LYS P 260 52.84 28.37 -3.79
CA LYS P 260 52.63 28.83 -5.15
C LYS P 260 53.27 27.91 -6.19
N ILE P 261 53.18 28.32 -7.45
CA ILE P 261 53.73 27.56 -8.57
C ILE P 261 54.11 28.49 -9.72
N ALA P 262 55.25 28.22 -10.35
CA ALA P 262 55.72 29.05 -11.46
C ALA P 262 55.47 28.36 -12.81
N VAL P 263 55.53 29.14 -13.89
CA VAL P 263 55.30 28.60 -15.22
C VAL P 263 56.59 28.08 -15.87
N ASN P 264 57.48 28.99 -16.23
CA ASN P 264 58.74 28.65 -16.90
C ASN P 264 59.69 27.75 -16.12
N PRO P 265 59.95 28.05 -14.83
CA PRO P 265 60.87 27.20 -14.06
C PRO P 265 60.19 26.11 -13.22
N LEU P 266 58.86 26.10 -13.21
CA LEU P 266 58.10 25.11 -12.44
C LEU P 266 58.55 25.09 -10.98
N ARG P 267 58.57 26.28 -10.38
CA ARG P 267 59.02 26.45 -9.00
C ARG P 267 57.90 26.74 -8.00
N ALA P 268 58.13 26.39 -6.75
CA ALA P 268 57.17 26.61 -5.66
C ALA P 268 57.63 27.79 -4.80
N VAL P 269 56.91 28.90 -4.88
CA VAL P 269 57.24 30.10 -4.13
C VAL P 269 56.30 30.37 -2.95
N ASP P 270 56.82 31.04 -1.92
CA ASP P 270 56.06 31.40 -0.72
C ASP P 270 55.42 30.17 -0.06
N CYS P 271 56.10 29.04 -0.14
CA CYS P 271 55.62 27.77 0.39
C CYS P 271 56.25 27.42 1.74
N SER P 272 55.45 27.48 2.81
CA SER P 272 55.94 27.15 4.15
C SER P 272 56.14 25.65 4.32
N TYR P 273 57.23 25.26 4.97
CA TYR P 273 57.54 23.86 5.19
C TYR P 273 57.99 23.49 6.61
N GLY P 274 59.30 23.43 6.83
CA GLY P 274 59.82 23.07 8.13
C GLY P 274 60.73 24.08 8.79
N ASN P 275 61.96 23.66 9.09
CA ASN P 275 62.95 24.51 9.72
C ASN P 275 64.30 24.48 9.00
N ILE P 276 64.96 25.63 8.96
CA ILE P 276 66.27 25.79 8.31
C ILE P 276 67.38 26.02 9.34
N PRO P 277 68.16 24.97 9.65
CA PRO P 277 69.27 25.03 10.62
C PRO P 277 70.49 25.81 10.10
N ILE P 278 70.61 27.05 10.53
CA ILE P 278 71.72 27.92 10.12
C ILE P 278 72.87 27.92 11.11
N SER P 279 74.08 27.77 10.59
CA SER P 279 75.30 27.76 11.39
C SER P 279 76.33 28.71 10.78
N ILE P 280 76.87 29.60 11.60
CA ILE P 280 77.86 30.58 11.13
C ILE P 280 79.11 30.69 12.02
N ASP P 281 80.28 30.65 11.38
CA ASP P 281 81.56 30.77 12.07
C ASP P 281 81.87 32.26 12.29
N ILE P 282 81.22 32.88 13.27
CA ILE P 282 81.44 34.31 13.54
C ILE P 282 82.78 34.55 14.25
N PRO P 283 83.71 35.28 13.59
CA PRO P 283 85.03 35.62 14.12
C PRO P 283 85.02 36.63 15.27
N ASN P 284 86.21 36.87 15.83
CA ASN P 284 86.40 37.80 16.94
C ASN P 284 86.08 39.25 16.55
N ALA P 285 86.33 39.59 15.29
CA ALA P 285 86.11 40.94 14.80
C ALA P 285 84.64 41.37 14.76
N ALA P 286 83.74 40.39 14.61
CA ALA P 286 82.30 40.67 14.56
C ALA P 286 81.70 40.89 15.95
N PHE P 287 82.33 40.30 16.97
CA PHE P 287 81.84 40.46 18.33
C PHE P 287 82.30 41.79 18.92
N ILE P 288 81.80 42.86 18.30
CA ILE P 288 82.12 44.22 18.72
C ILE P 288 81.57 44.52 20.12
N ARG P 289 82.21 45.46 20.79
CA ARG P 289 81.84 45.89 22.15
C ARG P 289 82.26 44.89 23.23
N THR P 290 83.57 44.81 23.46
CA THR P 290 84.16 43.92 24.47
C THR P 290 83.79 44.41 25.87
N SER P 291 84.11 43.62 26.89
CA SER P 291 83.81 43.99 28.27
C SER P 291 84.66 45.14 28.81
N ASP P 292 85.66 45.55 28.02
CA ASP P 292 86.56 46.64 28.39
C ASP P 292 86.05 48.03 27.99
N ALA P 293 85.08 48.09 27.07
CA ALA P 293 84.55 49.38 26.64
C ALA P 293 83.19 49.78 27.24
N PRO P 294 82.10 49.07 26.89
CA PRO P 294 80.81 49.47 27.46
C PRO P 294 80.65 49.11 28.94
N LEU P 295 80.08 50.03 29.70
CA LEU P 295 79.86 49.83 31.13
C LEU P 295 78.58 50.48 31.62
N VAL P 296 77.44 50.01 31.11
CA VAL P 296 76.12 50.52 31.47
C VAL P 296 75.81 50.26 32.96
N SER P 297 75.16 51.23 33.60
CA SER P 297 74.80 51.11 35.02
C SER P 297 73.40 50.56 35.27
N THR P 298 72.69 51.14 36.25
CA THR P 298 71.35 50.73 36.61
C THR P 298 70.32 50.90 35.48
N VAL P 299 69.58 49.82 35.22
CA VAL P 299 68.56 49.80 34.17
C VAL P 299 67.19 50.18 34.73
N LYS P 300 66.48 51.05 34.00
CA LYS P 300 65.14 51.49 34.38
C LYS P 300 64.16 51.22 33.23
N CYS P 301 62.89 50.97 33.55
CA CYS P 301 61.90 50.69 32.51
C CYS P 301 60.45 50.99 32.89
N GLU P 302 59.75 51.72 32.03
CA GLU P 302 58.35 52.08 32.22
C GLU P 302 57.62 52.11 30.86
N VAL P 303 56.35 51.72 30.88
CA VAL P 303 55.54 51.66 29.65
C VAL P 303 54.51 52.80 29.57
N SER P 304 54.18 53.22 28.34
CA SER P 304 53.20 54.28 28.12
C SER P 304 52.28 54.02 26.92
N GLU P 305 52.69 54.42 25.73
CA GLU P 305 51.89 54.21 24.52
C GLU P 305 51.89 52.77 24.03
N CYS P 306 50.73 52.10 24.13
CA CYS P 306 50.60 50.72 23.70
C CYS P 306 49.19 50.39 23.19
N THR P 307 49.13 49.85 21.98
CA THR P 307 47.87 49.48 21.35
C THR P 307 47.93 48.01 20.90
N TYR P 308 46.76 47.41 20.67
CA TYR P 308 46.65 46.02 20.25
C TYR P 308 47.63 45.64 19.14
N SER P 309 48.18 44.44 19.23
CA SER P 309 49.12 43.91 18.25
C SER P 309 48.52 43.84 16.85
N MET P 315 58.31 54.13 23.00
CA MET P 315 59.51 54.07 23.84
C MET P 315 59.21 53.41 25.19
N ALA P 316 60.02 52.42 25.57
CA ALA P 316 59.80 51.75 26.86
C ALA P 316 60.66 52.39 27.95
N THR P 317 61.01 53.65 27.75
CA THR P 317 61.83 54.42 28.69
C THR P 317 63.04 53.63 29.20
N LEU P 318 64.02 53.46 28.32
CA LEU P 318 65.25 52.73 28.66
C LEU P 318 66.40 53.70 28.86
N GLN P 319 66.19 54.72 29.69
CA GLN P 319 67.22 55.72 29.97
C GLN P 319 68.43 55.09 30.66
N TYR P 320 69.58 55.22 30.02
CA TYR P 320 70.83 54.67 30.53
C TYR P 320 71.85 55.78 30.78
N VAL P 321 72.99 55.40 31.32
CA VAL P 321 74.08 56.33 31.59
C VAL P 321 75.41 55.60 31.33
N SER P 322 76.06 55.96 30.24
CA SER P 322 77.34 55.34 29.89
C SER P 322 78.34 56.34 29.31
N ASP P 323 79.54 55.86 29.05
CA ASP P 323 80.59 56.70 28.49
C ASP P 323 80.72 56.52 26.98
N ARG P 324 80.49 57.61 26.25
CA ARG P 324 80.58 57.63 24.79
C ARG P 324 79.58 56.75 24.03
N GLU P 325 78.76 57.38 23.20
CA GLU P 325 77.76 56.68 22.41
C GLU P 325 78.42 55.77 21.35
N GLY P 326 77.76 54.66 21.04
CA GLY P 326 78.29 53.74 20.05
C GLY P 326 77.72 52.34 20.19
N GLN P 327 76.96 51.91 19.17
CA GLN P 327 76.35 50.58 19.15
C GLN P 327 75.36 50.33 20.30
N CYS P 328 75.64 49.32 21.11
CA CYS P 328 74.81 48.93 22.27
C CYS P 328 73.63 48.03 21.93
N PRO P 329 73.84 46.70 22.00
CA PRO P 329 72.83 45.67 21.71
C PRO P 329 71.83 45.48 22.85
N VAL P 330 70.55 45.51 22.50
CA VAL P 330 69.47 45.33 23.48
C VAL P 330 68.50 44.28 22.95
N HIS P 331 68.15 43.30 23.76
CA HIS P 331 67.21 42.24 23.34
C HIS P 331 66.31 41.67 24.43
N SER P 332 65.18 41.15 23.98
CA SER P 332 64.19 40.53 24.88
C SER P 332 64.74 39.22 25.46
N HIS P 333 64.15 38.79 26.58
CA HIS P 333 64.59 37.56 27.23
C HIS P 333 63.47 36.59 27.59
N SER P 334 62.22 36.99 27.39
CA SER P 334 61.07 36.15 27.68
C SER P 334 60.52 35.42 26.46
N SER P 335 59.33 34.83 26.61
CA SER P 335 58.69 34.12 25.52
C SER P 335 57.70 34.95 24.69
N THR P 336 57.39 36.17 25.15
CA THR P 336 56.46 37.06 24.44
C THR P 336 56.99 38.50 24.37
N ALA P 337 56.45 39.29 23.45
CA ALA P 337 56.84 40.69 23.24
C ALA P 337 58.20 40.84 22.57
N THR P 338 58.18 40.99 21.25
CA THR P 338 59.40 41.16 20.48
C THR P 338 59.55 42.64 20.09
N LEU P 339 60.77 43.15 20.18
CA LEU P 339 61.05 44.55 19.83
C LEU P 339 61.00 44.75 18.31
N GLN P 340 61.13 46.01 17.87
CA GLN P 340 61.13 46.32 16.44
C GLN P 340 62.53 46.62 15.91
N GLU P 341 63.29 47.40 16.67
CA GLU P 341 64.66 47.75 16.28
C GLU P 341 65.67 47.12 17.26
N SER P 342 66.96 47.24 16.95
CA SER P 342 68.01 46.66 17.78
C SER P 342 69.05 47.63 18.34
N THR P 343 70.01 48.03 17.51
CA THR P 343 71.08 48.94 17.93
C THR P 343 70.69 50.42 17.92
N VAL P 344 70.40 50.94 19.11
CA VAL P 344 70.04 52.35 19.30
C VAL P 344 70.73 52.88 20.54
N HIS P 345 71.63 53.84 20.34
CA HIS P 345 72.38 54.43 21.45
C HIS P 345 71.44 55.02 22.49
N VAL P 352 72.60 57.19 24.92
CA VAL P 352 72.15 57.43 26.28
C VAL P 352 70.62 57.30 26.35
N THR P 353 69.90 58.28 25.82
CA THR P 353 68.44 58.24 25.82
C THR P 353 67.97 57.33 24.69
N VAL P 354 67.90 56.04 25.00
CA VAL P 354 67.46 55.02 24.04
C VAL P 354 65.97 55.14 23.72
N HIS P 355 65.62 54.93 22.46
CA HIS P 355 64.22 54.99 22.04
C HIS P 355 63.82 53.78 21.20
N PHE P 356 62.98 52.93 21.77
CA PHE P 356 62.48 51.73 21.10
C PHE P 356 60.96 51.76 21.04
N SER P 357 60.36 50.58 21.07
CA SER P 357 58.90 50.40 21.03
C SER P 357 58.58 48.91 21.00
N THR P 358 57.43 48.54 21.56
CA THR P 358 57.03 47.13 21.61
C THR P 358 55.55 46.94 21.22
N ALA P 359 55.08 45.70 21.27
CA ALA P 359 53.71 45.34 20.95
C ALA P 359 53.31 44.08 21.72
N SER P 360 53.03 44.25 23.01
CA SER P 360 52.65 43.14 23.87
C SER P 360 51.22 43.29 24.41
N PRO P 361 50.71 42.26 25.13
CA PRO P 361 49.36 42.33 25.69
C PRO P 361 49.23 43.23 26.93
N GLN P 362 49.51 42.67 28.12
CA GLN P 362 49.40 43.42 29.37
C GLN P 362 50.41 43.00 30.44
N ALA P 363 51.07 41.86 30.23
CA ALA P 363 52.05 41.35 31.20
C ALA P 363 53.33 42.19 31.22
N ASN P 364 54.00 42.19 32.37
CA ASN P 364 55.26 42.94 32.53
C ASN P 364 56.44 42.06 32.12
N PHE P 365 57.35 42.62 31.32
CA PHE P 365 58.52 41.87 30.85
C PHE P 365 59.84 42.44 31.36
N ILE P 366 60.95 41.84 30.95
CA ILE P 366 62.27 42.28 31.34
C ILE P 366 62.94 43.07 30.22
CA VAL P 367 64.82 43.85 27.89
CA SER P 368 68.53 44.63 27.94
CA LEU P 369 69.71 48.02 26.67
CA CYS P 370 73.11 46.33 26.29
CA GLY P 371 74.80 44.09 28.80
CA LYS P 372 72.51 45.45 31.52
CA LYS P 373 68.85 44.46 31.88
CA THR P 374 65.44 45.60 33.16
CA THR P 375 61.79 44.46 33.26
CA CYS P 376 60.09 47.66 31.99
CA ASN P 377 56.39 48.50 32.49
CA ALA P 378 53.08 47.49 30.82
CA GLU P 379 50.57 50.18 29.75
CA CYS P 380 48.26 47.66 28.02
#